data_2NUH
# 
_entry.id   2NUH 
# 
_audit_conform.dict_name       mmcif_pdbx.dic 
_audit_conform.dict_version    5.380 
_audit_conform.dict_location   http://mmcif.pdb.org/dictionaries/ascii/mmcif_pdbx.dic 
# 
loop_
_database_2.database_id 
_database_2.database_code 
_database_2.pdbx_database_accession 
_database_2.pdbx_DOI 
PDB   2NUH         pdb_00002nuh 10.2210/pdb2nuh/pdb 
RCSB  RCSB040316   ?            ?                   
WWPDB D_1000040316 ?            ?                   
# 
_pdbx_database_status.entry_id                        2NUH 
_pdbx_database_status.deposit_site                    RCSB 
_pdbx_database_status.process_site                    PDBJ 
_pdbx_database_status.recvd_initial_deposition_date   2006-11-09 
_pdbx_database_status.status_code                     REL 
_pdbx_database_status.status_code_sf                  REL 
_pdbx_database_status.status_code_mr                  ? 
_pdbx_database_status.SG_entry                        ? 
_pdbx_database_status.pdb_format_compatible           Y 
_pdbx_database_status.status_code_cs                  ? 
_pdbx_database_status.status_code_nmr_data            ? 
_pdbx_database_status.methods_development_category    ? 
# 
loop_
_audit_author.name 
_audit_author.pdbx_ordinal 
'Medrano, F.J.'   1 
'Benedetti, C.E.' 2 
# 
_citation.id                        primary 
_citation.title                     'Crystal structure of CutA from the phytopathgen bacterium Xylella fastidiosa' 
_citation.journal_abbrev            'To be published' 
_citation.journal_volume            ? 
_citation.page_first                ? 
_citation.page_last                 ? 
_citation.year                      ? 
_citation.journal_id_ASTM           ? 
_citation.country                   ? 
_citation.journal_id_ISSN           ? 
_citation.journal_id_CSD            0353 
_citation.book_publisher            ? 
_citation.pdbx_database_id_PubMed   ? 
_citation.pdbx_database_id_DOI      ? 
# 
loop_
_citation_author.citation_id 
_citation_author.name 
_citation_author.ordinal 
_citation_author.identifier_ORCID 
primary 'Medrano, F.J.'   1 ? 
primary 'Benedetti, C.E.' 2 ? 
# 
_cell.length_a           70.590 
_cell.length_b           70.590 
_cell.length_c           35.502 
_cell.angle_alpha        90.000 
_cell.angle_beta         90.000 
_cell.angle_gamma        120.000 
_cell.entry_id           2NUH 
_cell.pdbx_unique_axis   ? 
_cell.Z_PDB              6 
_cell.length_a_esd       ? 
_cell.length_b_esd       ? 
_cell.length_c_esd       ? 
_cell.angle_alpha_esd    ? 
_cell.angle_beta_esd     ? 
_cell.angle_gamma_esd    ? 
# 
_symmetry.space_group_name_H-M             'P 63' 
_symmetry.entry_id                         2NUH 
_symmetry.pdbx_full_space_group_name_H-M   ? 
_symmetry.Int_Tables_number                173 
_symmetry.cell_setting                     ? 
_symmetry.space_group_name_Hall            ? 
# 
loop_
_entity.id 
_entity.type 
_entity.src_method 
_entity.pdbx_description 
_entity.formula_weight 
_entity.pdbx_number_of_molecules 
_entity.pdbx_ec 
_entity.pdbx_mutation 
_entity.pdbx_fragment 
_entity.details 
1 polymer     man 'Periplasmic divalent cation tolerance protein' 13308.204 1   ? ? ? ? 
2 non-polymer syn IMIDAZOLE                                       69.085    2   ? ? ? ? 
3 water       nat water                                           18.015    103 ? ? ? ? 
# 
_entity_poly.entity_id                      1 
_entity_poly.type                           'polypeptide(L)' 
_entity_poly.nstd_linkage                   no 
_entity_poly.nstd_monomer                   no 
_entity_poly.pdbx_seq_one_letter_code       
;MASDVYLIFSTCPDLPSAEIISRVLVQERLAACVTQLPGAVSTYRWQGKIETTQEIQLLIKTNAVHVNAAITRLCALHPY
RLPEAIAVQVSVGLPEYLTWINTEIDEEYSLPHHHHHH
;
_entity_poly.pdbx_seq_one_letter_code_can   
;MASDVYLIFSTCPDLPSAEIISRVLVQERLAACVTQLPGAVSTYRWQGKIETTQEIQLLIKTNAVHVNAAITRLCALHPY
RLPEAIAVQVSVGLPEYLTWINTEIDEEYSLPHHHHHH
;
_entity_poly.pdbx_strand_id                 A 
_entity_poly.pdbx_target_identifier         ? 
# 
loop_
_entity_poly_seq.entity_id 
_entity_poly_seq.num 
_entity_poly_seq.mon_id 
_entity_poly_seq.hetero 
1 1   MET n 
1 2   ALA n 
1 3   SER n 
1 4   ASP n 
1 5   VAL n 
1 6   TYR n 
1 7   LEU n 
1 8   ILE n 
1 9   PHE n 
1 10  SER n 
1 11  THR n 
1 12  CYS n 
1 13  PRO n 
1 14  ASP n 
1 15  LEU n 
1 16  PRO n 
1 17  SER n 
1 18  ALA n 
1 19  GLU n 
1 20  ILE n 
1 21  ILE n 
1 22  SER n 
1 23  ARG n 
1 24  VAL n 
1 25  LEU n 
1 26  VAL n 
1 27  GLN n 
1 28  GLU n 
1 29  ARG n 
1 30  LEU n 
1 31  ALA n 
1 32  ALA n 
1 33  CYS n 
1 34  VAL n 
1 35  THR n 
1 36  GLN n 
1 37  LEU n 
1 38  PRO n 
1 39  GLY n 
1 40  ALA n 
1 41  VAL n 
1 42  SER n 
1 43  THR n 
1 44  TYR n 
1 45  ARG n 
1 46  TRP n 
1 47  GLN n 
1 48  GLY n 
1 49  LYS n 
1 50  ILE n 
1 51  GLU n 
1 52  THR n 
1 53  THR n 
1 54  GLN n 
1 55  GLU n 
1 56  ILE n 
1 57  GLN n 
1 58  LEU n 
1 59  LEU n 
1 60  ILE n 
1 61  LYS n 
1 62  THR n 
1 63  ASN n 
1 64  ALA n 
1 65  VAL n 
1 66  HIS n 
1 67  VAL n 
1 68  ASN n 
1 69  ALA n 
1 70  ALA n 
1 71  ILE n 
1 72  THR n 
1 73  ARG n 
1 74  LEU n 
1 75  CYS n 
1 76  ALA n 
1 77  LEU n 
1 78  HIS n 
1 79  PRO n 
1 80  TYR n 
1 81  ARG n 
1 82  LEU n 
1 83  PRO n 
1 84  GLU n 
1 85  ALA n 
1 86  ILE n 
1 87  ALA n 
1 88  VAL n 
1 89  GLN n 
1 90  VAL n 
1 91  SER n 
1 92  VAL n 
1 93  GLY n 
1 94  LEU n 
1 95  PRO n 
1 96  GLU n 
1 97  TYR n 
1 98  LEU n 
1 99  THR n 
1 100 TRP n 
1 101 ILE n 
1 102 ASN n 
1 103 THR n 
1 104 GLU n 
1 105 ILE n 
1 106 ASP n 
1 107 GLU n 
1 108 GLU n 
1 109 TYR n 
1 110 SER n 
1 111 LEU n 
1 112 PRO n 
1 113 HIS n 
1 114 HIS n 
1 115 HIS n 
1 116 HIS n 
1 117 HIS n 
1 118 HIS n 
# 
_entity_src_gen.entity_id                          1 
_entity_src_gen.pdbx_src_id                        1 
_entity_src_gen.pdbx_alt_source_flag               sample 
_entity_src_gen.pdbx_seq_type                      ? 
_entity_src_gen.pdbx_beg_seq_num                   ? 
_entity_src_gen.pdbx_end_seq_num                   ? 
_entity_src_gen.gene_src_common_name               ? 
_entity_src_gen.gene_src_genus                     Xylella 
_entity_src_gen.pdbx_gene_src_gene                 cutA 
_entity_src_gen.gene_src_species                   'Xylella fastidiosa' 
_entity_src_gen.gene_src_strain                    9a5c 
_entity_src_gen.gene_src_tissue                    ? 
_entity_src_gen.gene_src_tissue_fraction           ? 
_entity_src_gen.gene_src_details                   ? 
_entity_src_gen.pdbx_gene_src_fragment             ? 
_entity_src_gen.pdbx_gene_src_scientific_name      'Xylella fastidiosa' 
_entity_src_gen.pdbx_gene_src_ncbi_taxonomy_id     160492 
_entity_src_gen.pdbx_gene_src_variant              ? 
_entity_src_gen.pdbx_gene_src_cell_line            ? 
_entity_src_gen.pdbx_gene_src_atcc                 ? 
_entity_src_gen.pdbx_gene_src_organ                ? 
_entity_src_gen.pdbx_gene_src_organelle            ? 
_entity_src_gen.pdbx_gene_src_cell                 ? 
_entity_src_gen.pdbx_gene_src_cellular_location    ? 
_entity_src_gen.host_org_common_name               ? 
_entity_src_gen.pdbx_host_org_scientific_name      'Escherichia coli BL21(DE3)' 
_entity_src_gen.pdbx_host_org_ncbi_taxonomy_id     469008 
_entity_src_gen.host_org_genus                     Escherichia 
_entity_src_gen.pdbx_host_org_gene                 ? 
_entity_src_gen.pdbx_host_org_organ                ? 
_entity_src_gen.host_org_species                   'Escherichia coli' 
_entity_src_gen.pdbx_host_org_tissue               ? 
_entity_src_gen.pdbx_host_org_tissue_fraction      ? 
_entity_src_gen.pdbx_host_org_strain               'BL21 (DE3)' 
_entity_src_gen.pdbx_host_org_variant              ? 
_entity_src_gen.pdbx_host_org_cell_line            ? 
_entity_src_gen.pdbx_host_org_atcc                 ? 
_entity_src_gen.pdbx_host_org_culture_collection   ? 
_entity_src_gen.pdbx_host_org_cell                 ? 
_entity_src_gen.pdbx_host_org_organelle            ? 
_entity_src_gen.pdbx_host_org_cellular_location    ? 
_entity_src_gen.pdbx_host_org_vector_type          plasmid 
_entity_src_gen.pdbx_host_org_vector               ? 
_entity_src_gen.host_org_details                   ? 
_entity_src_gen.expression_system_id               ? 
_entity_src_gen.plasmid_name                       pET29a 
_entity_src_gen.plasmid_details                    ? 
_entity_src_gen.pdbx_description                   ? 
# 
_struct_ref.id                         1 
_struct_ref.db_name                    UNP 
_struct_ref.db_code                    Q9PFN8_XYLFA 
_struct_ref.pdbx_db_accession          Q9PFN8 
_struct_ref.entity_id                  1 
_struct_ref.pdbx_seq_one_letter_code   
;MASDVYLIFSTCPDLPSAEIISRVLVQERLAACVTQLPGAVSTYRWQGKIETTQEIQLLIKTNAVHVNAAITRLCALHPY
RLPEAIAVQVSVGLPEYLTWINTEIDEEYSLP
;
_struct_ref.pdbx_align_begin           1 
_struct_ref.pdbx_db_isoform            ? 
# 
_struct_ref_seq.align_id                      1 
_struct_ref_seq.ref_id                        1 
_struct_ref_seq.pdbx_PDB_id_code              2NUH 
_struct_ref_seq.pdbx_strand_id                A 
_struct_ref_seq.seq_align_beg                 1 
_struct_ref_seq.pdbx_seq_align_beg_ins_code   ? 
_struct_ref_seq.seq_align_end                 112 
_struct_ref_seq.pdbx_seq_align_end_ins_code   ? 
_struct_ref_seq.pdbx_db_accession             Q9PFN8 
_struct_ref_seq.db_align_beg                  1 
_struct_ref_seq.pdbx_db_align_beg_ins_code    ? 
_struct_ref_seq.db_align_end                  112 
_struct_ref_seq.pdbx_db_align_end_ins_code    ? 
_struct_ref_seq.pdbx_auth_seq_align_beg       1 
_struct_ref_seq.pdbx_auth_seq_align_end       112 
# 
loop_
_struct_ref_seq_dif.align_id 
_struct_ref_seq_dif.pdbx_pdb_id_code 
_struct_ref_seq_dif.mon_id 
_struct_ref_seq_dif.pdbx_pdb_strand_id 
_struct_ref_seq_dif.seq_num 
_struct_ref_seq_dif.pdbx_pdb_ins_code 
_struct_ref_seq_dif.pdbx_seq_db_name 
_struct_ref_seq_dif.pdbx_seq_db_accession_code 
_struct_ref_seq_dif.db_mon_id 
_struct_ref_seq_dif.pdbx_seq_db_seq_num 
_struct_ref_seq_dif.details 
_struct_ref_seq_dif.pdbx_auth_seq_num 
_struct_ref_seq_dif.pdbx_ordinal 
1 2NUH HIS A 113 ? UNP Q9PFN8 ? ? 'expression tag' 113 1 
1 2NUH HIS A 114 ? UNP Q9PFN8 ? ? 'expression tag' 114 2 
1 2NUH HIS A 115 ? UNP Q9PFN8 ? ? 'expression tag' 115 3 
1 2NUH HIS A 116 ? UNP Q9PFN8 ? ? 'expression tag' 116 4 
1 2NUH HIS A 117 ? UNP Q9PFN8 ? ? 'expression tag' 117 5 
1 2NUH HIS A 118 ? UNP Q9PFN8 ? ? 'expression tag' 118 6 
# 
loop_
_chem_comp.id 
_chem_comp.type 
_chem_comp.mon_nstd_flag 
_chem_comp.name 
_chem_comp.pdbx_synonyms 
_chem_comp.formula 
_chem_comp.formula_weight 
ALA 'L-peptide linking' y ALANINE         ? 'C3 H7 N O2'     89.093  
ARG 'L-peptide linking' y ARGININE        ? 'C6 H15 N4 O2 1' 175.209 
ASN 'L-peptide linking' y ASPARAGINE      ? 'C4 H8 N2 O3'    132.118 
ASP 'L-peptide linking' y 'ASPARTIC ACID' ? 'C4 H7 N O4'     133.103 
CYS 'L-peptide linking' y CYSTEINE        ? 'C3 H7 N O2 S'   121.158 
GLN 'L-peptide linking' y GLUTAMINE       ? 'C5 H10 N2 O3'   146.144 
GLU 'L-peptide linking' y 'GLUTAMIC ACID' ? 'C5 H9 N O4'     147.129 
GLY 'peptide linking'   y GLYCINE         ? 'C2 H5 N O2'     75.067  
HIS 'L-peptide linking' y HISTIDINE       ? 'C6 H10 N3 O2 1' 156.162 
HOH non-polymer         . WATER           ? 'H2 O'           18.015  
ILE 'L-peptide linking' y ISOLEUCINE      ? 'C6 H13 N O2'    131.173 
IMD non-polymer         . IMIDAZOLE       ? 'C3 H5 N2 1'     69.085  
LEU 'L-peptide linking' y LEUCINE         ? 'C6 H13 N O2'    131.173 
LYS 'L-peptide linking' y LYSINE          ? 'C6 H15 N2 O2 1' 147.195 
MET 'L-peptide linking' y METHIONINE      ? 'C5 H11 N O2 S'  149.211 
PHE 'L-peptide linking' y PHENYLALANINE   ? 'C9 H11 N O2'    165.189 
PRO 'L-peptide linking' y PROLINE         ? 'C5 H9 N O2'     115.130 
SER 'L-peptide linking' y SERINE          ? 'C3 H7 N O3'     105.093 
THR 'L-peptide linking' y THREONINE       ? 'C4 H9 N O3'     119.119 
TRP 'L-peptide linking' y TRYPTOPHAN      ? 'C11 H12 N2 O2'  204.225 
TYR 'L-peptide linking' y TYROSINE        ? 'C9 H11 N O3'    181.189 
VAL 'L-peptide linking' y VALINE          ? 'C5 H11 N O2'    117.146 
# 
_exptl.crystals_number   1 
_exptl.entry_id          2NUH 
_exptl.method            'X-RAY DIFFRACTION' 
# 
_exptl_crystal.id                    1 
_exptl_crystal.density_Matthews      1.92 
_exptl_crystal.density_meas          ? 
_exptl_crystal.density_percent_sol   35.86 
_exptl_crystal.description           ? 
_exptl_crystal.F_000                 ? 
_exptl_crystal.preparation           ? 
# 
_exptl_crystal_grow.crystal_id      1 
_exptl_crystal_grow.method          'VAPOR DIFFUSION, HANGING DROP' 
_exptl_crystal_grow.pH              6.5 
_exptl_crystal_grow.temp            295 
_exptl_crystal_grow.temp_details    ? 
_exptl_crystal_grow.pdbx_details    
'0.1M Mes Buffer, 1.6M Ammonium sulfate, 10% Dioxane, pH 6.5, VAPOR DIFFUSION, HANGING DROP, temperature 295K' 
_exptl_crystal_grow.pdbx_pH_range   . 
# 
_diffrn.id                     1 
_diffrn.ambient_temp           100 
_diffrn.ambient_temp_details   ? 
_diffrn.crystal_id             1 
# 
_diffrn_detector.diffrn_id              1 
_diffrn_detector.detector               CCD 
_diffrn_detector.type                   'MAR CCD 165 mm' 
_diffrn_detector.pdbx_collection_date   2006-05-15 
_diffrn_detector.details                ? 
# 
_diffrn_radiation.diffrn_id                        1 
_diffrn_radiation.wavelength_id                    1 
_diffrn_radiation.pdbx_diffrn_protocol             'SINGLE WAVELENGTH' 
_diffrn_radiation.monochromator                    ? 
_diffrn_radiation.pdbx_monochromatic_or_laue_m_l   M 
_diffrn_radiation.pdbx_scattering_type             x-ray 
# 
_diffrn_radiation_wavelength.id           1 
_diffrn_radiation_wavelength.wavelength   1.43 
_diffrn_radiation_wavelength.wt           1.0 
# 
_diffrn_source.diffrn_id                   1 
_diffrn_source.source                      SYNCHROTRON 
_diffrn_source.type                        'LNLS BEAMLINE D03B-MX1' 
_diffrn_source.pdbx_wavelength             ? 
_diffrn_source.pdbx_wavelength_list        1.43 
_diffrn_source.pdbx_synchrotron_site       LNLS 
_diffrn_source.pdbx_synchrotron_beamline   D03B-MX1 
# 
_reflns.entry_id                     2NUH 
_reflns.observed_criterion_sigma_F   2.0 
_reflns.observed_criterion_sigma_I   2.0 
_reflns.d_resolution_high            1.39 
_reflns.d_resolution_low             61.08 
_reflns.number_all                   ? 
_reflns.number_obs                   19947 
_reflns.percent_possible_obs         97.2 
_reflns.pdbx_Rmerge_I_obs            0.085 
_reflns.pdbx_Rsym_value              ? 
_reflns.pdbx_netI_over_sigmaI        15.2 
_reflns.B_iso_Wilson_estimate        ? 
_reflns.pdbx_redundancy              6.8 
_reflns.R_free_details               ? 
_reflns.limit_h_max                  ? 
_reflns.limit_h_min                  ? 
_reflns.limit_k_max                  ? 
_reflns.limit_k_min                  ? 
_reflns.limit_l_max                  ? 
_reflns.limit_l_min                  ? 
_reflns.observed_criterion_F_max     ? 
_reflns.observed_criterion_F_min     ? 
_reflns.pdbx_chi_squared             ? 
_reflns.pdbx_scaling_rejects         ? 
_reflns.pdbx_ordinal                 1 
_reflns.pdbx_diffrn_id               1 
# 
_reflns_shell.d_res_high             1.39 
_reflns_shell.d_res_low              1.44 
_reflns_shell.percent_possible_obs   ? 
_reflns_shell.percent_possible_all   82.7 
_reflns_shell.Rmerge_I_obs           0.424 
_reflns_shell.meanI_over_sigI_obs    3.2 
_reflns_shell.pdbx_Rsym_value        ? 
_reflns_shell.pdbx_redundancy        5.5 
_reflns_shell.number_unique_all      ? 
_reflns_shell.number_measured_all    ? 
_reflns_shell.number_measured_obs    ? 
_reflns_shell.number_unique_obs      ? 
_reflns_shell.pdbx_chi_squared       ? 
_reflns_shell.pdbx_ordinal           1 
_reflns_shell.pdbx_diffrn_id         1 
# 
_refine.entry_id                                 2NUH 
_refine.ls_d_res_high                            1.390 
_refine.ls_d_res_low                             50.0 
_refine.pdbx_ls_sigma_F                          0.00 
_refine.ls_percent_reflns_obs                    96.910 
_refine.ls_number_reflns_obs                     19713 
_refine.pdbx_ls_cross_valid_method               THROUGHOUT 
_refine.pdbx_R_Free_selection_details            RANDOM 
_refine.details                                  'HYDROGENS HAVE BEEN ADDED IN THE RIDING POSITIONS' 
_refine.ls_R_factor_obs                          0.197 
_refine.ls_R_factor_R_work                       0.196 
_refine.ls_R_factor_R_free                       0.205 
_refine.ls_percent_reflns_R_free                 5.100 
_refine.ls_number_reflns_R_free                  1012 
_refine.B_iso_mean                               18.443 
_refine.aniso_B[1][1]                            -0.250 
_refine.aniso_B[2][2]                            -0.250 
_refine.aniso_B[3][3]                            0.380 
_refine.aniso_B[1][2]                            -0.130 
_refine.aniso_B[1][3]                            0.000 
_refine.aniso_B[2][3]                            0.000 
_refine.correlation_coeff_Fo_to_Fc               0.952 
_refine.correlation_coeff_Fo_to_Fc_free          0.954 
_refine.pdbx_overall_ESU_R                       0.070 
_refine.pdbx_overall_ESU_R_Free                  0.066 
_refine.overall_SU_ML                            0.040 
_refine.overall_SU_B                             0.975 
_refine.solvent_model_details                    'BABINET MODEL WITH MASK' 
_refine.pdbx_solvent_vdw_probe_radii             1.200 
_refine.pdbx_solvent_ion_probe_radii             0.800 
_refine.pdbx_solvent_shrinkage_radii             0.800 
_refine.pdbx_stereochemistry_target_values       'MAXIMUM LIKELIHOOD' 
_refine.pdbx_ls_sigma_I                          ? 
_refine.ls_number_reflns_all                     ? 
_refine.ls_R_factor_all                          ? 
_refine.ls_redundancy_reflns_obs                 ? 
_refine.pdbx_data_cutoff_high_absF               ? 
_refine.pdbx_data_cutoff_low_absF                ? 
_refine.ls_number_parameters                     ? 
_refine.ls_number_restraints                     ? 
_refine.ls_R_factor_R_free_error                 ? 
_refine.ls_R_factor_R_free_error_details         ? 
_refine.pdbx_method_to_determine_struct          'MOLECULAR REPLACEMENT' 
_refine.pdbx_starting_model                      1VHF 
_refine.pdbx_stereochem_target_val_spec_case     ? 
_refine.solvent_model_param_bsol                 ? 
_refine.solvent_model_param_ksol                 ? 
_refine.occupancy_max                            ? 
_refine.occupancy_min                            ? 
_refine.pdbx_isotropic_thermal_model             ? 
_refine.B_iso_min                                ? 
_refine.B_iso_max                                ? 
_refine.overall_SU_R_Cruickshank_DPI             ? 
_refine.overall_SU_R_free                        ? 
_refine.pdbx_data_cutoff_high_rms_absF           ? 
_refine.ls_wR_factor_R_free                      ? 
_refine.ls_wR_factor_R_work                      ? 
_refine.overall_FOM_free_R_set                   ? 
_refine.overall_FOM_work_R_set                   ? 
_refine.pdbx_refine_id                           'X-RAY DIFFRACTION' 
_refine.pdbx_diffrn_id                           1 
_refine.pdbx_TLS_residual_ADP_flag               ? 
_refine.pdbx_overall_phase_error                 ? 
_refine.pdbx_overall_SU_R_free_Cruickshank_DPI   ? 
_refine.pdbx_overall_SU_R_Blow_DPI               ? 
_refine.pdbx_overall_SU_R_free_Blow_DPI          ? 
# 
_refine_hist.pdbx_refine_id                   'X-RAY DIFFRACTION' 
_refine_hist.cycle_id                         LAST 
_refine_hist.pdbx_number_atoms_protein        812 
_refine_hist.pdbx_number_atoms_nucleic_acid   0 
_refine_hist.pdbx_number_atoms_ligand         10 
_refine_hist.number_atoms_solvent             103 
_refine_hist.number_atoms_total               925 
_refine_hist.d_res_high                       1.390 
_refine_hist.d_res_low                        50.0 
# 
loop_
_refine_ls_restr.type 
_refine_ls_restr.number 
_refine_ls_restr.dev_ideal 
_refine_ls_restr.dev_ideal_target 
_refine_ls_restr.weight 
_refine_ls_restr.pdbx_refine_id 
_refine_ls_restr.pdbx_restraint_function 
r_bond_refined_d         844  0.011  0.022  ? 'X-RAY DIFFRACTION' ? 
r_angle_refined_deg      1154 1.465  1.976  ? 'X-RAY DIFFRACTION' ? 
r_dihedral_angle_1_deg   103  5.230  5.000  ? 'X-RAY DIFFRACTION' ? 
r_dihedral_angle_2_deg   34   35.435 24.412 ? 'X-RAY DIFFRACTION' ? 
r_dihedral_angle_3_deg   139  11.593 15.000 ? 'X-RAY DIFFRACTION' ? 
r_dihedral_angle_4_deg   5    23.346 15.000 ? 'X-RAY DIFFRACTION' ? 
r_chiral_restr           143  0.112  0.200  ? 'X-RAY DIFFRACTION' ? 
r_gen_planes_refined     622  0.005  0.020  ? 'X-RAY DIFFRACTION' ? 
r_nbd_refined            440  0.221  0.200  ? 'X-RAY DIFFRACTION' ? 
r_nbtor_refined          611  0.328  0.200  ? 'X-RAY DIFFRACTION' ? 
r_xyhbond_nbd_refined    104  0.131  0.200  ? 'X-RAY DIFFRACTION' ? 
r_symmetry_vdw_refined   74   0.189  0.200  ? 'X-RAY DIFFRACTION' ? 
r_symmetry_hbond_refined 21   0.147  0.200  ? 'X-RAY DIFFRACTION' ? 
r_mcbond_it              532  0.833  1.500  ? 'X-RAY DIFFRACTION' ? 
r_mcangle_it             862  1.440  2.000  ? 'X-RAY DIFFRACTION' ? 
r_scbond_it              348  2.162  3.000  ? 'X-RAY DIFFRACTION' ? 
r_scangle_it             292  3.174  4.500  ? 'X-RAY DIFFRACTION' ? 
# 
_refine_ls_shell.d_res_high                       1.394 
_refine_ls_shell.d_res_low                        1.430 
_refine_ls_shell.pdbx_total_number_of_bins_used   20 
_refine_ls_shell.percent_reflns_obs               79.680 
_refine_ls_shell.number_reflns_R_work             1130 
_refine_ls_shell.R_factor_all                     ? 
_refine_ls_shell.R_factor_R_work                  0.42 
_refine_ls_shell.R_factor_R_free                  0.497 
_refine_ls_shell.percent_reflns_R_free            ? 
_refine_ls_shell.number_reflns_R_free             62 
_refine_ls_shell.R_factor_R_free_error            ? 
_refine_ls_shell.number_reflns_all                ? 
_refine_ls_shell.number_reflns_obs                1192 
_refine_ls_shell.redundancy_reflns_obs            ? 
_refine_ls_shell.pdbx_refine_id                   'X-RAY DIFFRACTION' 
# 
_struct.entry_id                  2NUH 
_struct.title                     'Crystal structure of CutA from the phytopathgen bacterium Xylella fastidiosa' 
_struct.pdbx_model_details        ? 
_struct.pdbx_CASP_flag            N 
_struct.pdbx_model_type_details   ? 
# 
_struct_keywords.entry_id        2NUH 
_struct_keywords.pdbx_keywords   'UNKNOWN FUNCTION' 
_struct_keywords.text            'CutA, UNKNOWN FUNCTION' 
# 
loop_
_struct_asym.id 
_struct_asym.pdbx_blank_PDB_chainid_flag 
_struct_asym.pdbx_modified 
_struct_asym.entity_id 
_struct_asym.details 
A N N 1 ? 
B N N 2 ? 
C N N 2 ? 
D N N 3 ? 
# 
_struct_biol.id                    1 
_struct_biol.details               ? 
_struct_biol.pdbx_parent_biol_id   ? 
# 
loop_
_struct_conf.conf_type_id 
_struct_conf.id 
_struct_conf.pdbx_PDB_helix_id 
_struct_conf.beg_label_comp_id 
_struct_conf.beg_label_asym_id 
_struct_conf.beg_label_seq_id 
_struct_conf.pdbx_beg_PDB_ins_code 
_struct_conf.end_label_comp_id 
_struct_conf.end_label_asym_id 
_struct_conf.end_label_seq_id 
_struct_conf.pdbx_end_PDB_ins_code 
_struct_conf.beg_auth_comp_id 
_struct_conf.beg_auth_asym_id 
_struct_conf.beg_auth_seq_id 
_struct_conf.end_auth_comp_id 
_struct_conf.end_auth_asym_id 
_struct_conf.end_auth_seq_id 
_struct_conf.pdbx_PDB_helix_class 
_struct_conf.details 
_struct_conf.pdbx_PDB_helix_length 
HELX_P HELX_P1 1 ASP A 14 ? GLU A 28  ? ASP A 14 GLU A 28  1 ? 15 
HELX_P HELX_P2 2 HIS A 66 ? HIS A 78  ? HIS A 66 HIS A 78  1 ? 13 
HELX_P HELX_P3 3 LEU A 94 ? ASP A 106 ? LEU A 94 ASP A 106 1 ? 13 
# 
_struct_conf_type.id          HELX_P 
_struct_conf_type.criteria    ? 
_struct_conf_type.reference   ? 
# 
_struct_sheet.id               A 
_struct_sheet.type             ? 
_struct_sheet.number_strands   4 
_struct_sheet.details          ? 
# 
loop_
_struct_sheet_order.sheet_id 
_struct_sheet_order.range_id_1 
_struct_sheet_order.range_id_2 
_struct_sheet_order.offset 
_struct_sheet_order.sense 
A 1 2 ? anti-parallel 
A 2 3 ? anti-parallel 
A 3 4 ? anti-parallel 
# 
loop_
_struct_sheet_range.sheet_id 
_struct_sheet_range.id 
_struct_sheet_range.beg_label_comp_id 
_struct_sheet_range.beg_label_asym_id 
_struct_sheet_range.beg_label_seq_id 
_struct_sheet_range.pdbx_beg_PDB_ins_code 
_struct_sheet_range.end_label_comp_id 
_struct_sheet_range.end_label_asym_id 
_struct_sheet_range.end_label_seq_id 
_struct_sheet_range.pdbx_end_PDB_ins_code 
_struct_sheet_range.beg_auth_comp_id 
_struct_sheet_range.beg_auth_asym_id 
_struct_sheet_range.beg_auth_seq_id 
_struct_sheet_range.end_auth_comp_id 
_struct_sheet_range.end_auth_asym_id 
_struct_sheet_range.end_auth_seq_id 
A 1 CYS A 33 ? ARG A 45 ? CYS A 33 ARG A 45 
A 2 ILE A 50 ? ASN A 63 ? ILE A 50 ASN A 63 
A 3 VAL A 5  ? CYS A 12 ? VAL A 5  CYS A 12 
A 4 ILE A 86 ? GLN A 89 ? ILE A 86 GLN A 89 
# 
loop_
_pdbx_struct_sheet_hbond.sheet_id 
_pdbx_struct_sheet_hbond.range_id_1 
_pdbx_struct_sheet_hbond.range_id_2 
_pdbx_struct_sheet_hbond.range_1_label_atom_id 
_pdbx_struct_sheet_hbond.range_1_label_comp_id 
_pdbx_struct_sheet_hbond.range_1_label_asym_id 
_pdbx_struct_sheet_hbond.range_1_label_seq_id 
_pdbx_struct_sheet_hbond.range_1_PDB_ins_code 
_pdbx_struct_sheet_hbond.range_1_auth_atom_id 
_pdbx_struct_sheet_hbond.range_1_auth_comp_id 
_pdbx_struct_sheet_hbond.range_1_auth_asym_id 
_pdbx_struct_sheet_hbond.range_1_auth_seq_id 
_pdbx_struct_sheet_hbond.range_2_label_atom_id 
_pdbx_struct_sheet_hbond.range_2_label_comp_id 
_pdbx_struct_sheet_hbond.range_2_label_asym_id 
_pdbx_struct_sheet_hbond.range_2_label_seq_id 
_pdbx_struct_sheet_hbond.range_2_PDB_ins_code 
_pdbx_struct_sheet_hbond.range_2_auth_atom_id 
_pdbx_struct_sheet_hbond.range_2_auth_comp_id 
_pdbx_struct_sheet_hbond.range_2_auth_asym_id 
_pdbx_struct_sheet_hbond.range_2_auth_seq_id 
A 1 2 N TYR A 44 ? N TYR A 44 O GLU A 51 ? O GLU A 51 
A 2 3 O LEU A 58 ? O LEU A 58 N SER A 10 ? N SER A 10 
A 3 4 N PHE A 9  ? N PHE A 9  O ILE A 86 ? O ILE A 86 
# 
loop_
_struct_site.id 
_struct_site.pdbx_evidence_code 
_struct_site.pdbx_auth_asym_id 
_struct_site.pdbx_auth_comp_id 
_struct_site.pdbx_auth_seq_id 
_struct_site.pdbx_auth_ins_code 
_struct_site.pdbx_num_residues 
_struct_site.details 
AC1 Software A IMD 200 ? 4 'BINDING SITE FOR RESIDUE IMD A 200' 
AC2 Software A IMD 201 ? 3 'BINDING SITE FOR RESIDUE IMD A 201' 
# 
loop_
_struct_site_gen.id 
_struct_site_gen.site_id 
_struct_site_gen.pdbx_num_res 
_struct_site_gen.label_comp_id 
_struct_site_gen.label_asym_id 
_struct_site_gen.label_seq_id 
_struct_site_gen.pdbx_auth_ins_code 
_struct_site_gen.auth_comp_id 
_struct_site_gen.auth_asym_id 
_struct_site_gen.auth_seq_id 
_struct_site_gen.label_atom_id 
_struct_site_gen.label_alt_id 
_struct_site_gen.symmetry 
_struct_site_gen.details 
1 AC1 4 ASN A 68 ? ASN A 68 . ? 1_555 ? 
2 AC1 4 ILE A 71 ? ILE A 71 . ? 1_555 ? 
3 AC1 4 LEU A 77 ? LEU A 77 . ? 4_544 ? 
4 AC1 4 GLY A 93 ? GLY A 93 . ? 3_655 ? 
5 AC2 3 ILE A 20 ? ILE A 20 . ? 4_544 ? 
6 AC2 3 ARG A 81 ? ARG A 81 . ? 1_555 ? 
7 AC2 3 GLU A 96 ? GLU A 96 . ? 3_655 ? 
# 
_atom_sites.entry_id                    2NUH 
_atom_sites.fract_transf_matrix[1][1]   0.00324927 
_atom_sites.fract_transf_matrix[1][2]   0.00742282 
_atom_sites.fract_transf_matrix[1][3]   0.01420970 
_atom_sites.fract_transf_matrix[2][1]   0.00663397 
_atom_sites.fract_transf_matrix[2][2]   0.01495215 
_atom_sites.fract_transf_matrix[2][3]   0.00008793 
_atom_sites.fract_transf_matrix[3][1]   -0.02574635 
_atom_sites.fract_transf_matrix[3][2]   0.01142361 
_atom_sites.fract_transf_matrix[3][3]   -0.00008013 
_atom_sites.fract_transf_vector[1]      0.159721 
_atom_sites.fract_transf_vector[2]      -0.453944 
_atom_sites.fract_transf_vector[3]      0.006017 
# 
loop_
_atom_type.symbol 
C 
N 
O 
S 
# 
loop_
_atom_site.group_PDB 
_atom_site.id 
_atom_site.type_symbol 
_atom_site.label_atom_id 
_atom_site.label_alt_id 
_atom_site.label_comp_id 
_atom_site.label_asym_id 
_atom_site.label_entity_id 
_atom_site.label_seq_id 
_atom_site.pdbx_PDB_ins_code 
_atom_site.Cartn_x 
_atom_site.Cartn_y 
_atom_site.Cartn_z 
_atom_site.occupancy 
_atom_site.B_iso_or_equiv 
_atom_site.pdbx_formal_charge 
_atom_site.auth_seq_id 
_atom_site.auth_comp_id 
_atom_site.auth_asym_id 
_atom_site.auth_atom_id 
_atom_site.pdbx_PDB_model_num 
ATOM   1   N N   . SER A 1 3   ? 13.016  -6.816  11.124  1.00 23.63 ? 3   SER A N   1 
ATOM   2   C CA  . SER A 1 3   ? 12.009  -7.868  10.832  1.00 23.28 ? 3   SER A CA  1 
ATOM   3   C C   . SER A 1 3   ? 11.821  -7.963  9.330   1.00 23.10 ? 3   SER A C   1 
ATOM   4   O O   . SER A 1 3   ? 12.276  -7.095  8.578   1.00 24.40 ? 3   SER A O   1 
ATOM   5   C CB  . SER A 1 3   ? 10.666  -7.528  11.486  1.00 23.16 ? 3   SER A CB  1 
ATOM   6   O OG  . SER A 1 3   ? 9.854   -6.773  10.599  1.00 23.42 ? 3   SER A OG  1 
ATOM   7   N N   . ASP A 1 4   ? 11.139  -9.014  8.897   1.00 22.75 ? 4   ASP A N   1 
ATOM   8   C CA  . ASP A 1 4   ? 10.816  -9.148  7.491   1.00 21.59 ? 4   ASP A CA  1 
ATOM   9   C C   . ASP A 1 4   ? 9.444   -8.594  7.096   1.00 19.71 ? 4   ASP A C   1 
ATOM   10  O O   . ASP A 1 4   ? 8.993   -8.791  5.983   1.00 17.83 ? 4   ASP A O   1 
ATOM   11  C CB  A ASP A 1 4   ? 11.347  -10.427 6.786   0.50 22.99 ? 4   ASP A CB  1 
ATOM   12  C CB  B ASP A 1 4   ? 10.714  -10.664 7.223   0.50 22.37 ? 4   ASP A CB  1 
ATOM   13  C CG  A ASP A 1 4   ? 12.831  -10.307 6.351   0.50 25.76 ? 4   ASP A CG  1 
ATOM   14  C CG  B ASP A 1 4   ? 9.389   -11.277 7.694   0.50 23.76 ? 4   ASP A CG  1 
ATOM   15  O OD1 A ASP A 1 4   ? 13.349  -11.265 5.733   0.50 29.02 ? 4   ASP A OD1 1 
ATOM   16  O OD1 B ASP A 1 4   ? 8.952   -11.003 8.826   0.50 27.44 ? 4   ASP A OD1 1 
ATOM   17  O OD2 A ASP A 1 4   ? 13.475  -9.268  6.628   0.50 30.79 ? 4   ASP A OD2 1 
ATOM   18  O OD2 B ASP A 1 4   ? 8.789   -12.052 6.915   0.50 28.07 ? 4   ASP A OD2 1 
ATOM   19  N N   . VAL A 1 5   ? 8.807   -7.878  8.017   1.00 16.64 ? 5   VAL A N   1 
ATOM   20  C CA  . VAL A 1 5   ? 7.579   -7.168  7.703   1.00 14.92 ? 5   VAL A CA  1 
ATOM   21  C C   . VAL A 1 5   ? 7.926   -5.823  7.060   1.00 14.08 ? 5   VAL A C   1 
ATOM   22  O O   . VAL A 1 5   ? 8.883   -5.151  7.450   1.00 13.78 ? 5   VAL A O   1 
ATOM   23  C CB  . VAL A 1 5   ? 6.689   -6.992  8.951   1.00 15.27 ? 5   VAL A CB  1 
ATOM   24  C CG1 . VAL A 1 5   ? 5.565   -6.006  8.679   1.00 15.07 ? 5   VAL A CG1 1 
ATOM   25  C CG2 . VAL A 1 5   ? 6.124   -8.338  9.367   1.00 15.74 ? 5   VAL A CG2 1 
ATOM   26  N N   . TYR A 1 6   ? 7.150   -5.469  6.041   1.00 12.58 ? 6   TYR A N   1 
ATOM   27  C CA  . TYR A 1 6   ? 7.300   -4.205  5.360   1.00 12.13 ? 6   TYR A CA  1 
ATOM   28  C C   . TYR A 1 6   ? 5.994   -3.465  5.334   1.00 12.00 ? 6   TYR A C   1 
ATOM   29  O O   . TYR A 1 6   ? 4.935   -4.064  5.197   1.00 12.51 ? 6   TYR A O   1 
ATOM   30  C CB  . TYR A 1 6   ? 7.740   -4.444  3.918   1.00 12.54 ? 6   TYR A CB  1 
ATOM   31  C CG  . TYR A 1 6   ? 9.214   -4.727  3.836   1.00 13.26 ? 6   TYR A CG  1 
ATOM   32  C CD1 . TYR A 1 6   ? 10.099  -3.763  3.384   1.00 13.56 ? 6   TYR A CD1 1 
ATOM   33  C CD2 . TYR A 1 6   ? 9.729   -5.950  4.251   1.00 14.86 ? 6   TYR A CD2 1 
ATOM   34  C CE1 . TYR A 1 6   ? 11.463  -4.016  3.323   1.00 15.30 ? 6   TYR A CE1 1 
ATOM   35  C CE2 . TYR A 1 6   ? 11.081  -6.201  4.206   1.00 16.16 ? 6   TYR A CE2 1 
ATOM   36  C CZ  . TYR A 1 6   ? 11.941  -5.236  3.739   1.00 16.32 ? 6   TYR A CZ  1 
ATOM   37  O OH  . TYR A 1 6   ? 13.294  -5.490  3.699   1.00 18.36 ? 6   TYR A OH  1 
ATOM   38  N N   . LEU A 1 7   ? 6.096   -2.150  5.462   1.00 12.78 ? 7   LEU A N   1 
ATOM   39  C CA  . LEU A 1 7   ? 4.958   -1.270  5.353   1.00 13.51 ? 7   LEU A CA  1 
ATOM   40  C C   . LEU A 1 7   ? 5.106   -0.574  4.018   1.00 12.43 ? 7   LEU A C   1 
ATOM   41  O O   . LEU A 1 7   ? 6.111   0.094   3.778   1.00 12.97 ? 7   LEU A O   1 
ATOM   42  C CB  . LEU A 1 7   ? 5.001   -0.237  6.482   1.00 13.84 ? 7   LEU A CB  1 
ATOM   43  C CG  . LEU A 1 7   ? 3.890   0.787   6.695   1.00 16.92 ? 7   LEU A CG  1 
ATOM   44  C CD1 . LEU A 1 7   ? 2.527   0.138   6.763   1.00 18.03 ? 7   LEU A CD1 1 
ATOM   45  C CD2 . LEU A 1 7   ? 4.174   1.539   7.972   1.00 16.33 ? 7   LEU A CD2 1 
ATOM   46  N N   . ILE A 1 8   ? 4.123   -0.740  3.145   1.00 11.58 ? 8   ILE A N   1 
ATOM   47  C CA  . ILE A 1 8   ? 4.161   -0.066  1.853   1.00 11.78 ? 8   ILE A CA  1 
ATOM   48  C C   . ILE A 1 8   ? 3.192   1.084   1.874   1.00 11.85 ? 8   ILE A C   1 
ATOM   49  O O   . ILE A 1 8   ? 2.039   0.908   2.239   1.00 11.58 ? 8   ILE A O   1 
ATOM   50  C CB  . ILE A 1 8   ? 3.769   -1.012  0.709   1.00 11.39 ? 8   ILE A CB  1 
ATOM   51  C CG1 . ILE A 1 8   ? 4.700   -2.225  0.693   1.00 13.74 ? 8   ILE A CG1 1 
ATOM   52  C CG2 . ILE A 1 8   ? 3.806   -0.280  -0.633  1.00 14.41 ? 8   ILE A CG2 1 
ATOM   53  C CD1 . ILE A 1 8   ? 4.225   -3.319  -0.241  1.00 15.03 ? 8   ILE A CD1 1 
ATOM   54  N N   . PHE A 1 9   ? 3.689   2.252   1.480   1.00 11.57 ? 9   PHE A N   1 
ATOM   55  C CA  . PHE A 1 9   ? 2.870   3.437   1.331   1.00 11.50 ? 9   PHE A CA  1 
ATOM   56  C C   . PHE A 1 9   ? 2.483   3.575   -0.117  1.00 11.66 ? 9   PHE A C   1 
ATOM   57  O O   . PHE A 1 9   ? 3.318   3.474   -1.002  1.00 11.79 ? 9   PHE A O   1 
ATOM   58  C CB  . PHE A 1 9   ? 3.653   4.676   1.759   1.00 11.61 ? 9   PHE A CB  1 
ATOM   59  C CG  . PHE A 1 9   ? 3.987   4.705   3.213   1.00 12.56 ? 9   PHE A CG  1 
ATOM   60  C CD1 . PHE A 1 9   ? 3.287   5.530   4.080   1.00 13.72 ? 9   PHE A CD1 1 
ATOM   61  C CD2 . PHE A 1 9   ? 5.009   3.920   3.718   1.00 12.90 ? 9   PHE A CD2 1 
ATOM   62  C CE1 . PHE A 1 9   ? 3.602   5.558   5.439   1.00 15.35 ? 9   PHE A CE1 1 
ATOM   63  C CE2 . PHE A 1 9   ? 5.332   3.947   5.064   1.00 14.27 ? 9   PHE A CE2 1 
ATOM   64  C CZ  . PHE A 1 9   ? 4.613   4.761   5.923   1.00 14.44 ? 9   PHE A CZ  1 
ATOM   65  N N   . SER A 1 10  ? 1.205   3.820   -0.348  1.00 11.22 ? 10  SER A N   1 
ATOM   66  C CA  . SER A 1 10  ? 0.724   4.176   -1.667  1.00 11.64 ? 10  SER A CA  1 
ATOM   67  C C   . SER A 1 10  ? -0.401  5.160   -1.477  1.00 11.86 ? 10  SER A C   1 
ATOM   68  O O   . SER A 1 10  ? -0.858  5.357   -0.361  1.00 12.01 ? 10  SER A O   1 
ATOM   69  C CB  . SER A 1 10  ? 0.210   2.945   -2.408  1.00 12.72 ? 10  SER A CB  1 
ATOM   70  O OG  . SER A 1 10  ? -0.105  3.278   -3.747  1.00 12.48 ? 10  SER A OG  1 
ATOM   71  N N   . THR A 1 11  ? -0.838  5.798   -2.547  1.00 11.51 ? 11  THR A N   1 
ATOM   72  C CA  . THR A 1 11  ? -2.035  6.609   -2.473  1.00 12.45 ? 11  THR A CA  1 
ATOM   73  C C   . THR A 1 11  ? -2.908  6.255   -3.641  1.00 13.08 ? 11  THR A C   1 
ATOM   74  O O   . THR A 1 11  ? -2.414  5.769   -4.660  1.00 13.79 ? 11  THR A O   1 
ATOM   75  C CB  . THR A 1 11  ? -1.745  8.111   -2.534  1.00 13.23 ? 11  THR A CB  1 
ATOM   76  O OG1 . THR A 1 11  ? -1.086  8.417   -3.764  1.00 14.36 ? 11  THR A OG1 1 
ATOM   77  C CG2 . THR A 1 11  ? -0.878  8.546   -1.390  1.00 12.88 ? 11  THR A CG2 1 
ATOM   78  N N   . CYS A 1 12  ? -4.200  6.481   -3.498  1.00 13.43 ? 12  CYS A N   1 
ATOM   79  C CA  . CYS A 1 12  ? -5.097  6.318   -4.632  1.00 15.36 ? 12  CYS A CA  1 
ATOM   80  C C   . CYS A 1 12  ? -6.058  7.467   -4.652  1.00 15.04 ? 12  CYS A C   1 
ATOM   81  O O   . CYS A 1 12  ? -6.238  8.149   -3.653  1.00 13.95 ? 12  CYS A O   1 
ATOM   82  C CB  . CYS A 1 12  ? -5.906  5.024   -4.619  1.00 16.78 ? 12  CYS A CB  1 
ATOM   83  S SG  A CYS A 1 12  ? -6.516  4.577   -3.034  0.50 19.45 ? 12  CYS A SG  1 
ATOM   84  S SG  B CYS A 1 12  ? -5.300  3.599   -3.806  0.50 22.74 ? 12  CYS A SG  1 
ATOM   85  N N   . PRO A 1 13  ? -6.677  7.698   -5.807  1.00 15.11 ? 13  PRO A N   1 
ATOM   86  C CA  . PRO A 1 13  ? -7.476  8.901   -5.962  1.00 15.91 ? 13  PRO A CA  1 
ATOM   87  C C   . PRO A 1 13  ? -8.802  8.883   -5.223  1.00 16.96 ? 13  PRO A C   1 
ATOM   88  O O   . PRO A 1 13  ? -9.365  9.950   -4.958  1.00 18.08 ? 13  PRO A O   1 
ATOM   89  C CB  . PRO A 1 13  ? -7.723  8.969   -7.465  1.00 15.63 ? 13  PRO A CB  1 
ATOM   90  C CG  . PRO A 1 13  ? -7.599  7.563   -7.939  1.00 15.75 ? 13  PRO A CG  1 
ATOM   91  C CD  . PRO A 1 13  ? -6.587  6.910   -7.048  1.00 15.33 ? 13  PRO A CD  1 
ATOM   92  N N   . ASP A 1 14  ? -9.332  7.704   -4.919  1.00 17.59 ? 14  ASP A N   1 
ATOM   93  C CA  . ASP A 1 14  ? -10.637 7.683   -4.279  1.00 18.35 ? 14  ASP A CA  1 
ATOM   94  C C   . ASP A 1 14  ? -10.937 6.408   -3.552  1.00 18.21 ? 14  ASP A C   1 
ATOM   95  O O   . ASP A 1 14  ? -10.104 5.510   -3.498  1.00 17.49 ? 14  ASP A O   1 
ATOM   96  C CB  . ASP A 1 14  ? -11.722 7.922   -5.319  1.00 18.34 ? 14  ASP A CB  1 
ATOM   97  C CG  . ASP A 1 14  ? -11.756 6.855   -6.393  1.00 19.49 ? 14  ASP A CG  1 
ATOM   98  O OD1 . ASP A 1 14  ? -11.117 5.779   -6.265  1.00 19.01 ? 14  ASP A OD1 1 
ATOM   99  O OD2 . ASP A 1 14  ? -12.452 7.097   -7.388  1.00 21.41 ? 14  ASP A OD2 1 
ATOM   100 N N   . LEU A 1 15  ? -12.142 6.325   -3.000  1.00 17.96 ? 15  LEU A N   1 
ATOM   101 C CA  . LEU A 1 15  ? -12.501 5.178   -2.188  1.00 17.29 ? 15  LEU A CA  1 
ATOM   102 C C   . LEU A 1 15  ? -12.611 3.862   -2.963  1.00 17.25 ? 15  LEU A C   1 
ATOM   103 O O   . LEU A 1 15  ? -12.121 2.861   -2.477  1.00 16.44 ? 15  LEU A O   1 
ATOM   104 C CB  . LEU A 1 15  ? -13.732 5.446   -1.299  1.00 18.28 ? 15  LEU A CB  1 
ATOM   105 C CG  . LEU A 1 15  ? -13.547 6.536   -0.225  1.00 19.84 ? 15  LEU A CG  1 
ATOM   106 C CD1 . LEU A 1 15  ? -14.890 6.960   0.359   1.00 22.33 ? 15  LEU A CD1 1 
ATOM   107 C CD2 . LEU A 1 15  ? -12.576 6.144   0.889   1.00 20.62 ? 15  LEU A CD2 1 
ATOM   108 N N   . PRO A 1 16  ? -13.247 3.838   -4.156  1.00 16.11 ? 16  PRO A N   1 
ATOM   109 C CA  . PRO A 1 16  ? -13.257 2.542   -4.818  1.00 15.82 ? 16  PRO A CA  1 
ATOM   110 C C   . PRO A 1 16  ? -11.871 2.023   -5.124  1.00 14.67 ? 16  PRO A C   1 
ATOM   111 O O   . PRO A 1 16  ? -11.611 0.850   -4.915  1.00 14.28 ? 16  PRO A O   1 
ATOM   112 C CB  . PRO A 1 16  ? -14.031 2.806   -6.118  1.00 15.75 ? 16  PRO A CB  1 
ATOM   113 C CG  . PRO A 1 16  ? -14.867 3.976   -5.789  1.00 17.17 ? 16  PRO A CG  1 
ATOM   114 C CD  . PRO A 1 16  ? -14.013 4.832   -4.926  1.00 17.22 ? 16  PRO A CD  1 
ATOM   115 N N   . SER A 1 17  ? -10.967 2.880   -5.596  1.00 14.45 ? 17  SER A N   1 
ATOM   116 C CA  . SER A 1 17  ? -9.633  2.368   -5.870  1.00 14.05 ? 17  SER A CA  1 
ATOM   117 C C   . SER A 1 17  ? -8.957  1.856   -4.609  1.00 13.76 ? 17  SER A C   1 
ATOM   118 O O   . SER A 1 17  ? -8.277  0.839   -4.651  1.00 13.30 ? 17  SER A O   1 
ATOM   119 C CB  . SER A 1 17  ? -8.749  3.368   -6.600  1.00 15.62 ? 17  SER A CB  1 
ATOM   120 O OG  . SER A 1 17  ? -8.709  4.580   -5.916  1.00 15.62 ? 17  SER A OG  1 
ATOM   121 N N   . ALA A 1 18  ? -9.170  2.547   -3.492  1.00 12.59 ? 18  ALA A N   1 
ATOM   122 C CA  . ALA A 1 18  ? -8.586  2.098   -2.229  1.00 13.06 ? 18  ALA A CA  1 
ATOM   123 C C   . ALA A 1 18  ? -9.201  0.781   -1.824  1.00 12.81 ? 18  ALA A C   1 
ATOM   124 O O   . ALA A 1 18  ? -8.505  -0.100  -1.335  1.00 12.46 ? 18  ALA A O   1 
ATOM   125 C CB  . ALA A 1 18  ? -8.784  3.158   -1.131  1.00 13.64 ? 18  ALA A CB  1 
ATOM   126 N N   . GLU A 1 19  ? -10.508 0.641   -2.027  1.00 12.76 ? 19  GLU A N   1 
ATOM   127 C CA  . GLU A 1 19  ? -11.191 -0.580  -1.634  1.00 13.36 ? 19  GLU A CA  1 
ATOM   128 C C   . GLU A 1 19  ? -10.764 -1.727  -2.525  1.00 13.08 ? 19  GLU A C   1 
ATOM   129 O O   . GLU A 1 19  ? -10.533 -2.830  -2.047  1.00 13.40 ? 19  GLU A O   1 
ATOM   130 C CB  . GLU A 1 19  ? -12.701 -0.381  -1.700  1.00 13.92 ? 19  GLU A CB  1 
ATOM   131 C CG  . GLU A 1 19  ? -13.171 0.729   -0.773  1.00 19.86 ? 19  GLU A CG  1 
ATOM   132 C CD  . GLU A 1 19  ? -14.678 0.887   -0.707  1.00 25.72 ? 19  GLU A CD  1 
ATOM   133 O OE1 . GLU A 1 19  ? -15.124 1.861   -0.054  1.00 28.45 ? 19  GLU A OE1 1 
ATOM   134 O OE2 . GLU A 1 19  ? -15.412 0.047   -1.291  1.00 28.30 ? 19  GLU A OE2 1 
ATOM   135 N N   . ILE A 1 20  ? -10.664 -1.462  -3.822  1.00 13.12 ? 20  ILE A N   1 
ATOM   136 C CA  . ILE A 1 20  ? -10.249 -2.504  -4.755  1.00 13.57 ? 20  ILE A CA  1 
ATOM   137 C C   . ILE A 1 20  ? -8.862  -2.991  -4.386  1.00 13.22 ? 20  ILE A C   1 
ATOM   138 O O   . ILE A 1 20  ? -8.622  -4.184  -4.260  1.00 14.31 ? 20  ILE A O   1 
ATOM   139 C CB  . ILE A 1 20  ? -10.259 -1.998  -6.201  1.00 13.88 ? 20  ILE A CB  1 
ATOM   140 C CG1 . ILE A 1 20  ? -11.693 -1.711  -6.647  1.00 15.10 ? 20  ILE A CG1 1 
ATOM   141 C CG2 . ILE A 1 20  ? -9.590  -3.004  -7.155  1.00 15.50 ? 20  ILE A CG2 1 
ATOM   142 C CD1 . ILE A 1 20  ? -11.760 -0.810  -7.844  1.00 15.90 ? 20  ILE A CD1 1 
ATOM   143 N N   . ILE A 1 21  ? -7.941  -2.055  -4.193  1.00 12.75 ? 21  ILE A N   1 
ATOM   144 C CA  . ILE A 1 21  ? -6.565  -2.434  -3.899  1.00 12.86 ? 21  ILE A CA  1 
ATOM   145 C C   . ILE A 1 21  ? -6.486  -3.166  -2.575  1.00 12.75 ? 21  ILE A C   1 
ATOM   146 O O   . ILE A 1 21  ? -5.816  -4.197  -2.458  1.00 13.08 ? 21  ILE A O   1 
ATOM   147 C CB  . ILE A 1 21  ? -5.649  -1.205  -3.912  1.00 12.79 ? 21  ILE A CB  1 
ATOM   148 C CG1 . ILE A 1 21  ? -5.418  -0.761  -5.356  1.00 14.32 ? 21  ILE A CG1 1 
ATOM   149 C CG2 . ILE A 1 21  ? -4.311  -1.507  -3.221  1.00 13.63 ? 21  ILE A CG2 1 
ATOM   150 C CD1 . ILE A 1 21  ? -5.006  0.704   -5.483  1.00 16.52 ? 21  ILE A CD1 1 
ATOM   151 N N   . SER A 1 22  ? -7.163  -2.626  -1.573  1.00 12.60 ? 22  SER A N   1 
ATOM   152 C CA  . SER A 1 22  ? -7.134  -3.228  -0.252  1.00 12.77 ? 22  SER A CA  1 
ATOM   153 C C   . SER A 1 22  ? -7.666  -4.646  -0.295  1.00 13.27 ? 22  SER A C   1 
ATOM   154 O O   . SER A 1 22  ? -7.035  -5.581  0.224   1.00 13.45 ? 22  SER A O   1 
ATOM   155 C CB  . SER A 1 22  ? -7.989  -2.405  0.704   1.00 12.50 ? 22  SER A CB  1 
ATOM   156 O OG  . SER A 1 22  ? -7.418  -1.132  0.921   1.00 14.61 ? 22  SER A OG  1 
ATOM   157 N N   . ARG A 1 23  ? -8.831  -4.813  -0.915  1.00 13.33 ? 23  ARG A N   1 
ATOM   158 C CA  . ARG A 1 23  ? -9.469  -6.111  -0.929  1.00 14.83 ? 23  ARG A CA  1 
ATOM   159 C C   . ARG A 1 23  ? -8.650  -7.108  -1.720  1.00 13.85 ? 23  ARG A C   1 
ATOM   160 O O   . ARG A 1 23  ? -8.449  -8.239  -1.282  1.00 14.66 ? 23  ARG A O   1 
ATOM   161 C CB  . ARG A 1 23  ? -10.882 -6.020  -1.498  1.00 15.06 ? 23  ARG A CB  1 
ATOM   162 C CG  . ARG A 1 23  ? -11.870 -5.280  -0.621  1.00 18.17 ? 23  ARG A CG  1 
ATOM   163 C CD  . ARG A 1 23  ? -13.290 -5.355  -1.217  1.00 19.02 ? 23  ARG A CD  1 
ATOM   164 N NE  . ARG A 1 23  ? -13.630 -6.714  -1.660  1.00 25.05 ? 23  ARG A NE  1 
ATOM   165 C CZ  . ARG A 1 23  ? -13.725 -7.094  -2.934  1.00 29.02 ? 23  ARG A CZ  1 
ATOM   166 N NH1 . ARG A 1 23  ? -14.030 -8.350  -3.245  1.00 28.75 ? 23  ARG A NH1 1 
ATOM   167 N NH2 . ARG A 1 23  ? -13.524 -6.222  -3.908  1.00 30.99 ? 23  ARG A NH2 1 
ATOM   168 N N   . VAL A 1 24  ? -8.162  -6.693  -2.882  1.00 13.17 ? 24  VAL A N   1 
ATOM   169 C CA  . VAL A 1 24  ? -7.431  -7.633  -3.727  1.00 13.12 ? 24  VAL A CA  1 
ATOM   170 C C   . VAL A 1 24  ? -6.113  -8.047  -3.097  1.00 12.75 ? 24  VAL A C   1 
ATOM   171 O O   . VAL A 1 24  ? -5.761  -9.209  -3.095  1.00 12.55 ? 24  VAL A O   1 
ATOM   172 C CB  . VAL A 1 24  ? -7.201  -7.093  -5.141  1.00 13.52 ? 24  VAL A CB  1 
ATOM   173 C CG1 . VAL A 1 24  ? -6.224  -7.986  -5.902  1.00 14.78 ? 24  VAL A CG1 1 
ATOM   174 C CG2 . VAL A 1 24  ? -8.531  -7.037  -5.877  1.00 14.64 ? 24  VAL A CG2 1 
ATOM   175 N N   . LEU A 1 25  ? -5.377  -7.085  -2.549  1.00 11.89 ? 25  LEU A N   1 
ATOM   176 C CA  . LEU A 1 25  ? -4.098  -7.445  -1.953  1.00 11.93 ? 25  LEU A CA  1 
ATOM   177 C C   . LEU A 1 25  ? -4.273  -8.421  -0.797  1.00 11.53 ? 25  LEU A C   1 
ATOM   178 O O   . LEU A 1 25  ? -3.459  -9.323  -0.631  1.00 12.13 ? 25  LEU A O   1 
ATOM   179 C CB  . LEU A 1 25  ? -3.357  -6.205  -1.466  1.00 11.99 ? 25  LEU A CB  1 
ATOM   180 C CG  . LEU A 1 25  ? -2.816  -5.311  -2.581  1.00 13.27 ? 25  LEU A CG  1 
ATOM   181 C CD1 . LEU A 1 25  ? -2.026  -4.155  -1.972  1.00 13.05 ? 25  LEU A CD1 1 
ATOM   182 C CD2 . LEU A 1 25  ? -1.940  -6.101  -3.548  1.00 14.90 ? 25  LEU A CD2 1 
ATOM   183 N N   . VAL A 1 26  ? -5.323  -8.231  -0.006  1.00 12.25 ? 26  VAL A N   1 
ATOM   184 C CA  . VAL A 1 26  ? -5.579  -9.131  1.115   1.00 12.75 ? 26  VAL A CA  1 
ATOM   185 C C   . VAL A 1 26  ? -6.107  -10.463 0.590   1.00 13.08 ? 26  VAL A C   1 
ATOM   186 O O   . VAL A 1 26  ? -5.638  -11.519 1.002   1.00 14.23 ? 26  VAL A O   1 
ATOM   187 C CB  . VAL A 1 26  ? -6.554  -8.507  2.133   1.00 12.44 ? 26  VAL A CB  1 
ATOM   188 C CG1 . VAL A 1 26  ? -6.942  -9.523  3.209   1.00 14.47 ? 26  VAL A CG1 1 
ATOM   189 C CG2 . VAL A 1 26  ? -5.927  -7.279  2.771   1.00 13.24 ? 26  VAL A CG2 1 
ATOM   190 N N   . GLN A 1 27  ? -7.037  -10.413 -0.358  1.00 13.91 ? 27  GLN A N   1 
ATOM   191 C CA  . GLN A 1 27  ? -7.633  -11.639 -0.874  1.00 14.93 ? 27  GLN A CA  1 
ATOM   192 C C   . GLN A 1 27  ? -6.590  -12.522 -1.505  1.00 14.82 ? 27  GLN A C   1 
ATOM   193 O O   . GLN A 1 27  ? -6.616  -13.742 -1.340  1.00 15.09 ? 27  GLN A O   1 
ATOM   194 C CB  . GLN A 1 27  ? -8.656  -11.306 -1.942  1.00 15.90 ? 27  GLN A CB  1 
ATOM   195 C CG  . GLN A 1 27  ? -9.978  -10.943 -1.396  1.00 19.38 ? 27  GLN A CG  1 
ATOM   196 C CD  . GLN A 1 27  ? -10.850 -10.257 -2.415  1.00 22.69 ? 27  GLN A CD  1 
ATOM   197 O OE1 . GLN A 1 27  ? -10.367 -9.757  -3.438  1.00 24.73 ? 27  GLN A OE1 1 
ATOM   198 N NE2 . GLN A 1 27  ? -12.144 -10.223 -2.142  1.00 25.24 ? 27  GLN A NE2 1 
ATOM   199 N N   . GLU A 1 28  ? -5.677  -11.898 -2.239  1.00 14.05 ? 28  GLU A N   1 
ATOM   200 C CA  . GLU A 1 28  ? -4.638  -12.641 -2.929  1.00 14.37 ? 28  GLU A CA  1 
ATOM   201 C C   . GLU A 1 28  ? -3.432  -12.945 -2.073  1.00 14.16 ? 28  GLU A C   1 
ATOM   202 O O   . GLU A 1 28  ? -2.414  -13.420 -2.570  1.00 14.38 ? 28  GLU A O   1 
ATOM   203 C CB  . GLU A 1 28  ? -4.222  -11.924 -4.202  1.00 14.26 ? 28  GLU A CB  1 
ATOM   204 C CG  . GLU A 1 28  ? -5.381  -11.832 -5.165  1.00 15.39 ? 28  GLU A CG  1 
ATOM   205 C CD  . GLU A 1 28  ? -5.054  -11.137 -6.444  1.00 16.48 ? 28  GLU A CD  1 
ATOM   206 O OE1 . GLU A 1 28  ? -3.908  -10.662 -6.623  1.00 16.83 ? 28  GLU A OE1 1 
ATOM   207 O OE2 . GLU A 1 28  ? -5.980  -11.051 -7.277  1.00 16.85 ? 28  GLU A OE2 1 
ATOM   208 N N   . ARG A 1 29  ? -3.553  -12.646 -0.781  1.00 13.57 ? 29  ARG A N   1 
ATOM   209 C CA  . ARG A 1 29  ? -2.506  -12.932 0.193   1.00 13.99 ? 29  ARG A CA  1 
ATOM   210 C C   . ARG A 1 29  ? -1.182  -12.292 -0.199  1.00 13.46 ? 29  ARG A C   1 
ATOM   211 O O   . ARG A 1 29  ? -0.113  -12.874 -0.074  1.00 13.64 ? 29  ARG A O   1 
ATOM   212 C CB  . ARG A 1 29  ? -2.375  -14.438 0.435   1.00 14.62 ? 29  ARG A CB  1 
ATOM   213 C CG  . ARG A 1 29  ? -3.643  -15.014 1.021   1.00 18.15 ? 29  ARG A CG  1 
ATOM   214 C CD  . ARG A 1 29  ? -3.506  -16.469 1.435   1.00 24.27 ? 29  ARG A CD  1 
ATOM   215 N NE  . ARG A 1 29  ? -4.800  -16.997 1.871   1.00 28.23 ? 29  ARG A NE  1 
ATOM   216 C CZ  . ARG A 1 29  ? -5.252  -16.959 3.122   1.00 30.12 ? 29  ARG A CZ  1 
ATOM   217 N NH1 . ARG A 1 29  ? -4.521  -16.419 4.091   1.00 29.98 ? 29  ARG A NH1 1 
ATOM   218 N NH2 . ARG A 1 29  ? -6.447  -17.463 3.406   1.00 31.06 ? 29  ARG A NH2 1 
ATOM   219 N N   . LEU A 1 30  ? -1.277  -11.066 -0.687  1.00 12.84 ? 30  LEU A N   1 
ATOM   220 C CA  . LEU A 1 30  ? -0.090  -10.278 -0.965  1.00 12.51 ? 30  LEU A CA  1 
ATOM   221 C C   . LEU A 1 30  ? 0.194   -9.315  0.165   1.00 12.71 ? 30  LEU A C   1 
ATOM   222 O O   . LEU A 1 30  ? 1.296   -8.799  0.283   1.00 12.84 ? 30  LEU A O   1 
ATOM   223 C CB  . LEU A 1 30  ? -0.257  -9.512  -2.271  1.00 12.54 ? 30  LEU A CB  1 
ATOM   224 C CG  . LEU A 1 30  ? -0.524  -10.410 -3.470  1.00 13.32 ? 30  LEU A CG  1 
ATOM   225 C CD1 . LEU A 1 30  ? -0.636  -9.555  -4.696  1.00 13.56 ? 30  LEU A CD1 1 
ATOM   226 C CD2 . LEU A 1 30  ? 0.571   -11.448 -3.662  1.00 15.14 ? 30  LEU A CD2 1 
ATOM   227 N N   . ALA A 1 31  ? -0.825  -9.068  0.977   1.00 12.32 ? 31  ALA A N   1 
ATOM   228 C CA  . ALA A 1 31  ? -0.686  -8.222  2.147   1.00 12.49 ? 31  ALA A CA  1 
ATOM   229 C C   . ALA A 1 31  ? -1.587  -8.807  3.206   1.00 12.32 ? 31  ALA A C   1 
ATOM   230 O O   . ALA A 1 31  ? -2.618  -9.383  2.885   1.00 12.67 ? 31  ALA A O   1 
ATOM   231 C CB  . ALA A 1 31  ? -1.107  -6.805  1.823   1.00 12.66 ? 31  ALA A CB  1 
ATOM   232 N N   . ALA A 1 32  ? -1.188  -8.685  4.470   1.00 12.24 ? 32  ALA A N   1 
ATOM   233 C CA  . ALA A 1 32  ? -2.022  -9.176  5.554   1.00 12.79 ? 32  ALA A CA  1 
ATOM   234 C C   . ALA A 1 32  ? -3.129  -8.182  5.860   1.00 12.79 ? 32  ALA A C   1 
ATOM   235 O O   . ALA A 1 32  ? -4.190  -8.543  6.323   1.00 13.04 ? 32  ALA A O   1 
ATOM   236 C CB  . ALA A 1 32  ? -1.206  -9.403  6.769   1.00 12.79 ? 32  ALA A CB  1 
ATOM   237 N N   . CYS A 1 33  ? -2.864  -6.910  5.618   1.00 13.35 ? 33  CYS A N   1 
ATOM   238 C CA  . CYS A 1 33  ? -3.865  -5.902  5.893   1.00 13.81 ? 33  CYS A CA  1 
ATOM   239 C C   . CYS A 1 33  ? -3.490  -4.649  5.152   1.00 12.30 ? 33  CYS A C   1 
ATOM   240 O O   . CYS A 1 33  ? -2.325  -4.416  4.842   1.00 12.30 ? 33  CYS A O   1 
ATOM   241 C CB  . CYS A 1 33  ? -4.020  -5.674  7.408   1.00 15.16 ? 33  CYS A CB  1 
ATOM   242 S SG  A CYS A 1 33  ? -4.629  -4.056  8.001   0.50 16.19 ? 33  CYS A SG  1 
ATOM   243 S SG  B CYS A 1 33  ? -2.533  -5.396  8.263   0.50 20.78 ? 33  CYS A SG  1 
ATOM   244 N N   . VAL A 1 34  ? -4.503  -3.863  4.832   1.00 11.27 ? 34  VAL A N   1 
ATOM   245 C CA  . VAL A 1 34  ? -4.268  -2.574  4.209   1.00 11.03 ? 34  VAL A CA  1 
ATOM   246 C C   . VAL A 1 34  ? -5.115  -1.559  4.928   1.00 10.79 ? 34  VAL A C   1 
ATOM   247 O O   . VAL A 1 34  ? -6.323  -1.772  5.107   1.00 10.61 ? 34  VAL A O   1 
ATOM   248 C CB  . VAL A 1 34  ? -4.649  -2.576  2.724   1.00 10.60 ? 34  VAL A CB  1 
ATOM   249 C CG1 . VAL A 1 34  ? -4.464  -1.184  2.142   1.00 12.03 ? 34  VAL A CG1 1 
ATOM   250 C CG2 . VAL A 1 34  ? -3.806  -3.590  1.956   1.00 12.20 ? 34  VAL A CG2 1 
ATOM   251 N N   . THR A 1 35  ? -4.488  -0.472  5.372   1.00 10.28 ? 35  THR A N   1 
ATOM   252 C CA  . THR A 1 35  ? -5.215  0.598   6.015   1.00 10.94 ? 35  THR A CA  1 
ATOM   253 C C   . THR A 1 35  ? -5.307  1.780   5.082   1.00 11.26 ? 35  THR A C   1 
ATOM   254 O O   . THR A 1 35  ? -4.321  2.177   4.464   1.00 11.51 ? 35  THR A O   1 
ATOM   255 C CB  . THR A 1 35  ? -4.515  0.995   7.313   1.00 11.34 ? 35  THR A CB  1 
ATOM   256 O OG1 . THR A 1 35  ? -4.498  -0.149  8.176   1.00 12.43 ? 35  THR A OG1 1 
ATOM   257 C CG2 . THR A 1 35  ? -5.229  2.144   8.014   1.00 12.28 ? 35  THR A CG2 1 
ATOM   258 N N   . GLN A 1 36  ? -6.505  2.334   4.988   1.00 11.47 ? 36  GLN A N   1 
ATOM   259 C CA  . GLN A 1 36  ? -6.751  3.509   4.186   1.00 12.99 ? 36  GLN A CA  1 
ATOM   260 C C   . GLN A 1 36  ? -6.950  4.670   5.113   1.00 13.60 ? 36  GLN A C   1 
ATOM   261 O O   . GLN A 1 36  ? -7.670  4.560   6.110   1.00 14.32 ? 36  GLN A O   1 
ATOM   262 C CB  . GLN A 1 36  ? -8.071  3.382   3.458   1.00 13.63 ? 36  GLN A CB  1 
ATOM   263 C CG  . GLN A 1 36  ? -8.269  2.250   2.548   1.00 16.63 ? 36  GLN A CG  1 
ATOM   264 C CD  . GLN A 1 36  ? -9.743  2.087   2.254   1.00 17.80 ? 36  GLN A CD  1 
ATOM   265 O OE1 . GLN A 1 36  ? -10.467 3.065   1.988   1.00 19.46 ? 36  GLN A OE1 1 
ATOM   266 N NE2 . GLN A 1 36  ? -10.206 0.860   2.334   1.00 18.19 ? 36  GLN A NE2 1 
ATOM   267 N N   . LEU A 1 37  ? -6.347  5.788   4.751   1.00 13.90 ? 37  LEU A N   1 
ATOM   268 C CA  . LEU A 1 37  ? -6.522  7.034   5.468   1.00 15.29 ? 37  LEU A CA  1 
ATOM   269 C C   . LEU A 1 37  ? -7.121  8.020   4.471   1.00 16.40 ? 37  LEU A C   1 
ATOM   270 O O   . LEU A 1 37  ? -6.457  8.436   3.529   1.00 14.90 ? 37  LEU A O   1 
ATOM   271 C CB  . LEU A 1 37  ? -5.180  7.521   6.026   1.00 15.81 ? 37  LEU A CB  1 
ATOM   272 C CG  . LEU A 1 37  ? -4.249  6.514   6.734   1.00 17.59 ? 37  LEU A CG  1 
ATOM   273 C CD1 . LEU A 1 37  ? -2.882  7.102   7.080   1.00 19.34 ? 37  LEU A CD1 1 
ATOM   274 C CD2 . LEU A 1 37  ? -4.888  5.978   7.986   1.00 20.05 ? 37  LEU A CD2 1 
ATOM   275 N N   . PRO A 1 38  ? -8.403  8.355   4.639   1.00 17.88 ? 38  PRO A N   1 
ATOM   276 C CA  . PRO A 1 38  ? -9.042  9.202   3.653   1.00 18.19 ? 38  PRO A CA  1 
ATOM   277 C C   . PRO A 1 38  ? -8.753  10.685  3.882   1.00 17.29 ? 38  PRO A C   1 
ATOM   278 O O   . PRO A 1 38  ? -8.199  11.070  4.905   1.00 17.76 ? 38  PRO A O   1 
ATOM   279 C CB  . PRO A 1 38  ? -10.543 8.889   3.841   1.00 19.33 ? 38  PRO A CB  1 
ATOM   280 C CG  . PRO A 1 38  ? -10.612 7.793   4.877   1.00 20.71 ? 38  PRO A CG  1 
ATOM   281 C CD  . PRO A 1 38  ? -9.361  7.951   5.679   1.00 18.90 ? 38  PRO A CD  1 
ATOM   282 N N   . GLY A 1 39  ? -9.112  11.499  2.900   1.00 16.28 ? 39  GLY A N   1 
ATOM   283 C CA  . GLY A 1 39  ? -9.023  12.944  3.038   1.00 15.50 ? 39  GLY A CA  1 
ATOM   284 C C   . GLY A 1 39  ? -7.634  13.496  2.822   1.00 14.96 ? 39  GLY A C   1 
ATOM   285 O O   . GLY A 1 39  ? -7.377  14.662  3.105   1.00 15.66 ? 39  GLY A O   1 
ATOM   286 N N   . ALA A 1 40  ? -6.735  12.668  2.305   1.00 13.53 ? 40  ALA A N   1 
ATOM   287 C CA  . ALA A 1 40  ? -5.378  13.104  2.035   1.00 13.40 ? 40  ALA A CA  1 
ATOM   288 C C   . ALA A 1 40  ? -5.358  14.075  0.877   1.00 13.34 ? 40  ALA A C   1 
ATOM   289 O O   . ALA A 1 40  ? -6.213  14.028  -0.012  1.00 13.53 ? 40  ALA A O   1 
ATOM   290 C CB  . ALA A 1 40  ? -4.490  11.901  1.736   1.00 14.14 ? 40  ALA A CB  1 
ATOM   291 N N   . VAL A 1 41  ? -4.370  14.962  0.888   1.00 13.25 ? 41  VAL A N   1 
ATOM   292 C CA  . VAL A 1 41  ? -4.131  15.839  -0.239  1.00 13.59 ? 41  VAL A CA  1 
ATOM   293 C C   . VAL A 1 41  ? -2.666  15.733  -0.545  1.00 13.48 ? 41  VAL A C   1 
ATOM   294 O O   . VAL A 1 41  ? -1.828  15.871  0.347   1.00 13.53 ? 41  VAL A O   1 
ATOM   295 C CB  . VAL A 1 41  ? -4.490  17.299  0.074   1.00 14.46 ? 41  VAL A CB  1 
ATOM   296 C CG1 . VAL A 1 41  ? -4.073  18.217  -1.064  1.00 15.49 ? 41  VAL A CG1 1 
ATOM   297 C CG2 . VAL A 1 41  ? -5.984  17.429  0.317   1.00 15.74 ? 41  VAL A CG2 1 
ATOM   298 N N   . SER A 1 42  ? -2.350  15.461  -1.802  1.00 12.79 ? 42  SER A N   1 
ATOM   299 C CA  . SER A 1 42  ? -0.965  15.396  -2.222  1.00 13.27 ? 42  SER A CA  1 
ATOM   300 C C   . SER A 1 42  ? -0.630  16.551  -3.131  1.00 13.50 ? 42  SER A C   1 
ATOM   301 O O   . SER A 1 42  ? -1.408  16.924  -3.980  1.00 14.29 ? 42  SER A O   1 
ATOM   302 C CB  . SER A 1 42  ? -0.691  14.088  -2.928  1.00 13.57 ? 42  SER A CB  1 
ATOM   303 O OG  . SER A 1 42  ? -0.842  13.034  -1.995  1.00 16.20 ? 42  SER A OG  1 
ATOM   304 N N   . THR A 1 43  ? 0.546   17.114  -2.916  1.00 13.07 ? 43  THR A N   1 
ATOM   305 C CA  . THR A 1 43  ? 1.030   18.235  -3.693  1.00 13.67 ? 43  THR A CA  1 
ATOM   306 C C   . THR A 1 43  ? 2.279   17.768  -4.404  1.00 14.82 ? 43  THR A C   1 
ATOM   307 O O   . THR A 1 43  ? 3.152   17.161  -3.793  1.00 13.88 ? 43  THR A O   1 
ATOM   308 C CB  . THR A 1 43  ? 1.361   19.397  -2.766  1.00 13.90 ? 43  THR A CB  1 
ATOM   309 O OG1 . THR A 1 43  ? 0.176   19.777  -2.058  1.00 14.17 ? 43  THR A OG1 1 
ATOM   310 C CG2 . THR A 1 43  ? 1.873   20.612  -3.557  1.00 14.33 ? 43  THR A CG2 1 
ATOM   311 N N   . TYR A 1 44  ? 2.333   18.030  -5.707  1.00 17.10 ? 44  TYR A N   1 
ATOM   312 C CA  . TYR A 1 44  ? 3.438   17.603  -6.541  1.00 20.20 ? 44  TYR A CA  1 
ATOM   313 C C   . TYR A 1 44  ? 3.419   18.483  -7.776  1.00 21.83 ? 44  TYR A C   1 
ATOM   314 O O   . TYR A 1 44  ? 2.482   19.262  -7.977  1.00 21.80 ? 44  TYR A O   1 
ATOM   315 C CB  . TYR A 1 44  ? 3.265   16.128  -6.937  1.00 21.50 ? 44  TYR A CB  1 
ATOM   316 C CG  . TYR A 1 44  ? 1.936   15.853  -7.599  1.00 23.15 ? 44  TYR A CG  1 
ATOM   317 C CD1 . TYR A 1 44  ? 0.791   15.643  -6.836  1.00 24.51 ? 44  TYR A CD1 1 
ATOM   318 C CD2 . TYR A 1 44  ? 1.818   15.817  -8.987  1.00 23.88 ? 44  TYR A CD2 1 
ATOM   319 C CE1 . TYR A 1 44  ? -0.428  15.413  -7.431  1.00 25.64 ? 44  TYR A CE1 1 
ATOM   320 C CE2 . TYR A 1 44  ? 0.594   15.580  -9.594  1.00 25.60 ? 44  TYR A CE2 1 
ATOM   321 C CZ  . TYR A 1 44  ? -0.523  15.382  -8.806  1.00 25.23 ? 44  TYR A CZ  1 
ATOM   322 O OH  . TYR A 1 44  ? -1.746  15.143  -9.388  1.00 26.56 ? 44  TYR A OH  1 
ATOM   323 N N   . ARG A 1 45  ? 4.456   18.370  -8.588  1.00 24.40 ? 45  ARG A N   1 
ATOM   324 C CA  . ARG A 1 45  ? 4.533   19.120  -9.822  1.00 26.99 ? 45  ARG A CA  1 
ATOM   325 C C   . ARG A 1 45  ? 4.029   18.247  -10.954 1.00 28.71 ? 45  ARG A C   1 
ATOM   326 O O   . ARG A 1 45  ? 4.367   17.068  -11.029 1.00 28.74 ? 45  ARG A O   1 
ATOM   327 C CB  . ARG A 1 45  ? 5.976   19.543  -10.072 1.00 27.30 ? 45  ARG A CB  1 
ATOM   328 C CG  . ARG A 1 45  ? 6.230   20.290  -11.374 1.00 28.84 ? 45  ARG A CG  1 
ATOM   329 C CD  . ARG A 1 45  ? 7.713   20.583  -11.533 1.00 31.45 ? 45  ARG A CD  1 
ATOM   330 N NE  . ARG A 1 45  ? 8.188   21.493  -10.495 1.00 32.66 ? 45  ARG A NE  1 
ATOM   331 C CZ  . ARG A 1 45  ? 8.793   21.116  -9.369  1.00 33.10 ? 45  ARG A CZ  1 
ATOM   332 N NH1 . ARG A 1 45  ? 9.026   19.830  -9.119  1.00 33.75 ? 45  ARG A NH1 1 
ATOM   333 N NH2 . ARG A 1 45  ? 9.175   22.034  -8.496  1.00 33.70 ? 45  ARG A NH2 1 
ATOM   334 N N   . TRP A 1 46  ? 3.203   18.826  -11.818 1.00 31.11 ? 46  TRP A N   1 
ATOM   335 C CA  . TRP A 1 46  ? 2.788   18.150  -13.040 1.00 33.33 ? 46  TRP A CA  1 
ATOM   336 C C   . TRP A 1 46  ? 3.021   19.103  -14.205 1.00 34.19 ? 46  TRP A C   1 
ATOM   337 O O   . TRP A 1 46  ? 2.287   20.080  -14.379 1.00 34.52 ? 46  TRP A O   1 
ATOM   338 C CB  . TRP A 1 46  ? 1.332   17.682  -12.943 1.00 34.25 ? 46  TRP A CB  1 
ATOM   339 C CG  . TRP A 1 46  ? 0.942   16.642  -13.958 1.00 35.47 ? 46  TRP A CG  1 
ATOM   340 C CD1 . TRP A 1 46  ? 1.764   15.736  -14.572 1.00 36.22 ? 46  TRP A CD1 1 
ATOM   341 C CD2 . TRP A 1 46  ? -0.380  16.379  -14.450 1.00 36.49 ? 46  TRP A CD2 1 
ATOM   342 N NE1 . TRP A 1 46  ? 1.038   14.941  -15.427 1.00 37.02 ? 46  TRP A NE1 1 
ATOM   343 C CE2 . TRP A 1 46  ? -0.279  15.313  -15.372 1.00 36.79 ? 46  TRP A CE2 1 
ATOM   344 C CE3 . TRP A 1 46  ? -1.639  16.946  -14.207 1.00 37.13 ? 46  TRP A CE3 1 
ATOM   345 C CZ2 . TRP A 1 46  ? -1.392  14.800  -16.053 1.00 36.59 ? 46  TRP A CZ2 1 
ATOM   346 C CZ3 . TRP A 1 46  ? -2.745  16.435  -14.884 1.00 36.43 ? 46  TRP A CZ3 1 
ATOM   347 C CH2 . TRP A 1 46  ? -2.612  15.374  -15.795 1.00 36.38 ? 46  TRP A CH2 1 
ATOM   348 N N   . GLN A 1 47  ? 4.075   18.805  -14.968 1.00 35.21 ? 47  GLN A N   1 
ATOM   349 C CA  . GLN A 1 47  ? 4.641   19.676  -16.013 1.00 36.00 ? 47  GLN A CA  1 
ATOM   350 C C   . GLN A 1 47  ? 4.516   21.192  -15.769 1.00 35.96 ? 47  GLN A C   1 
ATOM   351 O O   . GLN A 1 47  ? 3.616   21.855  -16.301 1.00 36.23 ? 47  GLN A O   1 
ATOM   352 C CB  . GLN A 1 47  ? 4.151   19.277  -17.418 1.00 36.34 ? 47  GLN A CB  1 
ATOM   353 C CG  . GLN A 1 47  ? 4.645   17.897  -17.921 1.00 37.85 ? 47  GLN A CG  1 
ATOM   354 C CD  . GLN A 1 47  ? 6.163   17.804  -18.132 1.00 39.55 ? 47  GLN A CD  1 
ATOM   355 O OE1 . GLN A 1 47  ? 6.913   18.747  -17.864 1.00 40.59 ? 47  GLN A OE1 1 
ATOM   356 N NE2 . GLN A 1 47  ? 6.617   16.649  -18.614 1.00 40.07 ? 47  GLN A NE2 1 
ATOM   357 N N   . GLY A 1 48  ? 5.433   21.717  -14.956 1.00 35.78 ? 48  GLY A N   1 
ATOM   358 C CA  . GLY A 1 48  ? 5.559   23.159  -14.713 1.00 35.28 ? 48  GLY A CA  1 
ATOM   359 C C   . GLY A 1 48  ? 4.425   23.804  -13.936 1.00 34.90 ? 48  GLY A C   1 
ATOM   360 O O   . GLY A 1 48  ? 4.209   25.018  -14.027 1.00 35.25 ? 48  GLY A O   1 
ATOM   361 N N   . LYS A 1 49  ? 3.704   22.994  -13.166 1.00 34.12 ? 49  LYS A N   1 
ATOM   362 C CA  . LYS A 1 49  ? 2.573   23.469  -12.384 1.00 33.40 ? 49  LYS A CA  1 
ATOM   363 C C   . LYS A 1 49  ? 2.571   22.747  -11.043 1.00 32.15 ? 49  LYS A C   1 
ATOM   364 O O   . LYS A 1 49  ? 2.825   21.549  -10.987 1.00 31.93 ? 49  LYS A O   1 
ATOM   365 C CB  . LYS A 1 49  ? 1.270   23.176  -13.135 1.00 33.53 ? 49  LYS A CB  1 
ATOM   366 C CG  . LYS A 1 49  ? 0.067   24.016  -12.715 1.00 34.30 ? 49  LYS A CG  1 
ATOM   367 C CD  . LYS A 1 49  ? -1.132  23.797  -13.649 1.00 34.42 ? 49  LYS A CD  1 
ATOM   368 C CE  . LYS A 1 49  ? -0.930  24.466  -15.012 1.00 36.51 ? 49  LYS A CE  1 
ATOM   369 N NZ  . LYS A 1 49  ? -2.116  24.324  -15.908 1.00 37.23 ? 49  LYS A NZ  1 
ATOM   370 N N   . ILE A 1 50  ? 2.299   23.480  -9.967  1.00 30.88 ? 50  ILE A N   1 
ATOM   371 C CA  . ILE A 1 50  ? 2.082   22.851  -8.670  1.00 29.78 ? 50  ILE A CA  1 
ATOM   372 C C   . ILE A 1 50  ? 0.639   22.375  -8.657  1.00 28.95 ? 50  ILE A C   1 
ATOM   373 O O   . ILE A 1 50  ? -0.293  23.169  -8.823  1.00 29.00 ? 50  ILE A O   1 
ATOM   374 C CB  . ILE A 1 50  ? 2.372   23.805  -7.484  1.00 29.79 ? 50  ILE A CB  1 
ATOM   375 C CG1 . ILE A 1 50  ? 3.846   24.236  -7.479  1.00 30.13 ? 50  ILE A CG1 1 
ATOM   376 C CG2 . ILE A 1 50  ? 2.005   23.156  -6.146  1.00 29.96 ? 50  ILE A CG2 1 
ATOM   377 C CD1 . ILE A 1 50  ? 4.865   23.087  -7.607  1.00 30.43 ? 50  ILE A CD1 1 
ATOM   378 N N   . GLU A 1 51  ? 0.471   21.068  -8.496  1.00 27.57 ? 51  GLU A N   1 
ATOM   379 C CA  . GLU A 1 51  ? -0.843  20.456  -8.511  1.00 26.20 ? 51  GLU A CA  1 
ATOM   380 C C   . GLU A 1 51  ? -1.126  19.817  -7.171  1.00 24.94 ? 51  GLU A C   1 
ATOM   381 O O   . GLU A 1 51  ? -0.205  19.355  -6.485  1.00 23.52 ? 51  GLU A O   1 
ATOM   382 C CB  . GLU A 1 51  ? -0.923  19.398  -9.610  1.00 26.90 ? 51  GLU A CB  1 
ATOM   383 C CG  . GLU A 1 51  ? -0.994  19.961  -11.018 1.00 29.06 ? 51  GLU A CG  1 
ATOM   384 C CD  . GLU A 1 51  ? -2.406  20.293  -11.438 1.00 32.02 ? 51  GLU A CD  1 
ATOM   385 O OE1 . GLU A 1 51  ? -2.952  19.547  -12.277 1.00 35.31 ? 51  GLU A OE1 1 
ATOM   386 O OE2 . GLU A 1 51  ? -2.975  21.284  -10.926 1.00 33.33 ? 51  GLU A OE2 1 
ATOM   387 N N   . THR A 1 52  ? -2.400  19.812  -6.798  1.00 23.28 ? 52  THR A N   1 
ATOM   388 C CA  . THR A 1 52  ? -2.853  19.107  -5.615  1.00 22.59 ? 52  THR A CA  1 
ATOM   389 C C   . THR A 1 52  ? -3.937  18.146  -6.038  1.00 21.42 ? 52  THR A C   1 
ATOM   390 O O   . THR A 1 52  ? -4.736  18.437  -6.933  1.00 21.66 ? 52  THR A O   1 
ATOM   391 C CB  . THR A 1 52  ? -3.395  20.043  -4.518  1.00 22.51 ? 52  THR A CB  1 
ATOM   392 O OG1 . THR A 1 52  ? -4.530  20.771  -5.012  1.00 24.11 ? 52  THR A OG1 1 
ATOM   393 C CG2 . THR A 1 52  ? -2.330  21.020  -4.058  1.00 23.60 ? 52  THR A CG2 1 
ATOM   394 N N   . THR A 1 53  ? -3.958  16.990  -5.398  1.00 19.14 ? 53  THR A N   1 
ATOM   395 C CA  . THR A 1 53  ? -4.952  15.991  -5.719  1.00 18.33 ? 53  THR A CA  1 
ATOM   396 C C   . THR A 1 53  ? -5.432  15.394  -4.420  1.00 16.69 ? 53  THR A C   1 
ATOM   397 O O   . THR A 1 53  ? -4.638  15.125  -3.524  1.00 14.55 ? 53  THR A O   1 
ATOM   398 C CB  . THR A 1 53  ? -4.389  14.905  -6.662  1.00 18.84 ? 53  THR A CB  1 
ATOM   399 O OG1 . THR A 1 53  ? -5.415  13.962  -7.005  1.00 22.64 ? 53  THR A OG1 1 
ATOM   400 C CG2 . THR A 1 53  ? -3.226  14.182  -6.042  1.00 20.40 ? 53  THR A CG2 1 
ATOM   401 N N   . GLN A 1 54  ? -6.738  15.206  -4.319  1.00 15.74 ? 54  GLN A N   1 
ATOM   402 C CA  . GLN A 1 54  ? -7.328  14.542  -3.172  1.00 16.93 ? 54  GLN A CA  1 
ATOM   403 C C   . GLN A 1 54  ? -7.047  13.070  -3.318  1.00 16.06 ? 54  GLN A C   1 
ATOM   404 O O   . GLN A 1 54  ? -7.180  12.509  -4.409  1.00 16.48 ? 54  GLN A O   1 
ATOM   405 C CB  . GLN A 1 54  ? -8.836  14.788  -3.133  1.00 17.28 ? 54  GLN A CB  1 
ATOM   406 C CG  . GLN A 1 54  ? -9.205  16.263  -2.991  1.00 19.94 ? 54  GLN A CG  1 
ATOM   407 C CD  . GLN A 1 54  ? -10.697 16.512  -3.059  1.00 20.30 ? 54  GLN A CD  1 
ATOM   408 O OE1 . GLN A 1 54  ? -11.415 15.867  -3.825  1.00 26.38 ? 54  GLN A OE1 1 
ATOM   409 N NE2 . GLN A 1 54  ? -11.170 17.470  -2.271  1.00 25.80 ? 54  GLN A NE2 1 
ATOM   410 N N   . GLU A 1 55  ? -6.636  12.443  -2.225  1.00 14.55 ? 55  GLU A N   1 
ATOM   411 C CA  . GLU A 1 55  ? -6.253  11.049  -2.281  1.00 14.22 ? 55  GLU A CA  1 
ATOM   412 C C   . GLU A 1 55  ? -6.655  10.321  -1.020  1.00 13.16 ? 55  GLU A C   1 
ATOM   413 O O   . GLU A 1 55  ? -7.073  10.921  -0.036  1.00 13.13 ? 55  GLU A O   1 
ATOM   414 C CB  . GLU A 1 55  ? -4.742  10.928  -2.455  1.00 14.64 ? 55  GLU A CB  1 
ATOM   415 C CG  . GLU A 1 55  ? -4.230  11.483  -3.752  1.00 16.07 ? 55  GLU A CG  1 
ATOM   416 C CD  . GLU A 1 55  ? -2.857  10.974  -4.057  1.00 17.59 ? 55  GLU A CD  1 
ATOM   417 O OE1 . GLU A 1 55  ? -1.916  11.315  -3.319  1.00 17.64 ? 55  GLU A OE1 1 
ATOM   418 O OE2 . GLU A 1 55  ? -2.712  10.179  -4.999  1.00 20.28 ? 55  GLU A OE2 1 
ATOM   419 N N   . ILE A 1 56  ? -6.533  9.006   -1.088  1.00 12.60 ? 56  ILE A N   1 
ATOM   420 C CA  . ILE A 1 56  ? -6.590  8.137   0.072   1.00 12.77 ? 56  ILE A CA  1 
ATOM   421 C C   . ILE A 1 56  ? -5.189  7.605   0.245   1.00 12.06 ? 56  ILE A C   1 
ATOM   422 O O   . ILE A 1 56  ? -4.584  7.139   -0.719  1.00 11.84 ? 56  ILE A O   1 
ATOM   423 C CB  . ILE A 1 56  ? -7.516  6.946   -0.190  1.00 13.44 ? 56  ILE A CB  1 
ATOM   424 C CG1 . ILE A 1 56  ? -8.875  7.422   -0.727  1.00 15.72 ? 56  ILE A CG1 1 
ATOM   425 C CG2 . ILE A 1 56  ? -7.641  6.042   1.050   1.00 13.55 ? 56  ILE A CG2 1 
ATOM   426 C CD1 . ILE A 1 56  ? -9.646  8.268   0.227   1.00 17.93 ? 56  ILE A CD1 1 
ATOM   427 N N   . GLN A 1 57  ? -4.657  7.694   1.457   1.00 11.09 ? 57  GLN A N   1 
ATOM   428 C CA  . GLN A 1 57  ? -3.355  7.144   1.744   1.00 11.23 ? 57  GLN A CA  1 
ATOM   429 C C   . GLN A 1 57  ? -3.517  5.693   2.127   1.00 11.46 ? 57  GLN A C   1 
ATOM   430 O O   . GLN A 1 57  ? -4.387  5.356   2.931   1.00 12.40 ? 57  GLN A O   1 
ATOM   431 C CB  . GLN A 1 57  ? -2.692  7.932   2.879   1.00 11.92 ? 57  GLN A CB  1 
ATOM   432 C CG  . GLN A 1 57  ? -1.352  7.362   3.315   1.00 12.16 ? 57  GLN A CG  1 
ATOM   433 C CD  . GLN A 1 57  ? -0.269  7.620   2.312   1.00 13.54 ? 57  GLN A CD  1 
ATOM   434 O OE1 . GLN A 1 57  ? 0.433   6.696   1.869   1.00 15.15 ? 57  GLN A OE1 1 
ATOM   435 N NE2 . GLN A 1 57  ? -0.126  8.864   1.932   1.00 10.26 ? 57  GLN A NE2 1 
ATOM   436 N N   . LEU A 1 58  ? -2.689  4.832   1.546   1.00 10.97 ? 58  LEU A N   1 
ATOM   437 C CA  . LEU A 1 58  ? -2.707  3.428   1.898   1.00 11.12 ? 58  LEU A CA  1 
ATOM   438 C C   . LEU A 1 58  ? -1.473  3.072   2.677   1.00 11.04 ? 58  LEU A C   1 
ATOM   439 O O   . LEU A 1 58  ? -0.377  3.570   2.400   1.00 10.91 ? 58  LEU A O   1 
ATOM   440 C CB  . LEU A 1 58  ? -2.756  2.541   0.653   1.00 11.31 ? 58  LEU A CB  1 
ATOM   441 C CG  . LEU A 1 58  ? -3.926  2.737   -0.303  1.00 12.02 ? 58  LEU A CG  1 
ATOM   442 C CD1 . LEU A 1 58  ? -3.751  1.709   -1.400  1.00 15.11 ? 58  LEU A CD1 1 
ATOM   443 C CD2 . LEU A 1 58  ? -5.248  2.531   0.394   1.00 13.28 ? 58  LEU A CD2 1 
ATOM   444 N N   . LEU A 1 59  ? -1.679  2.210   3.662   1.00 10.99 ? 59  LEU A N   1 
ATOM   445 C CA  . LEU A 1 59  ? -0.601  1.613   4.425   1.00 11.63 ? 59  LEU A CA  1 
ATOM   446 C C   . LEU A 1 59  ? -0.804  0.127   4.299   1.00 11.33 ? 59  LEU A C   1 
ATOM   447 O O   . LEU A 1 59  ? -1.747  -0.433  4.849   1.00 11.45 ? 59  LEU A O   1 
ATOM   448 C CB  . LEU A 1 59  ? -0.657  2.012   5.903   1.00 12.29 ? 59  LEU A CB  1 
ATOM   449 C CG  . LEU A 1 59  ? -0.416  3.459   6.298   1.00 15.08 ? 59  LEU A CG  1 
ATOM   450 C CD1 . LEU A 1 59  ? -0.657  3.603   7.778   1.00 17.13 ? 59  LEU A CD1 1 
ATOM   451 C CD2 . LEU A 1 59  ? 0.994   3.861   5.976   1.00 18.67 ? 59  LEU A CD2 1 
ATOM   452 N N   . ILE A 1 60  ? 0.081   -0.502  3.552   1.00 11.18 ? 60  ILE A N   1 
ATOM   453 C CA  . ILE A 1 60  ? -0.058  -1.906  3.218   1.00 11.64 ? 60  ILE A CA  1 
ATOM   454 C C   . ILE A 1 60  ? 0.932   -2.681  4.046   1.00 11.75 ? 60  ILE A C   1 
ATOM   455 O O   . ILE A 1 60  ? 2.120   -2.398  4.006   1.00 12.20 ? 60  ILE A O   1 
ATOM   456 C CB  . ILE A 1 60  ? 0.234   -2.108  1.739   1.00 12.11 ? 60  ILE A CB  1 
ATOM   457 C CG1 . ILE A 1 60  ? -0.806  -1.365  0.919   1.00 11.54 ? 60  ILE A CG1 1 
ATOM   458 C CG2 . ILE A 1 60  ? 0.203   -3.575  1.377   1.00 12.91 ? 60  ILE A CG2 1 
ATOM   459 C CD1 . ILE A 1 60  ? -0.328  -1.002  -0.468  1.00 12.13 ? 60  ILE A CD1 1 
ATOM   460 N N   . LYS A 1 61  ? 0.450   -3.669  4.795   1.00 12.07 ? 61  LYS A N   1 
ATOM   461 C CA  . LYS A 1 61  ? 1.333   -4.446  5.651   1.00 12.46 ? 61  LYS A CA  1 
ATOM   462 C C   . LYS A 1 61  ? 1.591   -5.780  4.984   1.00 11.87 ? 61  LYS A C   1 
ATOM   463 O O   . LYS A 1 61  ? 0.674   -6.531  4.701   1.00 12.23 ? 61  LYS A O   1 
ATOM   464 C CB  . LYS A 1 61  ? 0.697   -4.668  7.022   1.00 13.54 ? 61  LYS A CB  1 
ATOM   465 C CG  . LYS A 1 61  ? 0.953   -3.564  8.041   1.00 17.97 ? 61  LYS A CG  1 
ATOM   466 C CD  . LYS A 1 61  ? 0.115   -2.335  7.805   1.00 22.91 ? 61  LYS A CD  1 
ATOM   467 C CE  . LYS A 1 61  ? -1.304  -2.519  8.293   1.00 24.68 ? 61  LYS A CE  1 
ATOM   468 N NZ  . LYS A 1 61  ? -2.135  -1.357  7.923   1.00 26.61 ? 61  LYS A NZ  1 
ATOM   469 N N   . THR A 1 62  ? 2.851   -6.081  4.739   1.00 12.03 ? 62  THR A N   1 
ATOM   470 C CA  . THR A 1 62  ? 3.184   -7.299  4.041   1.00 12.74 ? 62  THR A CA  1 
ATOM   471 C C   . THR A 1 62  ? 4.529   -7.771  4.555   1.00 13.04 ? 62  THR A C   1 
ATOM   472 O O   . THR A 1 62  ? 4.998   -7.285  5.572   1.00 12.31 ? 62  THR A O   1 
ATOM   473 C CB  . THR A 1 62  ? 3.152   -7.080  2.507   1.00 13.69 ? 62  THR A CB  1 
ATOM   474 O OG1 . THR A 1 62  ? 3.313   -8.336  1.834   1.00 15.03 ? 62  THR A OG1 1 
ATOM   475 C CG2 . THR A 1 62  ? 4.205   -6.090  2.052   1.00 13.46 ? 62  THR A CG2 1 
ATOM   476 N N   . ASN A 1 63  ? 5.143   -8.723  3.877   1.00 13.62 ? 63  ASN A N   1 
ATOM   477 C CA  . ASN A 1 63  ? 6.477   -9.138  4.256   1.00 13.85 ? 63  ASN A CA  1 
ATOM   478 C C   . ASN A 1 63  ? 7.414   -9.114  3.072   1.00 13.40 ? 63  ASN A C   1 
ATOM   479 O O   . ASN A 1 63  ? 6.988   -8.881  1.944   1.00 13.31 ? 63  ASN A O   1 
ATOM   480 C CB  . ASN A 1 63  ? 6.459   -10.505 4.964   1.00 14.27 ? 63  ASN A CB  1 
ATOM   481 C CG  . ASN A 1 63  ? 6.008   -11.635 4.068   1.00 15.28 ? 63  ASN A CG  1 
ATOM   482 O OD1 . ASN A 1 63  ? 5.902   -11.468 2.857   1.00 15.00 ? 63  ASN A OD1 1 
ATOM   483 N ND2 . ASN A 1 63  ? 5.738   -12.796 4.657   1.00 16.26 ? 63  ASN A ND2 1 
ATOM   484 N N   . ALA A 1 64  ? 8.689   -9.361  3.331   1.00 13.92 ? 64  ALA A N   1 
ATOM   485 C CA  . ALA A 1 64  ? 9.721   -9.203  2.331   1.00 14.11 ? 64  ALA A CA  1 
ATOM   486 C C   . ALA A 1 64  ? 9.411   -10.030 1.108   1.00 14.77 ? 64  ALA A C   1 
ATOM   487 O O   . ALA A 1 64  ? 9.582   -9.562  -0.009  1.00 15.30 ? 64  ALA A O   1 
ATOM   488 C CB  . ALA A 1 64  ? 11.081  -9.609  2.897   1.00 14.47 ? 64  ALA A CB  1 
ATOM   489 N N   . VAL A 1 65  ? 8.959   -11.264 1.313   1.00 14.95 ? 65  VAL A N   1 
ATOM   490 C CA  . VAL A 1 65  ? 8.785   -12.145 0.164   1.00 15.16 ? 65  VAL A CA  1 
ATOM   491 C C   . VAL A 1 65  ? 7.592   -11.733 -0.688  1.00 14.68 ? 65  VAL A C   1 
ATOM   492 O O   . VAL A 1 65  ? 7.466   -12.185 -1.823  1.00 15.28 ? 65  VAL A O   1 
ATOM   493 C CB  . VAL A 1 65  ? 8.745   -13.643 0.531   1.00 16.16 ? 65  VAL A CB  1 
ATOM   494 C CG1 . VAL A 1 65  ? 10.039  -14.042 1.235   1.00 16.68 ? 65  VAL A CG1 1 
ATOM   495 C CG2 . VAL A 1 65  ? 7.524   -13.996 1.347   1.00 17.73 ? 65  VAL A CG2 1 
ATOM   496 N N   . HIS A 1 66  ? 6.735   -10.864 -0.157  1.00 13.25 ? 66  HIS A N   1 
ATOM   497 C CA  . HIS A 1 66  ? 5.576   -10.407 -0.928  1.00 12.54 ? 66  HIS A CA  1 
ATOM   498 C C   . HIS A 1 66  ? 5.633   -8.959  -1.359  1.00 12.24 ? 66  HIS A C   1 
ATOM   499 O O   . HIS A 1 66  ? 4.731   -8.499  -2.043  1.00 11.70 ? 66  HIS A O   1 
ATOM   500 C CB  . HIS A 1 66  ? 4.276   -10.614 -0.152  1.00 12.85 ? 66  HIS A CB  1 
ATOM   501 C CG  . HIS A 1 66  ? 3.923   -12.046 0.040   1.00 13.58 ? 66  HIS A CG  1 
ATOM   502 N ND1 . HIS A 1 66  ? 4.388   -12.785 1.106   1.00 13.78 ? 66  HIS A ND1 1 
ATOM   503 C CD2 . HIS A 1 66  ? 3.160   -12.882 -0.699  1.00 15.46 ? 66  HIS A CD2 1 
ATOM   504 C CE1 . HIS A 1 66  ? 3.929   -14.020 1.013   1.00 16.16 ? 66  HIS A CE1 1 
ATOM   505 N NE2 . HIS A 1 66  ? 3.176   -14.105 -0.070  1.00 17.22 ? 66  HIS A NE2 1 
ATOM   506 N N   . VAL A 1 67  ? 6.671   -8.233  -0.952  1.00 11.73 ? 67  VAL A N   1 
ATOM   507 C CA  . VAL A 1 67  ? 6.745   -6.815  -1.274  1.00 12.35 ? 67  VAL A CA  1 
ATOM   508 C C   . VAL A 1 67  ? 6.606   -6.547  -2.766  1.00 11.61 ? 67  VAL A C   1 
ATOM   509 O O   . VAL A 1 67  ? 5.787   -5.724  -3.175  1.00 12.40 ? 67  VAL A O   1 
ATOM   510 C CB  . VAL A 1 67  ? 8.042   -6.186  -0.749  1.00 12.74 ? 67  VAL A CB  1 
ATOM   511 C CG1 . VAL A 1 67  ? 8.292   -4.824  -1.390  1.00 14.55 ? 67  VAL A CG1 1 
ATOM   512 C CG2 . VAL A 1 67  ? 7.971   -6.054  0.751   1.00 14.65 ? 67  VAL A CG2 1 
ATOM   513 N N   . ASN A 1 68  ? 7.395   -7.237  -3.587  1.00 11.35 ? 68  ASN A N   1 
ATOM   514 C CA  . ASN A 1 68  ? 7.368   -6.965  -5.009  1.00 10.72 ? 68  ASN A CA  1 
ATOM   515 C C   . ASN A 1 68  ? 6.027   -7.317  -5.591  1.00 10.93 ? 68  ASN A C   1 
ATOM   516 O O   . ASN A 1 68  ? 5.505   -6.573  -6.400  1.00 11.44 ? 68  ASN A O   1 
ATOM   517 C CB  . ASN A 1 68  ? 8.447   -7.751  -5.730  1.00 10.91 ? 68  ASN A CB  1 
ATOM   518 C CG  . ASN A 1 68  ? 9.827   -7.286  -5.376  1.00 11.91 ? 68  ASN A CG  1 
ATOM   519 O OD1 . ASN A 1 68  ? 10.001  -6.328  -4.618  1.00 12.19 ? 68  ASN A OD1 1 
ATOM   520 N ND2 . ASN A 1 68  ? 10.826  -7.973  -5.900  1.00 12.76 ? 68  ASN A ND2 1 
ATOM   521 N N   . ALA A 1 69  ? 5.473   -8.455  -5.185  1.00 10.50 ? 69  ALA A N   1 
ATOM   522 C CA  . ALA A 1 69  ? 4.183   -8.866  -5.716  1.00 10.87 ? 69  ALA A CA  1 
ATOM   523 C C   . ALA A 1 69  ? 3.079   -7.897  -5.314  1.00 10.82 ? 69  ALA A C   1 
ATOM   524 O O   . ALA A 1 69  ? 2.183   -7.596  -6.094  1.00 11.35 ? 69  ALA A O   1 
ATOM   525 C CB  . ALA A 1 69  ? 3.840   -10.261 -5.256  1.00 11.75 ? 69  ALA A CB  1 
ATOM   526 N N   . ALA A 1 70  ? 3.133   -7.419  -4.080  1.00 10.84 ? 70  ALA A N   1 
ATOM   527 C CA  . ALA A 1 70  ? 2.132   -6.474  -3.624  1.00 10.36 ? 70  ALA A CA  1 
ATOM   528 C C   . ALA A 1 70  ? 2.237   -5.186  -4.438  1.00 10.77 ? 70  ALA A C   1 
ATOM   529 O O   . ALA A 1 70  ? 1.230   -4.598  -4.836  1.00 10.68 ? 70  ALA A O   1 
ATOM   530 C CB  . ALA A 1 70  ? 2.316   -6.187  -2.145  1.00 11.73 ? 70  ALA A CB  1 
ATOM   531 N N   . ILE A 1 71  ? 3.468   -4.747  -4.682  1.00 10.38 ? 71  ILE A N   1 
ATOM   532 C CA  . ILE A 1 71  ? 3.656   -3.519  -5.431  1.00 10.99 ? 71  ILE A CA  1 
ATOM   533 C C   . ILE A 1 71  ? 3.199   -3.670  -6.871  1.00 11.39 ? 71  ILE A C   1 
ATOM   534 O O   . ILE A 1 71  ? 2.545   -2.782  -7.416  1.00 12.06 ? 71  ILE A O   1 
ATOM   535 C CB  . ILE A 1 71  ? 5.109   -3.041  -5.380  1.00 10.55 ? 71  ILE A CB  1 
ATOM   536 C CG1 . ILE A 1 71  ? 5.404   -2.501  -3.970  1.00 11.05 ? 71  ILE A CG1 1 
ATOM   537 C CG2 . ILE A 1 71  ? 5.349   -1.940  -6.438  1.00 12.03 ? 71  ILE A CG2 1 
ATOM   538 C CD1 . ILE A 1 71  ? 6.877   -2.149  -3.711  1.00 13.15 ? 71  ILE A CD1 1 
ATOM   539 N N   . THR A 1 72  ? 3.520   -4.799  -7.490  1.00 11.58 ? 72  THR A N   1 
ATOM   540 C CA  . THR A 1 72  ? 3.169   -4.936  -8.883  1.00 11.99 ? 72  THR A CA  1 
ATOM   541 C C   . THR A 1 72  ? 1.673   -5.152  -9.014  1.00 11.96 ? 72  THR A C   1 
ATOM   542 O O   . THR A 1 72  ? 1.051   -4.625  -9.934  1.00 11.43 ? 72  THR A O   1 
ATOM   543 C CB  . THR A 1 72  ? 3.960   -6.057  -9.589  1.00 13.32 ? 72  THR A CB  1 
ATOM   544 O OG1 . THR A 1 72  ? 3.644   -7.309  -9.000  1.00 15.73 ? 72  THR A OG1 1 
ATOM   545 C CG2 . THR A 1 72  ? 5.439   -5.843  -9.441  1.00 12.92 ? 72  THR A CG2 1 
ATOM   546 N N   . ARG A 1 73  ? 1.070   -5.896  -8.087  1.00 11.36 ? 73  ARG A N   1 
ATOM   547 C CA  . ARG A 1 73  ? -0.379  -6.061  -8.151  1.00 10.98 ? 73  ARG A CA  1 
ATOM   548 C C   . ARG A 1 73  ? -1.090  -4.742  -7.873  1.00 11.67 ? 73  ARG A C   1 
ATOM   549 O O   . ARG A 1 73  ? -2.079  -4.401  -8.518  1.00 11.23 ? 73  ARG A O   1 
ATOM   550 C CB  . ARG A 1 73  ? -0.839  -7.128  -7.167  1.00 11.86 ? 73  ARG A CB  1 
ATOM   551 C CG  . ARG A 1 73  ? -2.294  -7.519  -7.313  1.00 12.20 ? 73  ARG A CG  1 
ATOM   552 C CD  . ARG A 1 73  ? -2.565  -8.176  -8.657  1.00 14.71 ? 73  ARG A CD  1 
ATOM   553 N NE  . ARG A 1 73  ? -3.897  -8.765  -8.626  1.00 14.47 ? 73  ARG A NE  1 
ATOM   554 C CZ  . ARG A 1 73  ? -4.858  -8.504  -9.495  1.00 14.10 ? 73  ARG A CZ  1 
ATOM   555 N NH1 . ARG A 1 73  ? -6.040  -9.081  -9.321  1.00 14.01 ? 73  ARG A NH1 1 
ATOM   556 N NH2 . ARG A 1 73  ? -4.641  -7.697  -10.529 1.00 14.11 ? 73  ARG A NH2 1 
ATOM   557 N N   . LEU A 1 74  ? -0.572  -3.988  -6.913  1.00 11.59 ? 74  LEU A N   1 
ATOM   558 C CA  . LEU A 1 74  ? -1.064  -2.637  -6.678  1.00 12.42 ? 74  LEU A CA  1 
ATOM   559 C C   . LEU A 1 74  ? -1.041  -1.841  -7.981  1.00 12.15 ? 74  LEU A C   1 
ATOM   560 O O   . LEU A 1 74  ? -2.018  -1.180  -8.337  1.00 11.96 ? 74  LEU A O   1 
ATOM   561 C CB  . LEU A 1 74  ? -0.187  -1.972  -5.615  1.00 12.77 ? 74  LEU A CB  1 
ATOM   562 C CG  . LEU A 1 74  ? -0.205  -0.467  -5.379  1.00 15.54 ? 74  LEU A CG  1 
ATOM   563 C CD1 . LEU A 1 74  ? -1.419  -0.096  -4.600  1.00 19.08 ? 74  LEU A CD1 1 
ATOM   564 C CD2 . LEU A 1 74  ? 1.056   -0.065  -4.612  1.00 15.30 ? 74  LEU A CD2 1 
ATOM   565 N N   . CYS A 1 75  ? 0.071   -1.924  -8.699  1.00 11.81 ? 75  CYS A N   1 
ATOM   566 C CA  . CYS A 1 75  ? 0.146   -1.219  -9.969  1.00 12.06 ? 75  CYS A CA  1 
ATOM   567 C C   . CYS A 1 75  ? -0.906  -1.693  -10.944 1.00 11.68 ? 75  CYS A C   1 
ATOM   568 O O   . CYS A 1 75  ? -1.478  -0.885  -11.666 1.00 11.81 ? 75  CYS A O   1 
ATOM   569 C CB  . CYS A 1 75  ? 1.510   -1.404  -10.593 1.00 12.28 ? 75  CYS A CB  1 
ATOM   570 S SG  . CYS A 1 75  ? 2.781   -0.509  -9.757  1.00 14.13 ? 75  CYS A SG  1 
ATOM   571 N N   . ALA A 1 76  ? -1.136  -3.004  -10.974 1.00 11.55 ? 76  ALA A N   1 
ATOM   572 C CA  . ALA A 1 76  ? -2.067  -3.575  -11.934 1.00 11.91 ? 76  ALA A CA  1 
ATOM   573 C C   . ALA A 1 76  ? -3.479  -3.078  -11.667 1.00 12.13 ? 76  ALA A C   1 
ATOM   574 O O   . ALA A 1 76  ? -4.327  -3.071  -12.557 1.00 12.66 ? 76  ALA A O   1 
ATOM   575 C CB  . ALA A 1 76  ? -2.020  -5.089  -11.856 1.00 12.08 ? 76  ALA A CB  1 
ATOM   576 N N   . LEU A 1 77  ? -3.726  -2.681  -10.426 1.00 12.30 ? 77  LEU A N   1 
ATOM   577 C CA  . LEU A 1 77  ? -5.062  -2.281  -10.014 1.00 11.87 ? 77  LEU A CA  1 
ATOM   578 C C   . LEU A 1 77  ? -5.194  -0.786  -9.941  1.00 11.78 ? 77  LEU A C   1 
ATOM   579 O O   . LEU A 1 77  ? -6.257  -0.272  -9.607  1.00 12.67 ? 77  LEU A O   1 
ATOM   580 C CB  . LEU A 1 77  ? -5.356  -2.838  -8.628  1.00 12.49 ? 77  LEU A CB  1 
ATOM   581 C CG  . LEU A 1 77  ? -5.363  -4.357  -8.510  1.00 13.70 ? 77  LEU A CG  1 
ATOM   582 C CD1 . LEU A 1 77  ? -5.349  -4.763  -7.046  1.00 15.08 ? 77  LEU A CD1 1 
ATOM   583 C CD2 . LEU A 1 77  ? -6.566  -4.924  -9.236  1.00 14.45 ? 77  LEU A CD2 1 
ATOM   584 N N   . HIS A 1 78  ? -4.118  -0.076  -10.223 1.00 11.25 ? 78  HIS A N   1 
ATOM   585 C CA  . HIS A 1 78  ? -4.092  1.323   -9.860  1.00 11.08 ? 78  HIS A CA  1 
ATOM   586 C C   . HIS A 1 78  ? -4.599  2.233   -10.953 1.00 11.50 ? 78  HIS A C   1 
ATOM   587 O O   . HIS A 1 78  ? -4.266  2.038   -12.111 1.00 11.50 ? 78  HIS A O   1 
ATOM   588 C CB  . HIS A 1 78  ? -2.683  1.736   -9.506  1.00 11.43 ? 78  HIS A CB  1 
ATOM   589 C CG  . HIS A 1 78  ? -2.647  2.765   -8.437  1.00 10.94 ? 78  HIS A CG  1 
ATOM   590 N ND1 . HIS A 1 78  ? -2.968  4.080   -8.670  1.00 12.30 ? 78  HIS A ND1 1 
ATOM   591 C CD2 . HIS A 1 78  ? -2.383  2.661   -7.115  1.00 12.23 ? 78  HIS A CD2 1 
ATOM   592 C CE1 . HIS A 1 78  ? -2.878  4.754   -7.534  1.00 11.84 ? 78  HIS A CE1 1 
ATOM   593 N NE2 . HIS A 1 78  ? -2.522  3.917   -6.580  1.00 12.49 ? 78  HIS A NE2 1 
ATOM   594 N N   . PRO A 1 79  ? -5.409  3.237   -10.592 1.00 11.75 ? 79  PRO A N   1 
ATOM   595 C CA  . PRO A 1 79  ? -5.773  4.256   -11.563 1.00 11.99 ? 79  PRO A CA  1 
ATOM   596 C C   . PRO A 1 79  ? -4.598  5.005   -12.139 1.00 12.34 ? 79  PRO A C   1 
ATOM   597 O O   . PRO A 1 79  ? -4.648  5.444   -13.279 1.00 12.40 ? 79  PRO A O   1 
ATOM   598 C CB  . PRO A 1 79  ? -6.602  5.238   -10.735 1.00 11.98 ? 79  PRO A CB  1 
ATOM   599 C CG  . PRO A 1 79  ? -7.211  4.395   -9.697  1.00 12.44 ? 79  PRO A CG  1 
ATOM   600 C CD  . PRO A 1 79  ? -6.138  3.414   -9.323  1.00 11.98 ? 79  PRO A CD  1 
ATOM   601 N N   . TYR A 1 80  ? -3.553  5.198   -11.344 1.00 11.93 ? 80  TYR A N   1 
ATOM   602 C CA  . TYR A 1 80  ? -2.441  6.000   -11.805 1.00 12.66 ? 80  TYR A CA  1 
ATOM   603 C C   . TYR A 1 80  ? -1.468  5.174   -12.610 1.00 13.14 ? 80  TYR A C   1 
ATOM   604 O O   . TYR A 1 80  ? -1.204  4.016   -12.291 1.00 12.88 ? 80  TYR A O   1 
ATOM   605 C CB  . TYR A 1 80  ? -1.649  6.594   -10.648 1.00 12.56 ? 80  TYR A CB  1 
ATOM   606 C CG  . TYR A 1 80  ? -2.414  7.462   -9.681  1.00 14.09 ? 80  TYR A CG  1 
ATOM   607 C CD1 . TYR A 1 80  ? -3.629  8.045   -10.011 1.00 14.01 ? 80  TYR A CD1 1 
ATOM   608 C CD2 . TYR A 1 80  ? -1.885  7.709   -8.427  1.00 14.35 ? 80  TYR A CD2 1 
ATOM   609 C CE1 . TYR A 1 80  ? -4.300  8.840   -9.102  1.00 15.14 ? 80  TYR A CE1 1 
ATOM   610 C CE2 . TYR A 1 80  ? -2.541  8.503   -7.515  1.00 15.29 ? 80  TYR A CE2 1 
ATOM   611 C CZ  . TYR A 1 80  ? -3.750  9.060   -7.853  1.00 16.05 ? 80  TYR A CZ  1 
ATOM   612 O OH  . TYR A 1 80  ? -4.397  9.847   -6.933  1.00 17.96 ? 80  TYR A OH  1 
ATOM   613 N N   . ARG A 1 81  ? -0.907  5.808   -13.631 1.00 14.29 ? 81  ARG A N   1 
ATOM   614 C CA  . ARG A 1 81  ? 0.151   5.196   -14.412 1.00 15.07 ? 81  ARG A CA  1 
ATOM   615 C C   . ARG A 1 81  ? 1.391   4.967   -13.568 1.00 14.78 ? 81  ARG A C   1 
ATOM   616 O O   . ARG A 1 81  ? 2.079   3.971   -13.736 1.00 14.69 ? 81  ARG A O   1 
ATOM   617 C CB  . ARG A 1 81  ? 0.476   6.066   -15.628 1.00 16.30 ? 81  ARG A CB  1 
ATOM   618 C CG  . ARG A 1 81  ? 1.602   5.529   -16.507 1.00 19.47 ? 81  ARG A CG  1 
ATOM   619 C CD  . ARG A 1 81  ? 1.566   6.096   -17.927 1.00 26.83 ? 81  ARG A CD  1 
ATOM   620 N NE  . ARG A 1 81  ? 2.856   5.926   -18.598 1.00 30.59 ? 81  ARG A NE  1 
ATOM   621 C CZ  . ARG A 1 81  ? 3.019   5.697   -19.900 1.00 32.46 ? 81  ARG A CZ  1 
ATOM   622 N NH1 . ARG A 1 81  ? 1.972   5.585   -20.708 1.00 32.92 ? 81  ARG A NH1 1 
ATOM   623 N NH2 . ARG A 1 81  ? 4.245   5.559   -20.393 1.00 34.04 ? 81  ARG A NH2 1 
ATOM   624 N N   . LEU A 1 82  ? 1.682   5.903   -12.672 1.00 14.26 ? 82  LEU A N   1 
ATOM   625 C CA  . LEU A 1 82  ? 2.851   5.774   -11.835 1.00 14.56 ? 82  LEU A CA  1 
ATOM   626 C C   . LEU A 1 82  ? 2.433   6.032   -10.397 1.00 13.83 ? 82  LEU A C   1 
ATOM   627 O O   . LEU A 1 82  ? 2.475   7.165   -9.930  1.00 15.05 ? 82  LEU A O   1 
ATOM   628 C CB  . LEU A 1 82  ? 3.926   6.765   -12.272 1.00 15.34 ? 82  LEU A CB  1 
ATOM   629 C CG  . LEU A 1 82  ? 5.220   6.703   -11.460 1.00 17.70 ? 82  LEU A CG  1 
ATOM   630 C CD1 . LEU A 1 82  ? 5.776   5.295   -11.425 1.00 20.29 ? 82  LEU A CD1 1 
ATOM   631 C CD2 . LEU A 1 82  ? 6.232   7.673   -12.032 1.00 20.43 ? 82  LEU A CD2 1 
ATOM   632 N N   . PRO A 1 83  ? 1.997   4.983   -9.697  1.00 13.08 ? 83  PRO A N   1 
ATOM   633 C CA  . PRO A 1 83  ? 1.572   5.209   -8.329  1.00 12.75 ? 83  PRO A CA  1 
ATOM   634 C C   . PRO A 1 83  ? 2.725   5.257   -7.359  1.00 12.68 ? 83  PRO A C   1 
ATOM   635 O O   . PRO A 1 83  ? 3.799   4.726   -7.615  1.00 12.44 ? 83  PRO A O   1 
ATOM   636 C CB  . PRO A 1 83  ? 0.706   3.994   -8.020  1.00 13.07 ? 83  PRO A CB  1 
ATOM   637 C CG  . PRO A 1 83  ? 1.191   2.927   -8.922  1.00 14.05 ? 83  PRO A CG  1 
ATOM   638 C CD  . PRO A 1 83  ? 1.848   3.578   -10.113 1.00 13.09 ? 83  PRO A CD  1 
ATOM   639 N N   . GLU A 1 84  ? 2.473   5.915   -6.242  1.00 11.91 ? 84  GLU A N   1 
ATOM   640 C CA  . GLU A 1 84  ? 3.359   5.819   -5.110  1.00 11.94 ? 84  GLU A CA  1 
ATOM   641 C C   . GLU A 1 84  ? 3.412   4.376   -4.641  1.00 11.96 ? 84  GLU A C   1 
ATOM   642 O O   . GLU A 1 84  ? 2.378   3.724   -4.452  1.00 11.86 ? 84  GLU A O   1 
ATOM   643 C CB  . GLU A 1 84  ? 2.833   6.718   -4.001  1.00 11.89 ? 84  GLU A CB  1 
ATOM   644 C CG  . GLU A 1 84  ? 3.581   6.604   -2.683  1.00 12.19 ? 84  GLU A CG  1 
ATOM   645 C CD  . GLU A 1 84  ? 2.891   7.395   -1.610  1.00 13.89 ? 84  GLU A CD  1 
ATOM   646 O OE1 . GLU A 1 84  ? 2.323   6.795   -0.688  1.00 14.84 ? 84  GLU A OE1 1 
ATOM   647 O OE2 . GLU A 1 84  ? 2.879   8.630   -1.725  1.00 15.42 ? 84  GLU A OE2 1 
ATOM   648 N N   . ALA A 1 85  ? 4.617   3.862   -4.465  1.00 11.88 ? 85  ALA A N   1 
ATOM   649 C CA  . ALA A 1 85  ? 4.749   2.546   -3.874  1.00 12.32 ? 85  ALA A CA  1 
ATOM   650 C C   . ALA A 1 85  ? 6.124   2.507   -3.274  1.00 12.85 ? 85  ALA A C   1 
ATOM   651 O O   . ALA A 1 85  ? 7.108   2.310   -3.961  1.00 13.04 ? 85  ALA A O   1 
ATOM   652 C CB  . ALA A 1 85  ? 4.572   1.446   -4.906  1.00 13.07 ? 85  ALA A CB  1 
ATOM   653 N N   . ILE A 1 86  ? 6.183   2.773   -1.978  1.00 12.19 ? 86  ILE A N   1 
ATOM   654 C CA  . ILE A 1 86  ? 7.461   2.796   -1.295  1.00 13.24 ? 86  ILE A CA  1 
ATOM   655 C C   . ILE A 1 86  ? 7.328   1.972   -0.039  1.00 12.09 ? 86  ILE A C   1 
ATOM   656 O O   . ILE A 1 86  ? 6.348   2.096   0.689   1.00 12.02 ? 86  ILE A O   1 
ATOM   657 C CB  . ILE A 1 86  ? 7.912   4.221   -0.955  1.00 13.58 ? 86  ILE A CB  1 
ATOM   658 C CG1 . ILE A 1 86  ? 6.786   5.007   -0.277  1.00 14.88 ? 86  ILE A CG1 1 
ATOM   659 C CG2 . ILE A 1 86  ? 8.359   4.933   -2.225  1.00 15.54 ? 86  ILE A CG2 1 
ATOM   660 C CD1 . ILE A 1 86  ? 7.175   6.413   0.160   1.00 15.63 ? 86  ILE A CD1 1 
ATOM   661 N N   . ALA A 1 87  ? 8.301   1.101   0.182   1.00 11.74 ? 87  ALA A N   1 
ATOM   662 C CA  . ALA A 1 87  ? 8.217   0.139   1.269   1.00 12.16 ? 87  ALA A CA  1 
ATOM   663 C C   . ALA A 1 87  ? 9.263   0.455   2.290   1.00 12.24 ? 87  ALA A C   1 
ATOM   664 O O   . ALA A 1 87  ? 10.419  0.743   1.957   1.00 12.39 ? 87  ALA A O   1 
ATOM   665 C CB  . ALA A 1 87  ? 8.389   -1.291  0.751   1.00 12.43 ? 87  ALA A CB  1 
ATOM   666 N N   . VAL A 1 88  ? 8.843   0.396   3.545   1.00 12.46 ? 88  VAL A N   1 
ATOM   667 C CA  . VAL A 1 88  ? 9.732   0.651   4.652   1.00 13.27 ? 88  VAL A CA  1 
ATOM   668 C C   . VAL A 1 88  ? 9.795   -0.635  5.462   1.00 13.46 ? 88  VAL A C   1 
ATOM   669 O O   . VAL A 1 88  ? 8.770   -1.238  5.772   1.00 12.79 ? 88  VAL A O   1 
ATOM   670 C CB  . VAL A 1 88  ? 9.201   1.800   5.505   1.00 13.96 ? 88  VAL A CB  1 
ATOM   671 C CG1 . VAL A 1 88  ? 10.063  1.979   6.713   1.00 16.02 ? 88  VAL A CG1 1 
ATOM   672 C CG2 . VAL A 1 88  ? 9.143   3.079   4.699   1.00 14.99 ? 88  VAL A CG2 1 
ATOM   673 N N   . GLN A 1 89  ? 11.009  -1.067  5.770   1.00 14.47 ? 89  GLN A N   1 
ATOM   674 C CA  . GLN A 1 89  ? 11.202  -2.236  6.608   1.00 15.30 ? 89  GLN A CA  1 
ATOM   675 C C   . GLN A 1 89  ? 10.814  -1.939  8.049   1.00 15.28 ? 89  GLN A C   1 
ATOM   676 O O   . GLN A 1 89  ? 11.215  -0.923  8.615   1.00 16.09 ? 89  GLN A O   1 
ATOM   677 C CB  . GLN A 1 89  ? 12.656  -2.693  6.560   1.00 16.54 ? 89  GLN A CB  1 
ATOM   678 C CG  . GLN A 1 89  ? 12.865  -4.041  7.232   1.00 17.97 ? 89  GLN A CG  1 
ATOM   679 C CD  . GLN A 1 89  ? 14.271  -4.561  7.094   1.00 22.64 ? 89  GLN A CD  1 
ATOM   680 O OE1 . GLN A 1 89  ? 14.507  -5.763  7.222   1.00 26.75 ? 89  GLN A OE1 1 
ATOM   681 N NE2 . GLN A 1 89  ? 15.217  -3.669  6.823   1.00 23.76 ? 89  GLN A NE2 1 
ATOM   682 N N   . VAL A 1 90  ? 10.032  -2.834  8.639   1.00 14.98 ? 90  VAL A N   1 
ATOM   683 C CA  . VAL A 1 90  ? 9.722   -2.755  10.058  1.00 15.28 ? 90  VAL A CA  1 
ATOM   684 C C   . VAL A 1 90  ? 10.935  -3.236  10.836  1.00 15.79 ? 90  VAL A C   1 
ATOM   685 O O   . VAL A 1 90  ? 11.461  -4.315  10.573  1.00 16.25 ? 90  VAL A O   1 
ATOM   686 C CB  . VAL A 1 90  ? 8.466   -3.578  10.386  1.00 15.28 ? 90  VAL A CB  1 
ATOM   687 C CG1 . VAL A 1 90  ? 8.307   -3.800  11.886  1.00 16.13 ? 90  VAL A CG1 1 
ATOM   688 C CG2 . VAL A 1 90  ? 7.244   -2.873  9.820   1.00 15.09 ? 90  VAL A CG2 1 
ATOM   689 N N   . SER A 1 91  ? 11.395  -2.414  11.769  1.00 15.54 ? 91  SER A N   1 
ATOM   690 C CA  . SER A 1 91  ? 12.572  -2.750  12.557  1.00 16.67 ? 91  SER A CA  1 
ATOM   691 C C   . SER A 1 91  ? 12.214  -3.804  13.588  1.00 16.46 ? 91  SER A C   1 
ATOM   692 O O   . SER A 1 91  ? 12.899  -4.810  13.741  1.00 17.43 ? 91  SER A O   1 
ATOM   693 C CB  . SER A 1 91  ? 13.092  -1.494  13.244  1.00 16.70 ? 91  SER A CB  1 
ATOM   694 O OG  . SER A 1 91  ? 13.424  -0.490  12.299  1.00 21.09 ? 91  SER A OG  1 
ATOM   695 N N   . VAL A 1 92  ? 11.129  -3.556  14.310  1.00 15.62 ? 92  VAL A N   1 
ATOM   696 C CA  . VAL A 1 92  ? 10.675  -4.474  15.340  1.00 15.96 ? 92  VAL A CA  1 
ATOM   697 C C   . VAL A 1 92  ? 9.179   -4.323  15.497  1.00 15.26 ? 92  VAL A C   1 
ATOM   698 O O   . VAL A 1 92  ? 8.582   -3.352  15.055  1.00 14.85 ? 92  VAL A O   1 
ATOM   699 C CB  . VAL A 1 92  ? 11.426  -4.262  16.676  1.00 16.98 ? 92  VAL A CB  1 
ATOM   700 C CG1 . VAL A 1 92  ? 11.136  -2.892  17.253  1.00 16.81 ? 92  VAL A CG1 1 
ATOM   701 C CG2 . VAL A 1 92  ? 11.097  -5.379  17.668  1.00 18.44 ? 92  VAL A CG2 1 
ATOM   702 N N   . GLY A 1 93  ? 8.562   -5.307  16.111  1.00 14.33 ? 93  GLY A N   1 
ATOM   703 C CA  . GLY A 1 93  ? 7.139   -5.257  16.284  1.00 14.02 ? 93  GLY A CA  1 
ATOM   704 C C   . GLY A 1 93  ? 6.702   -6.252  17.307  1.00 13.86 ? 93  GLY A C   1 
ATOM   705 O O   . GLY A 1 93  ? 7.481   -7.102  17.743  1.00 13.83 ? 93  GLY A O   1 
ATOM   706 N N   . LEU A 1 94  ? 5.442   -6.137  17.674  1.00 12.76 ? 94  LEU A N   1 
ATOM   707 C CA  . LEU A 1 94  ? 4.842   -7.102  18.563  1.00 12.65 ? 94  LEU A CA  1 
ATOM   708 C C   . LEU A 1 94  ? 4.990   -8.475  17.912  1.00 12.84 ? 94  LEU A C   1 
ATOM   709 O O   . LEU A 1 94  ? 4.528   -8.677  16.804  1.00 12.77 ? 94  LEU A O   1 
ATOM   710 C CB  . LEU A 1 94  ? 3.382   -6.740  18.755  1.00 12.49 ? 94  LEU A CB  1 
ATOM   711 C CG  . LEU A 1 94  ? 2.576   -7.682  19.628  1.00 12.30 ? 94  LEU A CG  1 
ATOM   712 C CD1 . LEU A 1 94  ? 3.096   -7.614  21.070  1.00 12.65 ? 94  LEU A CD1 1 
ATOM   713 C CD2 . LEU A 1 94  ? 1.129   -7.333  19.554  1.00 13.66 ? 94  LEU A CD2 1 
ATOM   714 N N   . PRO A 1 95  ? 5.686   -9.417  18.573  1.00 13.00 ? 95  PRO A N   1 
ATOM   715 C CA  . PRO A 1 95  ? 5.976   -10.670 17.883  1.00 13.26 ? 95  PRO A CA  1 
ATOM   716 C C   . PRO A 1 95  ? 4.764   -11.365 17.287  1.00 13.56 ? 95  PRO A C   1 
ATOM   717 O O   . PRO A 1 95  ? 4.819   -11.794 16.139  1.00 13.82 ? 95  PRO A O   1 
ATOM   718 C CB  . PRO A 1 95  ? 6.634   -11.514 18.982  1.00 13.26 ? 95  PRO A CB  1 
ATOM   719 C CG  . PRO A 1 95  ? 7.305   -10.485 19.845  1.00 14.34 ? 95  PRO A CG  1 
ATOM   720 C CD  . PRO A 1 95  ? 6.314   -9.353  19.906  1.00 12.70 ? 95  PRO A CD  1 
ATOM   721 N N   . GLU A 1 96  ? 3.671   -11.463 18.030  1.00 14.10 ? 96  GLU A N   1 
ATOM   722 C CA  . GLU A 1 96  ? 2.497   -12.158 17.513  1.00 15.61 ? 96  GLU A CA  1 
ATOM   723 C C   . GLU A 1 96  ? 1.916   -11.415 16.323  1.00 14.34 ? 96  GLU A C   1 
ATOM   724 O O   . GLU A 1 96  ? 1.295   -12.020 15.449  1.00 14.11 ? 96  GLU A O   1 
ATOM   725 C CB  . GLU A 1 96  ? 1.425   -12.310 18.598  1.00 16.13 ? 96  GLU A CB  1 
ATOM   726 C CG  . GLU A 1 96  ? 0.362   -13.359 18.299  1.00 19.95 ? 96  GLU A CG  1 
ATOM   727 C CD  . GLU A 1 96  ? -0.845  -13.305 19.233  1.00 20.54 ? 96  GLU A CD  1 
ATOM   728 O OE1 . GLU A 1 96  ? -0.806  -12.579 20.252  1.00 26.70 ? 96  GLU A OE1 1 
ATOM   729 O OE2 . GLU A 1 96  ? -1.842  -14.010 18.944  1.00 26.96 ? 96  GLU A OE2 1 
ATOM   730 N N   . TYR A 1 97  ? 2.119   -10.104 16.288  1.00 13.44 ? 97  TYR A N   1 
ATOM   731 C CA  . TYR A 1 97  ? 1.594   -9.337  15.168  1.00 13.81 ? 97  TYR A CA  1 
ATOM   732 C C   . TYR A 1 97  ? 2.423   -9.576  13.913  1.00 13.78 ? 97  TYR A C   1 
ATOM   733 O O   . TYR A 1 97  ? 1.875   -9.787  12.831  1.00 13.87 ? 97  TYR A O   1 
ATOM   734 C CB  . TYR A 1 97  ? 1.506   -7.847  15.499  1.00 13.90 ? 97  TYR A CB  1 
ATOM   735 C CG  . TYR A 1 97  ? 0.887   -7.077  14.370  1.00 14.86 ? 97  TYR A CG  1 
ATOM   736 C CD1 . TYR A 1 97  ? -0.471  -7.176  14.113  1.00 15.67 ? 97  TYR A CD1 1 
ATOM   737 C CD2 . TYR A 1 97  ? 1.666   -6.299  13.539  1.00 15.37 ? 97  TYR A CD2 1 
ATOM   738 C CE1 . TYR A 1 97  ? -1.046  -6.493  13.063  1.00 15.95 ? 97  TYR A CE1 1 
ATOM   739 C CE2 . TYR A 1 97  ? 1.099   -5.615  12.489  1.00 16.00 ? 97  TYR A CE2 1 
ATOM   740 C CZ  . TYR A 1 97  ? -0.249  -5.720  12.265  1.00 15.67 ? 97  TYR A CZ  1 
ATOM   741 O OH  . TYR A 1 97  ? -0.809  -5.044  11.213  1.00 18.07 ? 97  TYR A OH  1 
ATOM   742 N N   . LEU A 1 98  ? 3.743   -9.576  14.056  1.00 14.24 ? 98  LEU A N   1 
ATOM   743 C CA  . LEU A 1 98  ? 4.613   -9.886  12.929  1.00 15.17 ? 98  LEU A CA  1 
ATOM   744 C C   . LEU A 1 98  ? 4.348   -11.300 12.444  1.00 16.00 ? 98  LEU A C   1 
ATOM   745 O O   . LEU A 1 98  ? 4.287   -11.548 11.234  1.00 16.66 ? 98  LEU A O   1 
ATOM   746 C CB  . LEU A 1 98  ? 6.067   -9.729  13.329  1.00 15.63 ? 98  LEU A CB  1 
ATOM   747 C CG  . LEU A 1 98  ? 6.474   -8.359  13.862  1.00 15.61 ? 98  LEU A CG  1 
ATOM   748 C CD1 . LEU A 1 98  ? 7.891   -8.457  14.401  1.00 17.37 ? 98  LEU A CD1 1 
ATOM   749 C CD2 . LEU A 1 98  ? 6.377   -7.262  12.812  1.00 18.54 ? 98  LEU A CD2 1 
ATOM   750 N N   . THR A 1 99  ? 4.152   -12.227 13.378  1.00 16.29 ? 99  THR A N   1 
ATOM   751 C CA  . THR A 1 99  ? 3.849   -13.604 13.005  1.00 16.99 ? 99  THR A CA  1 
ATOM   752 C C   . THR A 1 99  ? 2.527   -13.669 12.251  1.00 16.89 ? 99  THR A C   1 
ATOM   753 O O   . THR A 1 99  ? 2.410   -14.375 11.249  1.00 17.24 ? 99  THR A O   1 
ATOM   754 C CB  . THR A 1 99  ? 3.835   -14.523 14.240  1.00 17.38 ? 99  THR A CB  1 
ATOM   755 O OG1 . THR A 1 99  ? 5.165   -14.587 14.761  1.00 18.92 ? 99  THR A OG1 1 
ATOM   756 C CG2 . THR A 1 99  ? 3.360   -15.937 13.884  1.00 18.46 ? 99  THR A CG2 1 
ATOM   757 N N   . TRP A 1 100 ? 1.530   -12.930 12.722  1.00 16.42 ? 100 TRP A N   1 
ATOM   758 C CA  . TRP A 1 100 ? 0.234   -12.906 12.048  1.00 16.14 ? 100 TRP A CA  1 
ATOM   759 C C   . TRP A 1 100 ? 0.343   -12.400 10.602  1.00 16.10 ? 100 TRP A C   1 
ATOM   760 O O   . TRP A 1 100 ? -0.225  -12.998 9.685   1.00 15.83 ? 100 TRP A O   1 
ATOM   761 C CB  . TRP A 1 100 ? -0.776  -12.082 12.851  1.00 16.33 ? 100 TRP A CB  1 
ATOM   762 C CG  . TRP A 1 100 ? -2.056  -11.891 12.132  1.00 16.47 ? 100 TRP A CG  1 
ATOM   763 C CD1 . TRP A 1 100 ? -3.098  -12.776 12.050  1.00 17.56 ? 100 TRP A CD1 1 
ATOM   764 C CD2 . TRP A 1 100 ? -2.433  -10.749 11.361  1.00 16.44 ? 100 TRP A CD2 1 
ATOM   765 N NE1 . TRP A 1 100 ? -4.107  -12.245 11.275  1.00 19.37 ? 100 TRP A NE1 1 
ATOM   766 C CE2 . TRP A 1 100 ? -3.725  -11.001 10.842  1.00 17.56 ? 100 TRP A CE2 1 
ATOM   767 C CE3 . TRP A 1 100 ? -1.810  -9.533  11.062  1.00 15.70 ? 100 TRP A CE3 1 
ATOM   768 C CZ2 . TRP A 1 100 ? -4.402  -10.076 10.034  1.00 17.76 ? 100 TRP A CZ2 1 
ATOM   769 C CZ3 . TRP A 1 100 ? -2.484  -8.613  10.255  1.00 16.94 ? 100 TRP A CZ3 1 
ATOM   770 C CH2 . TRP A 1 100 ? -3.765  -8.894  9.754   1.00 17.56 ? 100 TRP A CH2 1 
ATOM   771 N N   . ILE A 1 101 ? 1.094   -11.326 10.390  1.00 15.90 ? 101 ILE A N   1 
ATOM   772 C CA  . ILE A 1 101 ? 1.275   -10.813 9.037   1.00 16.23 ? 101 ILE A CA  1 
ATOM   773 C C   . ILE A 1 101 ? 1.814   -11.925 8.174   1.00 17.11 ? 101 ILE A C   1 
ATOM   774 O O   . ILE A 1 101 ? 1.286   -12.197 7.095   1.00 17.12 ? 101 ILE A O   1 
ATOM   775 C CB  . ILE A 1 101 ? 2.229   -9.614  9.007   1.00 15.87 ? 101 ILE A CB  1 
ATOM   776 C CG1 . ILE A 1 101 ? 1.532   -8.405  9.616   1.00 16.37 ? 101 ILE A CG1 1 
ATOM   777 C CG2 . ILE A 1 101 ? 2.673   -9.309  7.562   1.00 16.43 ? 101 ILE A CG2 1 
ATOM   778 C CD1 . ILE A 1 101 ? 2.434   -7.230  9.821   1.00 18.11 ? 101 ILE A CD1 1 
ATOM   779 N N   . ASN A 1 102 ? 2.844   -12.595 8.677   1.00 17.47 ? 102 ASN A N   1 
ATOM   780 C CA  . ASN A 1 102 ? 3.520   -13.614 7.898   1.00 18.84 ? 102 ASN A CA  1 
ATOM   781 C C   . ASN A 1 102 ? 2.641   -14.811 7.644   1.00 19.56 ? 102 ASN A C   1 
ATOM   782 O O   . ASN A 1 102 ? 2.617   -15.326 6.529   1.00 20.18 ? 102 ASN A O   1 
ATOM   783 C CB  . ASN A 1 102 ? 4.824   -14.037 8.574   1.00 18.95 ? 102 ASN A CB  1 
ATOM   784 C CG  . ASN A 1 102 ? 5.923   -13.025 8.376   1.00 21.08 ? 102 ASN A CG  1 
ATOM   785 O OD1 . ASN A 1 102 ? 6.228   -12.652 7.252   1.00 24.04 ? 102 ASN A OD1 1 
ATOM   786 N ND2 . ASN A 1 102 ? 6.534   -12.576 9.469   1.00 22.86 ? 102 ASN A ND2 1 
ATOM   787 N N   . THR A 1 103 ? 1.916   -15.259 8.668   1.00 19.90 ? 103 THR A N   1 
ATOM   788 C CA  . THR A 1 103 ? 1.085   -16.453 8.521   1.00 20.70 ? 103 THR A CA  1 
ATOM   789 C C   . THR A 1 103 ? -0.121  -16.198 7.624   1.00 20.42 ? 103 THR A C   1 
ATOM   790 O O   . THR A 1 103 ? -0.620  -17.115 6.971   1.00 21.12 ? 103 THR A O   1 
ATOM   791 C CB  . THR A 1 103 ? 0.645   -17.040 9.872   1.00 21.05 ? 103 THR A CB  1 
ATOM   792 O OG1 . THR A 1 103 ? -0.088  -16.059 10.609  1.00 23.18 ? 103 THR A OG1 1 
ATOM   793 C CG2 . THR A 1 103 ? 1.866   -17.469 10.674  1.00 22.56 ? 103 THR A CG2 1 
ATOM   794 N N   . GLU A 1 104 ? -0.574  -14.950 7.568   1.00 19.77 ? 104 GLU A N   1 
ATOM   795 C CA  . GLU A 1 104 ? -1.666  -14.593 6.676   1.00 19.67 ? 104 GLU A CA  1 
ATOM   796 C C   . GLU A 1 104 ? -1.316  -14.768 5.216   1.00 19.32 ? 104 GLU A C   1 
ATOM   797 O O   . GLU A 1 104 ? -2.194  -15.064 4.398   1.00 19.62 ? 104 GLU A O   1 
ATOM   798 C CB  . GLU A 1 104 ? -2.103  -13.148 6.891   1.00 19.64 ? 104 GLU A CB  1 
ATOM   799 C CG  . GLU A 1 104 ? -2.939  -12.946 8.133   1.00 20.95 ? 104 GLU A CG  1 
ATOM   800 C CD  . GLU A 1 104 ? -4.277  -13.649 8.050   1.00 21.66 ? 104 GLU A CD  1 
ATOM   801 O OE1 . GLU A 1 104 ? -4.430  -14.697 8.713   1.00 23.01 ? 104 GLU A OE1 1 
ATOM   802 O OE2 . GLU A 1 104 ? -5.168  -13.159 7.322   1.00 25.07 ? 104 GLU A OE2 1 
ATOM   803 N N   . ILE A 1 105 ? -0.048  -14.561 4.877   1.00 18.33 ? 105 ILE A N   1 
ATOM   804 C CA  . ILE A 1 105 ? 0.340   -14.495 3.470   1.00 18.43 ? 105 ILE A CA  1 
ATOM   805 C C   . ILE A 1 105 ? 1.345   -15.554 3.034   1.00 19.43 ? 105 ILE A C   1 
ATOM   806 O O   . ILE A 1 105 ? 1.501   -15.794 1.841   1.00 19.61 ? 105 ILE A O   1 
ATOM   807 C CB  . ILE A 1 105 ? 0.824   -13.072 3.068   1.00 18.22 ? 105 ILE A CB  1 
ATOM   808 C CG1 . ILE A 1 105 ? 2.071   -12.652 3.848   1.00 16.45 ? 105 ILE A CG1 1 
ATOM   809 C CG2 . ILE A 1 105 ? -0.308  -12.056 3.245   1.00 19.13 ? 105 ILE A CG2 1 
ATOM   810 C CD1 . ILE A 1 105 ? 2.508   -11.204 3.535   1.00 16.91 ? 105 ILE A CD1 1 
ATOM   811 N N   . ASP A 1 106 ? 2.023   -16.184 3.988   1.00 20.05 ? 106 ASP A N   1 
ATOM   812 C CA  . ASP A 1 106 ? 2.995   -17.228 3.656   1.00 21.31 ? 106 ASP A CA  1 
ATOM   813 C C   . ASP A 1 106 ? 2.319   -18.592 3.576   1.00 22.33 ? 106 ASP A C   1 
ATOM   814 O O   . ASP A 1 106 ? 1.149   -18.735 3.932   1.00 24.17 ? 106 ASP A O   1 
ATOM   815 C CB  . ASP A 1 106 ? 4.131   -17.265 4.680   1.00 21.44 ? 106 ASP A CB  1 
ATOM   816 C CG  . ASP A 1 106 ? 5.049   -16.056 4.593   1.00 21.84 ? 106 ASP A CG  1 
ATOM   817 O OD1 . ASP A 1 106 ? 5.820   -15.837 5.547   1.00 22.55 ? 106 ASP A OD1 1 
ATOM   818 O OD2 . ASP A 1 106 ? 5.015   -15.326 3.576   1.00 21.45 ? 106 ASP A OD2 1 
HETATM 819 N N1  . IMD B 2 .   ? 9.782   -2.996  -6.261  1.00 19.25 ? 200 IMD A N1  1 
HETATM 820 C C2  . IMD B 2 .   ? 10.602  -4.020  -6.616  1.00 18.23 ? 200 IMD A C2  1 
HETATM 821 N N3  . IMD B 2 .   ? 10.062  -4.715  -7.642  1.00 17.25 ? 200 IMD A N3  1 
HETATM 822 C C4  . IMD B 2 .   ? 8.898   -4.061  -7.978  1.00 19.44 ? 200 IMD A C4  1 
HETATM 823 C C5  . IMD B 2 .   ? 8.732   -2.960  -7.115  1.00 14.20 ? 200 IMD A C5  1 
HETATM 824 N N1  . IMD C 2 .   ? 4.539   1.469   -13.014 1.00 29.97 ? 201 IMD A N1  1 
HETATM 825 C C2  . IMD C 2 .   ? 3.933   0.479   -13.717 1.00 29.88 ? 201 IMD A C2  1 
HETATM 826 N N3  . IMD C 2 .   ? 4.874   -0.179  -14.438 1.00 28.90 ? 201 IMD A N3  1 
HETATM 827 C C4  . IMD C 2 .   ? 6.073   0.393   -14.193 1.00 29.63 ? 201 IMD A C4  1 
HETATM 828 C C5  . IMD C 2 .   ? 5.866   1.424   -13.287 1.00 27.34 ? 201 IMD A C5  1 
HETATM 829 O O   . HOH D 3 .   ? 9.601   -8.818  17.391  1.00 26.83 ? 202 HOH A O   1 
HETATM 830 O O   . HOH D 3 .   ? 9.277   -9.350  -2.790  1.00 15.96 ? 203 HOH A O   1 
HETATM 831 O O   . HOH D 3 .   ? -2.273  0.506   9.769   1.00 14.63 ? 204 HOH A O   1 
HETATM 832 O O   . HOH D 3 .   ? -13.781 9.421   -7.405  1.00 20.57 ? 205 HOH A O   1 
HETATM 833 O O   . HOH D 3 .   ? -0.098  6.864   -5.759  1.00 16.30 ? 206 HOH A O   1 
HETATM 834 O O   . HOH D 3 .   ? -3.205  1.910   -14.600 1.00 18.92 ? 207 HOH A O   1 
HETATM 835 O O   . HOH D 3 .   ? 3.452   -11.056 20.803  1.00 16.18 ? 208 HOH A O   1 
HETATM 836 O O   . HOH D 3 .   ? -11.544 -5.529  -5.178  1.00 24.05 ? 209 HOH A O   1 
HETATM 837 O O   . HOH D 3 .   ? -8.433  -9.340  -10.888 1.00 30.50 ? 210 HOH A O   1 
HETATM 838 O O   . HOH D 3 .   ? -14.156 8.502   -3.101  1.00 28.24 ? 211 HOH A O   1 
HETATM 839 O O   . HOH D 3 .   ? -5.624  -10.651 6.680   1.00 26.32 ? 212 HOH A O   1 
HETATM 840 O O   . HOH D 3 .   ? -7.935  0.386   -7.751  1.00 26.24 ? 213 HOH A O   1 
HETATM 841 O O   . HOH D 3 .   ? -8.380  15.980  -6.657  1.00 29.86 ? 214 HOH A O   1 
HETATM 842 O O   . HOH D 3 .   ? 9.835   19.062  -6.615  1.00 23.89 ? 215 HOH A O   1 
HETATM 843 O O   . HOH D 3 .   ? 12.049  -5.642  -3.272  1.00 25.01 ? 216 HOH A O   1 
HETATM 844 O O   . HOH D 3 .   ? -10.489 11.022  -2.729  1.00 28.03 ? 217 HOH A O   1 
HETATM 845 O O   . HOH D 3 .   ? -6.371  -6.975  -12.825 1.00 22.50 ? 218 HOH A O   1 
HETATM 846 O O   . HOH D 3 .   ? 0.693   8.622   -12.629 1.00 23.21 ? 219 HOH A O   1 
HETATM 847 O O   . HOH D 3 .   ? -1.926  -0.628  -14.433 1.00 20.82 ? 220 HOH A O   1 
HETATM 848 O O   . HOH D 3 .   ? -4.892  -4.746  -14.527 1.00 22.15 ? 221 HOH A O   1 
HETATM 849 O O   . HOH D 3 .   ? -0.703  22.288  -1.252  1.00 21.08 ? 222 HOH A O   1 
HETATM 850 O O   . HOH D 3 .   ? -4.906  -12.408 -9.751  1.00 34.39 ? 223 HOH A O   1 
HETATM 851 O O   . HOH D 3 .   ? -4.190  8.743   -15.973 1.00 34.10 ? 224 HOH A O   1 
HETATM 852 O O   . HOH D 3 .   ? -1.343  -14.055 -4.924  1.00 30.86 ? 225 HOH A O   1 
HETATM 853 O O   . HOH D 3 .   ? 0.871   -15.408 -1.020  1.00 27.46 ? 226 HOH A O   1 
HETATM 854 O O   . HOH D 3 .   ? -3.577  -4.622  11.557  1.00 27.23 ? 227 HOH A O   1 
HETATM 855 O O   . HOH D 3 .   ? -9.614  12.151  -0.309  1.00 32.17 ? 228 HOH A O   1 
HETATM 856 O O   . HOH D 3 .   ? -0.082  1.512   -12.414 1.00 20.30 ? 229 HOH A O   1 
HETATM 857 O O   . HOH D 3 .   ? 13.960  -7.815  4.561   1.00 37.14 ? 230 HOH A O   1 
HETATM 858 O O   . HOH D 3 .   ? 0.103   -14.581 15.427  1.00 25.14 ? 231 HOH A O   1 
HETATM 859 O O   . HOH D 3 .   ? 15.773  -1.614  8.393   1.00 37.07 ? 232 HOH A O   1 
HETATM 860 O O   . HOH D 3 .   ? 8.251   -15.024 4.686   1.00 26.81 ? 233 HOH A O   1 
HETATM 861 O O   . HOH D 3 .   ? -5.518  8.512   -13.427 1.00 37.27 ? 234 HOH A O   1 
HETATM 862 O O   . HOH D 3 .   ? -12.662 -0.132  2.089   1.00 31.03 ? 235 HOH A O   1 
HETATM 863 O O   . HOH D 3 .   ? 9.129   -12.528 4.246   1.00 19.89 ? 236 HOH A O   1 
HETATM 864 O O   . HOH D 3 .   ? -8.468  -0.792  3.680   1.00 14.83 ? 237 HOH A O   1 
HETATM 865 O O   . HOH D 3 .   ? 9.666   -13.204 -3.119  1.00 18.14 ? 238 HOH A O   1 
HETATM 866 O O   . HOH D 3 .   ? 5.997   -17.193 1.432   1.00 37.01 ? 239 HOH A O   1 
HETATM 867 O O   . HOH D 3 .   ? -16.541 7.444   -3.263  1.00 30.47 ? 240 HOH A O   1 
HETATM 868 O O   . HOH D 3 .   ? -9.072  14.641  0.272   1.00 30.14 ? 241 HOH A O   1 
HETATM 869 O O   . HOH D 3 .   ? 1.986   -9.639  -8.120  1.00 25.95 ? 242 HOH A O   1 
HETATM 870 O O   . HOH D 3 .   ? -11.720 -8.197  -5.063  1.00 25.96 ? 243 HOH A O   1 
HETATM 871 O O   . HOH D 3 .   ? -0.578  1.765   -17.262 1.00 37.94 ? 244 HOH A O   1 
HETATM 872 O O   . HOH D 3 .   ? -1.781  8.531   -13.982 1.00 25.62 ? 245 HOH A O   1 
HETATM 873 O O   . HOH D 3 .   ? -14.090 10.347  -5.016  1.00 29.32 ? 246 HOH A O   1 
HETATM 874 O O   . HOH D 3 .   ? -11.675 10.895  -8.377  1.00 37.06 ? 247 HOH A O   1 
HETATM 875 O O   . HOH D 3 .   ? -4.346  21.306  -8.442  1.00 30.07 ? 248 HOH A O   1 
HETATM 876 O O   . HOH D 3 .   ? -14.781 -8.705  -0.511  1.00 35.22 ? 249 HOH A O   1 
HETATM 877 O O   . HOH D 3 .   ? -0.291  -16.191 13.298  1.00 32.58 ? 250 HOH A O   1 
HETATM 878 O O   . HOH D 3 .   ? -7.377  -18.246 0.857   1.00 46.68 ? 251 HOH A O   1 
HETATM 879 O O   . HOH D 3 .   ? 6.085   15.599  -12.373 1.00 42.68 ? 252 HOH A O   1 
HETATM 880 O O   . HOH D 3 .   ? -15.331 -2.370  -0.478  1.00 35.06 ? 253 HOH A O   1 
HETATM 881 O O   . HOH D 3 .   ? 12.739  0.432   10.310  1.00 22.66 ? 254 HOH A O   1 
HETATM 882 O O   . HOH D 3 .   ? -8.738  12.351  -6.554  1.00 26.37 ? 255 HOH A O   1 
HETATM 883 O O   . HOH D 3 .   ? 6.449   -17.801 7.096   1.00 37.11 ? 256 HOH A O   1 
HETATM 884 O O   . HOH D 3 .   ? 1.035   9.679   -10.211 1.00 36.50 ? 257 HOH A O   1 
HETATM 885 O O   . HOH D 3 .   ? 3.483   -19.721 7.548   1.00 36.42 ? 258 HOH A O   1 
HETATM 886 O O   . HOH D 3 .   ? 9.029   -11.401 11.188  1.00 36.55 ? 259 HOH A O   1 
HETATM 887 O O   . HOH D 3 .   ? 0.737   -15.167 -3.583  1.00 41.57 ? 260 HOH A O   1 
HETATM 888 O O   . HOH D 3 .   ? -0.154  -17.505 0.414   1.00 34.77 ? 261 HOH A O   1 
HETATM 889 O O   . HOH D 3 .   ? 13.080  -8.532  -0.433  1.00 36.20 ? 262 HOH A O   1 
HETATM 890 O O   . HOH D 3 .   ? 6.618   -15.583 11.377  1.00 37.62 ? 263 HOH A O   1 
HETATM 891 O O   . HOH D 3 .   ? 15.034  -4.970  10.612  1.00 41.23 ? 264 HOH A O   1 
HETATM 892 O O   . HOH D 3 .   ? 9.447   -14.400 7.608   1.00 35.79 ? 265 HOH A O   1 
HETATM 893 O O   . HOH D 3 .   ? -11.239 11.031  1.345   1.00 36.72 ? 266 HOH A O   1 
HETATM 894 O O   . HOH D 3 .   ? 6.889   -10.550 -4.057  1.00 13.48 ? 267 HOH A O   1 
HETATM 895 O O   . HOH D 3 .   ? 5.829   -14.747 17.318  1.00 35.80 ? 268 HOH A O   1 
HETATM 896 O O   . HOH D 3 .   ? -3.000  -15.961 12.716  1.00 45.37 ? 269 HOH A O   1 
HETATM 897 O O   . HOH D 3 .   ? -1.648  -12.219 -6.944  1.00 25.42 ? 270 HOH A O   1 
HETATM 898 O O   . HOH D 3 .   ? 11.943  -6.203  -0.652  1.00 34.94 ? 271 HOH A O   1 
HETATM 899 O O   . HOH D 3 .   ? 0.971   1.379   -14.853 1.00 32.26 ? 272 HOH A O   1 
HETATM 900 O O   . HOH D 3 .   ? 3.588   10.393  -9.614  0.75 37.68 ? 273 HOH A O   1 
HETATM 901 O O   . HOH D 3 .   ? -5.520  -15.700 -5.054  0.75 33.55 ? 274 HOH A O   1 
HETATM 902 O O   . HOH D 3 .   ? -11.144 6.782   -9.350  0.75 37.35 ? 275 HOH A O   1 
HETATM 903 O O   . HOH D 3 .   ? -8.407  -12.003 -6.955  0.75 32.48 ? 276 HOH A O   1 
HETATM 904 O O   . HOH D 3 .   ? 0.773   -19.334 6.510   0.75 35.42 ? 277 HOH A O   1 
HETATM 905 O O   . HOH D 3 .   ? 18.956  -3.800  5.507   0.50 27.20 ? 278 HOH A O   1 
HETATM 906 O O   . HOH D 3 .   ? -10.010 -11.729 -5.079  0.50 29.47 ? 279 HOH A O   1 
HETATM 907 O O   . HOH D 3 .   ? 13.394  -7.142  15.052  0.50 28.52 ? 280 HOH A O   1 
HETATM 908 O O   . HOH D 3 .   ? 9.463   -16.997 3.612   0.50 32.49 ? 281 HOH A O   1 
HETATM 909 O O   . HOH D 3 .   ? -6.491  -11.075 -11.872 0.50 32.98 ? 282 HOH A O   1 
HETATM 910 O O   . HOH D 3 .   ? 8.577   -20.834 2.797   0.50 30.82 ? 283 HOH A O   1 
HETATM 911 O O   . HOH D 3 .   ? 14.711  -9.422  2.531   0.50 36.17 ? 284 HOH A O   1 
HETATM 912 O O   . HOH D 3 .   ? -9.056  -18.177 -6.831  0.50 31.15 ? 285 HOH A O   1 
HETATM 913 O O   . HOH D 3 .   ? -7.367  -15.438 -11.524 0.50 35.67 ? 286 HOH A O   1 
HETATM 914 O O   . HOH D 3 .   ? 7.512   -12.551 15.310  0.50 29.48 ? 287 HOH A O   1 
HETATM 915 O O   . HOH D 3 .   ? 1.801   12.011  -11.596 0.50 29.23 ? 288 HOH A O   1 
HETATM 916 O O   . HOH D 3 .   ? 3.786   10.649  -18.518 0.50 32.50 ? 289 HOH A O   1 
HETATM 917 O O   . HOH D 3 .   ? 3.676   -21.246 1.380   0.50 30.76 ? 290 HOH A O   1 
HETATM 918 O O   . HOH D 3 .   ? 3.830   27.932  -10.131 0.50 34.53 ? 291 HOH A O   1 
HETATM 919 O O   . HOH D 3 .   ? 0.415   -16.854 -5.704  0.50 32.26 ? 292 HOH A O   1 
HETATM 920 O O   . HOH D 3 .   ? -16.220 1.317   -3.498  0.50 28.43 ? 293 HOH A O   1 
HETATM 921 O O   . HOH D 3 .   ? -16.454 -1.575  1.896   0.50 27.97 ? 294 HOH A O   1 
HETATM 922 O O   . HOH D 3 .   ? 7.912   -13.479 12.562  0.33 39.82 ? 295 HOH A O   1 
HETATM 923 O O   . HOH D 3 .   ? -9.359  -15.009 -3.662  0.33 24.69 ? 296 HOH A O   1 
HETATM 924 O O   . HOH D 3 .   ? -5.927  -11.008 13.368  0.33 28.30 ? 297 HOH A O   1 
HETATM 925 O O   . HOH D 3 .   ? -6.480  -13.665 -7.914  0.33 35.04 ? 298 HOH A O   1 
HETATM 926 O O   . HOH D 3 .   ? -14.222 13.406  -2.646  0.33 25.22 ? 299 HOH A O   1 
HETATM 927 O O   . HOH D 3 .   ? 0.367   1.175   -20.132 0.33 27.84 ? 300 HOH A O   1 
HETATM 928 O O   . HOH D 3 .   ? 6.329   6.107   -23.011 0.33 26.77 ? 301 HOH A O   1 
HETATM 929 O O   . HOH D 3 .   ? 10.918  -24.225 -0.455  0.33 29.20 ? 302 HOH A O   1 
HETATM 930 O O   . HOH D 3 .   ? 8.210   27.350  -13.103 0.33 34.68 ? 303 HOH A O   1 
HETATM 931 O O   . HOH D 3 .   ? 1.803   7.221   8.044   0.33 40.32 ? 304 HOH A O   1 
# 
loop_
_pdbx_poly_seq_scheme.asym_id 
_pdbx_poly_seq_scheme.entity_id 
_pdbx_poly_seq_scheme.seq_id 
_pdbx_poly_seq_scheme.mon_id 
_pdbx_poly_seq_scheme.ndb_seq_num 
_pdbx_poly_seq_scheme.pdb_seq_num 
_pdbx_poly_seq_scheme.auth_seq_num 
_pdbx_poly_seq_scheme.pdb_mon_id 
_pdbx_poly_seq_scheme.auth_mon_id 
_pdbx_poly_seq_scheme.pdb_strand_id 
_pdbx_poly_seq_scheme.pdb_ins_code 
_pdbx_poly_seq_scheme.hetero 
A 1 1   MET 1   1   ?   ?   ?   A . n 
A 1 2   ALA 2   2   ?   ?   ?   A . n 
A 1 3   SER 3   3   3   SER SER A . n 
A 1 4   ASP 4   4   4   ASP ASP A . n 
A 1 5   VAL 5   5   5   VAL VAL A . n 
A 1 6   TYR 6   6   6   TYR TYR A . n 
A 1 7   LEU 7   7   7   LEU LEU A . n 
A 1 8   ILE 8   8   8   ILE ILE A . n 
A 1 9   PHE 9   9   9   PHE PHE A . n 
A 1 10  SER 10  10  10  SER SER A . n 
A 1 11  THR 11  11  11  THR THR A . n 
A 1 12  CYS 12  12  12  CYS CYS A . n 
A 1 13  PRO 13  13  13  PRO PRO A . n 
A 1 14  ASP 14  14  14  ASP ASP A . n 
A 1 15  LEU 15  15  15  LEU LEU A . n 
A 1 16  PRO 16  16  16  PRO PRO A . n 
A 1 17  SER 17  17  17  SER SER A . n 
A 1 18  ALA 18  18  18  ALA ALA A . n 
A 1 19  GLU 19  19  19  GLU GLU A . n 
A 1 20  ILE 20  20  20  ILE ILE A . n 
A 1 21  ILE 21  21  21  ILE ILE A . n 
A 1 22  SER 22  22  22  SER SER A . n 
A 1 23  ARG 23  23  23  ARG ARG A . n 
A 1 24  VAL 24  24  24  VAL VAL A . n 
A 1 25  LEU 25  25  25  LEU LEU A . n 
A 1 26  VAL 26  26  26  VAL VAL A . n 
A 1 27  GLN 27  27  27  GLN GLN A . n 
A 1 28  GLU 28  28  28  GLU GLU A . n 
A 1 29  ARG 29  29  29  ARG ARG A . n 
A 1 30  LEU 30  30  30  LEU LEU A . n 
A 1 31  ALA 31  31  31  ALA ALA A . n 
A 1 32  ALA 32  32  32  ALA ALA A . n 
A 1 33  CYS 33  33  33  CYS CYS A . n 
A 1 34  VAL 34  34  34  VAL VAL A . n 
A 1 35  THR 35  35  35  THR THR A . n 
A 1 36  GLN 36  36  36  GLN GLN A . n 
A 1 37  LEU 37  37  37  LEU LEU A . n 
A 1 38  PRO 38  38  38  PRO PRO A . n 
A 1 39  GLY 39  39  39  GLY GLY A . n 
A 1 40  ALA 40  40  40  ALA ALA A . n 
A 1 41  VAL 41  41  41  VAL VAL A . n 
A 1 42  SER 42  42  42  SER SER A . n 
A 1 43  THR 43  43  43  THR THR A . n 
A 1 44  TYR 44  44  44  TYR TYR A . n 
A 1 45  ARG 45  45  45  ARG ARG A . n 
A 1 46  TRP 46  46  46  TRP TRP A . n 
A 1 47  GLN 47  47  47  GLN GLN A . n 
A 1 48  GLY 48  48  48  GLY GLY A . n 
A 1 49  LYS 49  49  49  LYS LYS A . n 
A 1 50  ILE 50  50  50  ILE ILE A . n 
A 1 51  GLU 51  51  51  GLU GLU A . n 
A 1 52  THR 52  52  52  THR THR A . n 
A 1 53  THR 53  53  53  THR THR A . n 
A 1 54  GLN 54  54  54  GLN GLN A . n 
A 1 55  GLU 55  55  55  GLU GLU A . n 
A 1 56  ILE 56  56  56  ILE ILE A . n 
A 1 57  GLN 57  57  57  GLN GLN A . n 
A 1 58  LEU 58  58  58  LEU LEU A . n 
A 1 59  LEU 59  59  59  LEU LEU A . n 
A 1 60  ILE 60  60  60  ILE ILE A . n 
A 1 61  LYS 61  61  61  LYS LYS A . n 
A 1 62  THR 62  62  62  THR THR A . n 
A 1 63  ASN 63  63  63  ASN ASN A . n 
A 1 64  ALA 64  64  64  ALA ALA A . n 
A 1 65  VAL 65  65  65  VAL VAL A . n 
A 1 66  HIS 66  66  66  HIS HIS A . n 
A 1 67  VAL 67  67  67  VAL VAL A . n 
A 1 68  ASN 68  68  68  ASN ASN A . n 
A 1 69  ALA 69  69  69  ALA ALA A . n 
A 1 70  ALA 70  70  70  ALA ALA A . n 
A 1 71  ILE 71  71  71  ILE ILE A . n 
A 1 72  THR 72  72  72  THR THR A . n 
A 1 73  ARG 73  73  73  ARG ARG A . n 
A 1 74  LEU 74  74  74  LEU LEU A . n 
A 1 75  CYS 75  75  75  CYS CYS A . n 
A 1 76  ALA 76  76  76  ALA ALA A . n 
A 1 77  LEU 77  77  77  LEU LEU A . n 
A 1 78  HIS 78  78  78  HIS HIS A . n 
A 1 79  PRO 79  79  79  PRO PRO A . n 
A 1 80  TYR 80  80  80  TYR TYR A . n 
A 1 81  ARG 81  81  81  ARG ARG A . n 
A 1 82  LEU 82  82  82  LEU LEU A . n 
A 1 83  PRO 83  83  83  PRO PRO A . n 
A 1 84  GLU 84  84  84  GLU GLU A . n 
A 1 85  ALA 85  85  85  ALA ALA A . n 
A 1 86  ILE 86  86  86  ILE ILE A . n 
A 1 87  ALA 87  87  87  ALA ALA A . n 
A 1 88  VAL 88  88  88  VAL VAL A . n 
A 1 89  GLN 89  89  89  GLN GLN A . n 
A 1 90  VAL 90  90  90  VAL VAL A . n 
A 1 91  SER 91  91  91  SER SER A . n 
A 1 92  VAL 92  92  92  VAL VAL A . n 
A 1 93  GLY 93  93  93  GLY GLY A . n 
A 1 94  LEU 94  94  94  LEU LEU A . n 
A 1 95  PRO 95  95  95  PRO PRO A . n 
A 1 96  GLU 96  96  96  GLU GLU A . n 
A 1 97  TYR 97  97  97  TYR TYR A . n 
A 1 98  LEU 98  98  98  LEU LEU A . n 
A 1 99  THR 99  99  99  THR THR A . n 
A 1 100 TRP 100 100 100 TRP TRP A . n 
A 1 101 ILE 101 101 101 ILE ILE A . n 
A 1 102 ASN 102 102 102 ASN ASN A . n 
A 1 103 THR 103 103 103 THR THR A . n 
A 1 104 GLU 104 104 104 GLU GLU A . n 
A 1 105 ILE 105 105 105 ILE ILE A . n 
A 1 106 ASP 106 106 106 ASP ASP A . n 
A 1 107 GLU 107 107 ?   ?   ?   A . n 
A 1 108 GLU 108 108 ?   ?   ?   A . n 
A 1 109 TYR 109 109 ?   ?   ?   A . n 
A 1 110 SER 110 110 ?   ?   ?   A . n 
A 1 111 LEU 111 111 ?   ?   ?   A . n 
A 1 112 PRO 112 112 ?   ?   ?   A . n 
A 1 113 HIS 113 113 ?   ?   ?   A . n 
A 1 114 HIS 114 114 ?   ?   ?   A . n 
A 1 115 HIS 115 115 ?   ?   ?   A . n 
A 1 116 HIS 116 116 ?   ?   ?   A . n 
A 1 117 HIS 117 117 ?   ?   ?   A . n 
A 1 118 HIS 118 118 ?   ?   ?   A . n 
# 
loop_
_pdbx_nonpoly_scheme.asym_id 
_pdbx_nonpoly_scheme.entity_id 
_pdbx_nonpoly_scheme.mon_id 
_pdbx_nonpoly_scheme.ndb_seq_num 
_pdbx_nonpoly_scheme.pdb_seq_num 
_pdbx_nonpoly_scheme.auth_seq_num 
_pdbx_nonpoly_scheme.pdb_mon_id 
_pdbx_nonpoly_scheme.auth_mon_id 
_pdbx_nonpoly_scheme.pdb_strand_id 
_pdbx_nonpoly_scheme.pdb_ins_code 
B 2 IMD 1   200 200 IMD IMD A . 
C 2 IMD 1   201 201 IMD IMD A . 
D 3 HOH 1   202 1   HOH HOH A . 
D 3 HOH 2   203 2   HOH HOH A . 
D 3 HOH 3   204 3   HOH HOH A . 
D 3 HOH 4   205 4   HOH HOH A . 
D 3 HOH 5   206 5   HOH HOH A . 
D 3 HOH 6   207 6   HOH HOH A . 
D 3 HOH 7   208 7   HOH HOH A . 
D 3 HOH 8   209 8   HOH HOH A . 
D 3 HOH 9   210 9   HOH HOH A . 
D 3 HOH 10  211 10  HOH HOH A . 
D 3 HOH 11  212 11  HOH HOH A . 
D 3 HOH 12  213 12  HOH HOH A . 
D 3 HOH 13  214 13  HOH HOH A . 
D 3 HOH 14  215 14  HOH HOH A . 
D 3 HOH 15  216 15  HOH HOH A . 
D 3 HOH 16  217 16  HOH HOH A . 
D 3 HOH 17  218 17  HOH HOH A . 
D 3 HOH 18  219 18  HOH HOH A . 
D 3 HOH 19  220 19  HOH HOH A . 
D 3 HOH 20  221 20  HOH HOH A . 
D 3 HOH 21  222 21  HOH HOH A . 
D 3 HOH 22  223 22  HOH HOH A . 
D 3 HOH 23  224 23  HOH HOH A . 
D 3 HOH 24  225 24  HOH HOH A . 
D 3 HOH 25  226 25  HOH HOH A . 
D 3 HOH 26  227 26  HOH HOH A . 
D 3 HOH 27  228 27  HOH HOH A . 
D 3 HOH 28  229 28  HOH HOH A . 
D 3 HOH 29  230 29  HOH HOH A . 
D 3 HOH 30  231 30  HOH HOH A . 
D 3 HOH 31  232 31  HOH HOH A . 
D 3 HOH 32  233 32  HOH HOH A . 
D 3 HOH 33  234 33  HOH HOH A . 
D 3 HOH 34  235 34  HOH HOH A . 
D 3 HOH 35  236 35  HOH HOH A . 
D 3 HOH 36  237 36  HOH HOH A . 
D 3 HOH 37  238 37  HOH HOH A . 
D 3 HOH 38  239 38  HOH HOH A . 
D 3 HOH 39  240 39  HOH HOH A . 
D 3 HOH 40  241 40  HOH HOH A . 
D 3 HOH 41  242 41  HOH HOH A . 
D 3 HOH 42  243 42  HOH HOH A . 
D 3 HOH 43  244 43  HOH HOH A . 
D 3 HOH 44  245 44  HOH HOH A . 
D 3 HOH 45  246 45  HOH HOH A . 
D 3 HOH 46  247 46  HOH HOH A . 
D 3 HOH 47  248 47  HOH HOH A . 
D 3 HOH 48  249 48  HOH HOH A . 
D 3 HOH 49  250 49  HOH HOH A . 
D 3 HOH 50  251 50  HOH HOH A . 
D 3 HOH 51  252 51  HOH HOH A . 
D 3 HOH 52  253 52  HOH HOH A . 
D 3 HOH 53  254 53  HOH HOH A . 
D 3 HOH 54  255 54  HOH HOH A . 
D 3 HOH 55  256 55  HOH HOH A . 
D 3 HOH 56  257 56  HOH HOH A . 
D 3 HOH 57  258 57  HOH HOH A . 
D 3 HOH 58  259 58  HOH HOH A . 
D 3 HOH 59  260 59  HOH HOH A . 
D 3 HOH 60  261 60  HOH HOH A . 
D 3 HOH 61  262 61  HOH HOH A . 
D 3 HOH 62  263 62  HOH HOH A . 
D 3 HOH 63  264 63  HOH HOH A . 
D 3 HOH 64  265 64  HOH HOH A . 
D 3 HOH 65  266 65  HOH HOH A . 
D 3 HOH 66  267 66  HOH HOH A . 
D 3 HOH 67  268 67  HOH HOH A . 
D 3 HOH 68  269 68  HOH HOH A . 
D 3 HOH 69  270 69  HOH HOH A . 
D 3 HOH 70  271 70  HOH HOH A . 
D 3 HOH 71  272 71  HOH HOH A . 
D 3 HOH 72  273 72  HOH HOH A . 
D 3 HOH 73  274 73  HOH HOH A . 
D 3 HOH 74  275 74  HOH HOH A . 
D 3 HOH 75  276 75  HOH HOH A . 
D 3 HOH 76  277 76  HOH HOH A . 
D 3 HOH 77  278 77  HOH HOH A . 
D 3 HOH 78  279 78  HOH HOH A . 
D 3 HOH 79  280 79  HOH HOH A . 
D 3 HOH 80  281 80  HOH HOH A . 
D 3 HOH 81  282 81  HOH HOH A . 
D 3 HOH 82  283 82  HOH HOH A . 
D 3 HOH 83  284 83  HOH HOH A . 
D 3 HOH 84  285 84  HOH HOH A . 
D 3 HOH 85  286 85  HOH HOH A . 
D 3 HOH 86  287 86  HOH HOH A . 
D 3 HOH 87  288 87  HOH HOH A . 
D 3 HOH 88  289 88  HOH HOH A . 
D 3 HOH 89  290 89  HOH HOH A . 
D 3 HOH 90  291 90  HOH HOH A . 
D 3 HOH 91  292 91  HOH HOH A . 
D 3 HOH 92  293 92  HOH HOH A . 
D 3 HOH 93  294 93  HOH HOH A . 
D 3 HOH 94  295 94  HOH HOH A . 
D 3 HOH 95  296 95  HOH HOH A . 
D 3 HOH 96  297 96  HOH HOH A . 
D 3 HOH 97  298 97  HOH HOH A . 
D 3 HOH 98  299 98  HOH HOH A . 
D 3 HOH 99  300 99  HOH HOH A . 
D 3 HOH 100 301 100 HOH HOH A . 
D 3 HOH 101 302 101 HOH HOH A . 
D 3 HOH 102 303 102 HOH HOH A . 
D 3 HOH 103 304 103 HOH HOH A . 
# 
loop_
_pdbx_struct_assembly.id 
_pdbx_struct_assembly.details 
_pdbx_struct_assembly.method_details 
_pdbx_struct_assembly.oligomeric_details 
_pdbx_struct_assembly.oligomeric_count 
1 author_defined_assembly   ?        monomeric 1 
2 software_defined_assembly PISA,PQS trimeric  3 
# 
loop_
_pdbx_struct_assembly_gen.assembly_id 
_pdbx_struct_assembly_gen.oper_expression 
_pdbx_struct_assembly_gen.asym_id_list 
1 1     A,B,C,D 
2 1,2,3 A,B,C,D 
# 
loop_
_pdbx_struct_assembly_prop.biol_id 
_pdbx_struct_assembly_prop.type 
_pdbx_struct_assembly_prop.value 
_pdbx_struct_assembly_prop.details 
2 'ABSA (A^2)' 7790  ? 
2 MORE         -37   ? 
2 'SSA (A^2)'  12330 ? 
# 
loop_
_pdbx_struct_oper_list.id 
_pdbx_struct_oper_list.type 
_pdbx_struct_oper_list.name 
_pdbx_struct_oper_list.symmetry_operation 
_pdbx_struct_oper_list.matrix[1][1] 
_pdbx_struct_oper_list.matrix[1][2] 
_pdbx_struct_oper_list.matrix[1][3] 
_pdbx_struct_oper_list.vector[1] 
_pdbx_struct_oper_list.matrix[2][1] 
_pdbx_struct_oper_list.matrix[2][2] 
_pdbx_struct_oper_list.matrix[2][3] 
_pdbx_struct_oper_list.vector[2] 
_pdbx_struct_oper_list.matrix[3][1] 
_pdbx_struct_oper_list.matrix[3][2] 
_pdbx_struct_oper_list.matrix[3][3] 
_pdbx_struct_oper_list.vector[3] 
1 'identity operation'         1_555 x,y,z       1.0000000000 0.0000000000  0.0000000000  0.0000000000 0.0000000000  1.0000000000  0.0000000000  0.0000000000  0.0000000000  0.0000000000  1.0000000000  0.0000000000  
2 'crystal symmetry operation' 2_545 -y,x-y-1,z  0.7532607839 -0.5536059965 0.3551317954  1.5883885322 -0.5585331509 -0.2532729223 0.7898693222  3.7089702727  -0.3473311256 -0.7933304655 -0.4999878616 18.4036662670 
3 'crystal symmetry operation' 3_655 -x+y+1,-x,z 0.7532607839 -0.5585331509 -0.3473311256 7.2672781814 -0.5536059965 -0.2532729223 -0.7933304655 16.4189122812 0.3551317954  0.7898693222  -0.4999878616 5.7079206351 
# 
_pdbx_struct_special_symmetry.id              1 
_pdbx_struct_special_symmetry.PDB_model_num   1 
_pdbx_struct_special_symmetry.auth_asym_id    A 
_pdbx_struct_special_symmetry.auth_comp_id    HOH 
_pdbx_struct_special_symmetry.auth_seq_id     304 
_pdbx_struct_special_symmetry.PDB_ins_code    ? 
_pdbx_struct_special_symmetry.label_asym_id   D 
_pdbx_struct_special_symmetry.label_comp_id   HOH 
_pdbx_struct_special_symmetry.label_seq_id    . 
# 
loop_
_pdbx_audit_revision_history.ordinal 
_pdbx_audit_revision_history.data_content_type 
_pdbx_audit_revision_history.major_revision 
_pdbx_audit_revision_history.minor_revision 
_pdbx_audit_revision_history.revision_date 
1 'Structure model' 1 0 2007-01-03 
2 'Structure model' 1 1 2008-05-01 
3 'Structure model' 1 2 2011-07-13 
4 'Structure model' 1 3 2023-10-25 
# 
_pdbx_audit_revision_details.ordinal             1 
_pdbx_audit_revision_details.revision_ordinal    1 
_pdbx_audit_revision_details.data_content_type   'Structure model' 
_pdbx_audit_revision_details.provider            repository 
_pdbx_audit_revision_details.type                'Initial release' 
_pdbx_audit_revision_details.description         ? 
_pdbx_audit_revision_details.details             ? 
# 
loop_
_pdbx_audit_revision_group.ordinal 
_pdbx_audit_revision_group.revision_ordinal 
_pdbx_audit_revision_group.data_content_type 
_pdbx_audit_revision_group.group 
1 2 'Structure model' 'Version format compliance' 
2 3 'Structure model' 'Derived calculations'      
3 3 'Structure model' 'Source and taxonomy'       
4 3 'Structure model' 'Version format compliance' 
5 4 'Structure model' 'Data collection'           
6 4 'Structure model' 'Database references'       
7 4 'Structure model' 'Derived calculations'      
8 4 'Structure model' 'Refinement description'    
# 
loop_
_pdbx_audit_revision_category.ordinal 
_pdbx_audit_revision_category.revision_ordinal 
_pdbx_audit_revision_category.data_content_type 
_pdbx_audit_revision_category.category 
1 4 'Structure model' chem_comp_atom                
2 4 'Structure model' chem_comp_bond                
3 4 'Structure model' database_2                    
4 4 'Structure model' pdbx_initial_refinement_model 
5 4 'Structure model' struct_ref_seq_dif            
6 4 'Structure model' struct_site                   
# 
loop_
_pdbx_audit_revision_item.ordinal 
_pdbx_audit_revision_item.revision_ordinal 
_pdbx_audit_revision_item.data_content_type 
_pdbx_audit_revision_item.item 
1 4 'Structure model' '_database_2.pdbx_DOI'                
2 4 'Structure model' '_database_2.pdbx_database_accession' 
3 4 'Structure model' '_struct_ref_seq_dif.details'         
4 4 'Structure model' '_struct_site.pdbx_auth_asym_id'      
5 4 'Structure model' '_struct_site.pdbx_auth_comp_id'      
6 4 'Structure model' '_struct_site.pdbx_auth_seq_id'       
# 
loop_
_software.name 
_software.version 
_software.date 
_software.type 
_software.contact_author 
_software.contact_author_email 
_software.classification 
_software.location 
_software.language 
_software.citation_id 
_software.pdbx_ordinal 
REFMAC      5.2.0005 ?                program 'Murshudov, G.N.' ccp4@dl.ac.uk            refinement        
http://www.ccp4.ac.uk/main.html  Fortran_77 ? 1 
PDB_EXTRACT 2.000    'April. 3, 2006' package PDB               sw-help@rcsb.rutgers.edu 'data extraction' 
http://pdb.rutgers.edu/software/ C++        ? 2 
# 
_pdbx_validate_torsion.id              1 
_pdbx_validate_torsion.PDB_model_num   1 
_pdbx_validate_torsion.auth_comp_id    GLN 
_pdbx_validate_torsion.auth_asym_id    A 
_pdbx_validate_torsion.auth_seq_id     47 
_pdbx_validate_torsion.PDB_ins_code    ? 
_pdbx_validate_torsion.label_alt_id    ? 
_pdbx_validate_torsion.phi             31.36 
_pdbx_validate_torsion.psi             81.25 
# 
loop_
_pdbx_unobs_or_zero_occ_residues.id 
_pdbx_unobs_or_zero_occ_residues.PDB_model_num 
_pdbx_unobs_or_zero_occ_residues.polymer_flag 
_pdbx_unobs_or_zero_occ_residues.occupancy_flag 
_pdbx_unobs_or_zero_occ_residues.auth_asym_id 
_pdbx_unobs_or_zero_occ_residues.auth_comp_id 
_pdbx_unobs_or_zero_occ_residues.auth_seq_id 
_pdbx_unobs_or_zero_occ_residues.PDB_ins_code 
_pdbx_unobs_or_zero_occ_residues.label_asym_id 
_pdbx_unobs_or_zero_occ_residues.label_comp_id 
_pdbx_unobs_or_zero_occ_residues.label_seq_id 
1  1 Y 1 A MET 1   ? A MET 1   
2  1 Y 1 A ALA 2   ? A ALA 2   
3  1 Y 1 A GLU 107 ? A GLU 107 
4  1 Y 1 A GLU 108 ? A GLU 108 
5  1 Y 1 A TYR 109 ? A TYR 109 
6  1 Y 1 A SER 110 ? A SER 110 
7  1 Y 1 A LEU 111 ? A LEU 111 
8  1 Y 1 A PRO 112 ? A PRO 112 
9  1 Y 1 A HIS 113 ? A HIS 113 
10 1 Y 1 A HIS 114 ? A HIS 114 
11 1 Y 1 A HIS 115 ? A HIS 115 
12 1 Y 1 A HIS 116 ? A HIS 116 
13 1 Y 1 A HIS 117 ? A HIS 117 
14 1 Y 1 A HIS 118 ? A HIS 118 
# 
loop_
_chem_comp_atom.comp_id 
_chem_comp_atom.atom_id 
_chem_comp_atom.type_symbol 
_chem_comp_atom.pdbx_aromatic_flag 
_chem_comp_atom.pdbx_stereo_config 
_chem_comp_atom.pdbx_ordinal 
ALA N    N N N 1   
ALA CA   C N S 2   
ALA C    C N N 3   
ALA O    O N N 4   
ALA CB   C N N 5   
ALA OXT  O N N 6   
ALA H    H N N 7   
ALA H2   H N N 8   
ALA HA   H N N 9   
ALA HB1  H N N 10  
ALA HB2  H N N 11  
ALA HB3  H N N 12  
ALA HXT  H N N 13  
ARG N    N N N 14  
ARG CA   C N S 15  
ARG C    C N N 16  
ARG O    O N N 17  
ARG CB   C N N 18  
ARG CG   C N N 19  
ARG CD   C N N 20  
ARG NE   N N N 21  
ARG CZ   C N N 22  
ARG NH1  N N N 23  
ARG NH2  N N N 24  
ARG OXT  O N N 25  
ARG H    H N N 26  
ARG H2   H N N 27  
ARG HA   H N N 28  
ARG HB2  H N N 29  
ARG HB3  H N N 30  
ARG HG2  H N N 31  
ARG HG3  H N N 32  
ARG HD2  H N N 33  
ARG HD3  H N N 34  
ARG HE   H N N 35  
ARG HH11 H N N 36  
ARG HH12 H N N 37  
ARG HH21 H N N 38  
ARG HH22 H N N 39  
ARG HXT  H N N 40  
ASN N    N N N 41  
ASN CA   C N S 42  
ASN C    C N N 43  
ASN O    O N N 44  
ASN CB   C N N 45  
ASN CG   C N N 46  
ASN OD1  O N N 47  
ASN ND2  N N N 48  
ASN OXT  O N N 49  
ASN H    H N N 50  
ASN H2   H N N 51  
ASN HA   H N N 52  
ASN HB2  H N N 53  
ASN HB3  H N N 54  
ASN HD21 H N N 55  
ASN HD22 H N N 56  
ASN HXT  H N N 57  
ASP N    N N N 58  
ASP CA   C N S 59  
ASP C    C N N 60  
ASP O    O N N 61  
ASP CB   C N N 62  
ASP CG   C N N 63  
ASP OD1  O N N 64  
ASP OD2  O N N 65  
ASP OXT  O N N 66  
ASP H    H N N 67  
ASP H2   H N N 68  
ASP HA   H N N 69  
ASP HB2  H N N 70  
ASP HB3  H N N 71  
ASP HD2  H N N 72  
ASP HXT  H N N 73  
CYS N    N N N 74  
CYS CA   C N R 75  
CYS C    C N N 76  
CYS O    O N N 77  
CYS CB   C N N 78  
CYS SG   S N N 79  
CYS OXT  O N N 80  
CYS H    H N N 81  
CYS H2   H N N 82  
CYS HA   H N N 83  
CYS HB2  H N N 84  
CYS HB3  H N N 85  
CYS HG   H N N 86  
CYS HXT  H N N 87  
GLN N    N N N 88  
GLN CA   C N S 89  
GLN C    C N N 90  
GLN O    O N N 91  
GLN CB   C N N 92  
GLN CG   C N N 93  
GLN CD   C N N 94  
GLN OE1  O N N 95  
GLN NE2  N N N 96  
GLN OXT  O N N 97  
GLN H    H N N 98  
GLN H2   H N N 99  
GLN HA   H N N 100 
GLN HB2  H N N 101 
GLN HB3  H N N 102 
GLN HG2  H N N 103 
GLN HG3  H N N 104 
GLN HE21 H N N 105 
GLN HE22 H N N 106 
GLN HXT  H N N 107 
GLU N    N N N 108 
GLU CA   C N S 109 
GLU C    C N N 110 
GLU O    O N N 111 
GLU CB   C N N 112 
GLU CG   C N N 113 
GLU CD   C N N 114 
GLU OE1  O N N 115 
GLU OE2  O N N 116 
GLU OXT  O N N 117 
GLU H    H N N 118 
GLU H2   H N N 119 
GLU HA   H N N 120 
GLU HB2  H N N 121 
GLU HB3  H N N 122 
GLU HG2  H N N 123 
GLU HG3  H N N 124 
GLU HE2  H N N 125 
GLU HXT  H N N 126 
GLY N    N N N 127 
GLY CA   C N N 128 
GLY C    C N N 129 
GLY O    O N N 130 
GLY OXT  O N N 131 
GLY H    H N N 132 
GLY H2   H N N 133 
GLY HA2  H N N 134 
GLY HA3  H N N 135 
GLY HXT  H N N 136 
HIS N    N N N 137 
HIS CA   C N S 138 
HIS C    C N N 139 
HIS O    O N N 140 
HIS CB   C N N 141 
HIS CG   C Y N 142 
HIS ND1  N Y N 143 
HIS CD2  C Y N 144 
HIS CE1  C Y N 145 
HIS NE2  N Y N 146 
HIS OXT  O N N 147 
HIS H    H N N 148 
HIS H2   H N N 149 
HIS HA   H N N 150 
HIS HB2  H N N 151 
HIS HB3  H N N 152 
HIS HD1  H N N 153 
HIS HD2  H N N 154 
HIS HE1  H N N 155 
HIS HE2  H N N 156 
HIS HXT  H N N 157 
HOH O    O N N 158 
HOH H1   H N N 159 
HOH H2   H N N 160 
ILE N    N N N 161 
ILE CA   C N S 162 
ILE C    C N N 163 
ILE O    O N N 164 
ILE CB   C N S 165 
ILE CG1  C N N 166 
ILE CG2  C N N 167 
ILE CD1  C N N 168 
ILE OXT  O N N 169 
ILE H    H N N 170 
ILE H2   H N N 171 
ILE HA   H N N 172 
ILE HB   H N N 173 
ILE HG12 H N N 174 
ILE HG13 H N N 175 
ILE HG21 H N N 176 
ILE HG22 H N N 177 
ILE HG23 H N N 178 
ILE HD11 H N N 179 
ILE HD12 H N N 180 
ILE HD13 H N N 181 
ILE HXT  H N N 182 
IMD N1   N Y N 183 
IMD C2   C Y N 184 
IMD N3   N Y N 185 
IMD C4   C Y N 186 
IMD C5   C Y N 187 
IMD HN1  H N N 188 
IMD H2   H N N 189 
IMD HN3  H N N 190 
IMD H4   H N N 191 
IMD H5   H N N 192 
LEU N    N N N 193 
LEU CA   C N S 194 
LEU C    C N N 195 
LEU O    O N N 196 
LEU CB   C N N 197 
LEU CG   C N N 198 
LEU CD1  C N N 199 
LEU CD2  C N N 200 
LEU OXT  O N N 201 
LEU H    H N N 202 
LEU H2   H N N 203 
LEU HA   H N N 204 
LEU HB2  H N N 205 
LEU HB3  H N N 206 
LEU HG   H N N 207 
LEU HD11 H N N 208 
LEU HD12 H N N 209 
LEU HD13 H N N 210 
LEU HD21 H N N 211 
LEU HD22 H N N 212 
LEU HD23 H N N 213 
LEU HXT  H N N 214 
LYS N    N N N 215 
LYS CA   C N S 216 
LYS C    C N N 217 
LYS O    O N N 218 
LYS CB   C N N 219 
LYS CG   C N N 220 
LYS CD   C N N 221 
LYS CE   C N N 222 
LYS NZ   N N N 223 
LYS OXT  O N N 224 
LYS H    H N N 225 
LYS H2   H N N 226 
LYS HA   H N N 227 
LYS HB2  H N N 228 
LYS HB3  H N N 229 
LYS HG2  H N N 230 
LYS HG3  H N N 231 
LYS HD2  H N N 232 
LYS HD3  H N N 233 
LYS HE2  H N N 234 
LYS HE3  H N N 235 
LYS HZ1  H N N 236 
LYS HZ2  H N N 237 
LYS HZ3  H N N 238 
LYS HXT  H N N 239 
MET N    N N N 240 
MET CA   C N S 241 
MET C    C N N 242 
MET O    O N N 243 
MET CB   C N N 244 
MET CG   C N N 245 
MET SD   S N N 246 
MET CE   C N N 247 
MET OXT  O N N 248 
MET H    H N N 249 
MET H2   H N N 250 
MET HA   H N N 251 
MET HB2  H N N 252 
MET HB3  H N N 253 
MET HG2  H N N 254 
MET HG3  H N N 255 
MET HE1  H N N 256 
MET HE2  H N N 257 
MET HE3  H N N 258 
MET HXT  H N N 259 
PHE N    N N N 260 
PHE CA   C N S 261 
PHE C    C N N 262 
PHE O    O N N 263 
PHE CB   C N N 264 
PHE CG   C Y N 265 
PHE CD1  C Y N 266 
PHE CD2  C Y N 267 
PHE CE1  C Y N 268 
PHE CE2  C Y N 269 
PHE CZ   C Y N 270 
PHE OXT  O N N 271 
PHE H    H N N 272 
PHE H2   H N N 273 
PHE HA   H N N 274 
PHE HB2  H N N 275 
PHE HB3  H N N 276 
PHE HD1  H N N 277 
PHE HD2  H N N 278 
PHE HE1  H N N 279 
PHE HE2  H N N 280 
PHE HZ   H N N 281 
PHE HXT  H N N 282 
PRO N    N N N 283 
PRO CA   C N S 284 
PRO C    C N N 285 
PRO O    O N N 286 
PRO CB   C N N 287 
PRO CG   C N N 288 
PRO CD   C N N 289 
PRO OXT  O N N 290 
PRO H    H N N 291 
PRO HA   H N N 292 
PRO HB2  H N N 293 
PRO HB3  H N N 294 
PRO HG2  H N N 295 
PRO HG3  H N N 296 
PRO HD2  H N N 297 
PRO HD3  H N N 298 
PRO HXT  H N N 299 
SER N    N N N 300 
SER CA   C N S 301 
SER C    C N N 302 
SER O    O N N 303 
SER CB   C N N 304 
SER OG   O N N 305 
SER OXT  O N N 306 
SER H    H N N 307 
SER H2   H N N 308 
SER HA   H N N 309 
SER HB2  H N N 310 
SER HB3  H N N 311 
SER HG   H N N 312 
SER HXT  H N N 313 
THR N    N N N 314 
THR CA   C N S 315 
THR C    C N N 316 
THR O    O N N 317 
THR CB   C N R 318 
THR OG1  O N N 319 
THR CG2  C N N 320 
THR OXT  O N N 321 
THR H    H N N 322 
THR H2   H N N 323 
THR HA   H N N 324 
THR HB   H N N 325 
THR HG1  H N N 326 
THR HG21 H N N 327 
THR HG22 H N N 328 
THR HG23 H N N 329 
THR HXT  H N N 330 
TRP N    N N N 331 
TRP CA   C N S 332 
TRP C    C N N 333 
TRP O    O N N 334 
TRP CB   C N N 335 
TRP CG   C Y N 336 
TRP CD1  C Y N 337 
TRP CD2  C Y N 338 
TRP NE1  N Y N 339 
TRP CE2  C Y N 340 
TRP CE3  C Y N 341 
TRP CZ2  C Y N 342 
TRP CZ3  C Y N 343 
TRP CH2  C Y N 344 
TRP OXT  O N N 345 
TRP H    H N N 346 
TRP H2   H N N 347 
TRP HA   H N N 348 
TRP HB2  H N N 349 
TRP HB3  H N N 350 
TRP HD1  H N N 351 
TRP HE1  H N N 352 
TRP HE3  H N N 353 
TRP HZ2  H N N 354 
TRP HZ3  H N N 355 
TRP HH2  H N N 356 
TRP HXT  H N N 357 
TYR N    N N N 358 
TYR CA   C N S 359 
TYR C    C N N 360 
TYR O    O N N 361 
TYR CB   C N N 362 
TYR CG   C Y N 363 
TYR CD1  C Y N 364 
TYR CD2  C Y N 365 
TYR CE1  C Y N 366 
TYR CE2  C Y N 367 
TYR CZ   C Y N 368 
TYR OH   O N N 369 
TYR OXT  O N N 370 
TYR H    H N N 371 
TYR H2   H N N 372 
TYR HA   H N N 373 
TYR HB2  H N N 374 
TYR HB3  H N N 375 
TYR HD1  H N N 376 
TYR HD2  H N N 377 
TYR HE1  H N N 378 
TYR HE2  H N N 379 
TYR HH   H N N 380 
TYR HXT  H N N 381 
VAL N    N N N 382 
VAL CA   C N S 383 
VAL C    C N N 384 
VAL O    O N N 385 
VAL CB   C N N 386 
VAL CG1  C N N 387 
VAL CG2  C N N 388 
VAL OXT  O N N 389 
VAL H    H N N 390 
VAL H2   H N N 391 
VAL HA   H N N 392 
VAL HB   H N N 393 
VAL HG11 H N N 394 
VAL HG12 H N N 395 
VAL HG13 H N N 396 
VAL HG21 H N N 397 
VAL HG22 H N N 398 
VAL HG23 H N N 399 
VAL HXT  H N N 400 
# 
loop_
_chem_comp_bond.comp_id 
_chem_comp_bond.atom_id_1 
_chem_comp_bond.atom_id_2 
_chem_comp_bond.value_order 
_chem_comp_bond.pdbx_aromatic_flag 
_chem_comp_bond.pdbx_stereo_config 
_chem_comp_bond.pdbx_ordinal 
ALA N   CA   sing N N 1   
ALA N   H    sing N N 2   
ALA N   H2   sing N N 3   
ALA CA  C    sing N N 4   
ALA CA  CB   sing N N 5   
ALA CA  HA   sing N N 6   
ALA C   O    doub N N 7   
ALA C   OXT  sing N N 8   
ALA CB  HB1  sing N N 9   
ALA CB  HB2  sing N N 10  
ALA CB  HB3  sing N N 11  
ALA OXT HXT  sing N N 12  
ARG N   CA   sing N N 13  
ARG N   H    sing N N 14  
ARG N   H2   sing N N 15  
ARG CA  C    sing N N 16  
ARG CA  CB   sing N N 17  
ARG CA  HA   sing N N 18  
ARG C   O    doub N N 19  
ARG C   OXT  sing N N 20  
ARG CB  CG   sing N N 21  
ARG CB  HB2  sing N N 22  
ARG CB  HB3  sing N N 23  
ARG CG  CD   sing N N 24  
ARG CG  HG2  sing N N 25  
ARG CG  HG3  sing N N 26  
ARG CD  NE   sing N N 27  
ARG CD  HD2  sing N N 28  
ARG CD  HD3  sing N N 29  
ARG NE  CZ   sing N N 30  
ARG NE  HE   sing N N 31  
ARG CZ  NH1  sing N N 32  
ARG CZ  NH2  doub N N 33  
ARG NH1 HH11 sing N N 34  
ARG NH1 HH12 sing N N 35  
ARG NH2 HH21 sing N N 36  
ARG NH2 HH22 sing N N 37  
ARG OXT HXT  sing N N 38  
ASN N   CA   sing N N 39  
ASN N   H    sing N N 40  
ASN N   H2   sing N N 41  
ASN CA  C    sing N N 42  
ASN CA  CB   sing N N 43  
ASN CA  HA   sing N N 44  
ASN C   O    doub N N 45  
ASN C   OXT  sing N N 46  
ASN CB  CG   sing N N 47  
ASN CB  HB2  sing N N 48  
ASN CB  HB3  sing N N 49  
ASN CG  OD1  doub N N 50  
ASN CG  ND2  sing N N 51  
ASN ND2 HD21 sing N N 52  
ASN ND2 HD22 sing N N 53  
ASN OXT HXT  sing N N 54  
ASP N   CA   sing N N 55  
ASP N   H    sing N N 56  
ASP N   H2   sing N N 57  
ASP CA  C    sing N N 58  
ASP CA  CB   sing N N 59  
ASP CA  HA   sing N N 60  
ASP C   O    doub N N 61  
ASP C   OXT  sing N N 62  
ASP CB  CG   sing N N 63  
ASP CB  HB2  sing N N 64  
ASP CB  HB3  sing N N 65  
ASP CG  OD1  doub N N 66  
ASP CG  OD2  sing N N 67  
ASP OD2 HD2  sing N N 68  
ASP OXT HXT  sing N N 69  
CYS N   CA   sing N N 70  
CYS N   H    sing N N 71  
CYS N   H2   sing N N 72  
CYS CA  C    sing N N 73  
CYS CA  CB   sing N N 74  
CYS CA  HA   sing N N 75  
CYS C   O    doub N N 76  
CYS C   OXT  sing N N 77  
CYS CB  SG   sing N N 78  
CYS CB  HB2  sing N N 79  
CYS CB  HB3  sing N N 80  
CYS SG  HG   sing N N 81  
CYS OXT HXT  sing N N 82  
GLN N   CA   sing N N 83  
GLN N   H    sing N N 84  
GLN N   H2   sing N N 85  
GLN CA  C    sing N N 86  
GLN CA  CB   sing N N 87  
GLN CA  HA   sing N N 88  
GLN C   O    doub N N 89  
GLN C   OXT  sing N N 90  
GLN CB  CG   sing N N 91  
GLN CB  HB2  sing N N 92  
GLN CB  HB3  sing N N 93  
GLN CG  CD   sing N N 94  
GLN CG  HG2  sing N N 95  
GLN CG  HG3  sing N N 96  
GLN CD  OE1  doub N N 97  
GLN CD  NE2  sing N N 98  
GLN NE2 HE21 sing N N 99  
GLN NE2 HE22 sing N N 100 
GLN OXT HXT  sing N N 101 
GLU N   CA   sing N N 102 
GLU N   H    sing N N 103 
GLU N   H2   sing N N 104 
GLU CA  C    sing N N 105 
GLU CA  CB   sing N N 106 
GLU CA  HA   sing N N 107 
GLU C   O    doub N N 108 
GLU C   OXT  sing N N 109 
GLU CB  CG   sing N N 110 
GLU CB  HB2  sing N N 111 
GLU CB  HB3  sing N N 112 
GLU CG  CD   sing N N 113 
GLU CG  HG2  sing N N 114 
GLU CG  HG3  sing N N 115 
GLU CD  OE1  doub N N 116 
GLU CD  OE2  sing N N 117 
GLU OE2 HE2  sing N N 118 
GLU OXT HXT  sing N N 119 
GLY N   CA   sing N N 120 
GLY N   H    sing N N 121 
GLY N   H2   sing N N 122 
GLY CA  C    sing N N 123 
GLY CA  HA2  sing N N 124 
GLY CA  HA3  sing N N 125 
GLY C   O    doub N N 126 
GLY C   OXT  sing N N 127 
GLY OXT HXT  sing N N 128 
HIS N   CA   sing N N 129 
HIS N   H    sing N N 130 
HIS N   H2   sing N N 131 
HIS CA  C    sing N N 132 
HIS CA  CB   sing N N 133 
HIS CA  HA   sing N N 134 
HIS C   O    doub N N 135 
HIS C   OXT  sing N N 136 
HIS CB  CG   sing N N 137 
HIS CB  HB2  sing N N 138 
HIS CB  HB3  sing N N 139 
HIS CG  ND1  sing Y N 140 
HIS CG  CD2  doub Y N 141 
HIS ND1 CE1  doub Y N 142 
HIS ND1 HD1  sing N N 143 
HIS CD2 NE2  sing Y N 144 
HIS CD2 HD2  sing N N 145 
HIS CE1 NE2  sing Y N 146 
HIS CE1 HE1  sing N N 147 
HIS NE2 HE2  sing N N 148 
HIS OXT HXT  sing N N 149 
HOH O   H1   sing N N 150 
HOH O   H2   sing N N 151 
ILE N   CA   sing N N 152 
ILE N   H    sing N N 153 
ILE N   H2   sing N N 154 
ILE CA  C    sing N N 155 
ILE CA  CB   sing N N 156 
ILE CA  HA   sing N N 157 
ILE C   O    doub N N 158 
ILE C   OXT  sing N N 159 
ILE CB  CG1  sing N N 160 
ILE CB  CG2  sing N N 161 
ILE CB  HB   sing N N 162 
ILE CG1 CD1  sing N N 163 
ILE CG1 HG12 sing N N 164 
ILE CG1 HG13 sing N N 165 
ILE CG2 HG21 sing N N 166 
ILE CG2 HG22 sing N N 167 
ILE CG2 HG23 sing N N 168 
ILE CD1 HD11 sing N N 169 
ILE CD1 HD12 sing N N 170 
ILE CD1 HD13 sing N N 171 
ILE OXT HXT  sing N N 172 
IMD N1  C2   sing Y N 173 
IMD N1  C5   sing Y N 174 
IMD N1  HN1  sing N N 175 
IMD C2  N3   doub Y N 176 
IMD C2  H2   sing N N 177 
IMD N3  C4   sing Y N 178 
IMD N3  HN3  sing N N 179 
IMD C4  C5   doub Y N 180 
IMD C4  H4   sing N N 181 
IMD C5  H5   sing N N 182 
LEU N   CA   sing N N 183 
LEU N   H    sing N N 184 
LEU N   H2   sing N N 185 
LEU CA  C    sing N N 186 
LEU CA  CB   sing N N 187 
LEU CA  HA   sing N N 188 
LEU C   O    doub N N 189 
LEU C   OXT  sing N N 190 
LEU CB  CG   sing N N 191 
LEU CB  HB2  sing N N 192 
LEU CB  HB3  sing N N 193 
LEU CG  CD1  sing N N 194 
LEU CG  CD2  sing N N 195 
LEU CG  HG   sing N N 196 
LEU CD1 HD11 sing N N 197 
LEU CD1 HD12 sing N N 198 
LEU CD1 HD13 sing N N 199 
LEU CD2 HD21 sing N N 200 
LEU CD2 HD22 sing N N 201 
LEU CD2 HD23 sing N N 202 
LEU OXT HXT  sing N N 203 
LYS N   CA   sing N N 204 
LYS N   H    sing N N 205 
LYS N   H2   sing N N 206 
LYS CA  C    sing N N 207 
LYS CA  CB   sing N N 208 
LYS CA  HA   sing N N 209 
LYS C   O    doub N N 210 
LYS C   OXT  sing N N 211 
LYS CB  CG   sing N N 212 
LYS CB  HB2  sing N N 213 
LYS CB  HB3  sing N N 214 
LYS CG  CD   sing N N 215 
LYS CG  HG2  sing N N 216 
LYS CG  HG3  sing N N 217 
LYS CD  CE   sing N N 218 
LYS CD  HD2  sing N N 219 
LYS CD  HD3  sing N N 220 
LYS CE  NZ   sing N N 221 
LYS CE  HE2  sing N N 222 
LYS CE  HE3  sing N N 223 
LYS NZ  HZ1  sing N N 224 
LYS NZ  HZ2  sing N N 225 
LYS NZ  HZ3  sing N N 226 
LYS OXT HXT  sing N N 227 
MET N   CA   sing N N 228 
MET N   H    sing N N 229 
MET N   H2   sing N N 230 
MET CA  C    sing N N 231 
MET CA  CB   sing N N 232 
MET CA  HA   sing N N 233 
MET C   O    doub N N 234 
MET C   OXT  sing N N 235 
MET CB  CG   sing N N 236 
MET CB  HB2  sing N N 237 
MET CB  HB3  sing N N 238 
MET CG  SD   sing N N 239 
MET CG  HG2  sing N N 240 
MET CG  HG3  sing N N 241 
MET SD  CE   sing N N 242 
MET CE  HE1  sing N N 243 
MET CE  HE2  sing N N 244 
MET CE  HE3  sing N N 245 
MET OXT HXT  sing N N 246 
PHE N   CA   sing N N 247 
PHE N   H    sing N N 248 
PHE N   H2   sing N N 249 
PHE CA  C    sing N N 250 
PHE CA  CB   sing N N 251 
PHE CA  HA   sing N N 252 
PHE C   O    doub N N 253 
PHE C   OXT  sing N N 254 
PHE CB  CG   sing N N 255 
PHE CB  HB2  sing N N 256 
PHE CB  HB3  sing N N 257 
PHE CG  CD1  doub Y N 258 
PHE CG  CD2  sing Y N 259 
PHE CD1 CE1  sing Y N 260 
PHE CD1 HD1  sing N N 261 
PHE CD2 CE2  doub Y N 262 
PHE CD2 HD2  sing N N 263 
PHE CE1 CZ   doub Y N 264 
PHE CE1 HE1  sing N N 265 
PHE CE2 CZ   sing Y N 266 
PHE CE2 HE2  sing N N 267 
PHE CZ  HZ   sing N N 268 
PHE OXT HXT  sing N N 269 
PRO N   CA   sing N N 270 
PRO N   CD   sing N N 271 
PRO N   H    sing N N 272 
PRO CA  C    sing N N 273 
PRO CA  CB   sing N N 274 
PRO CA  HA   sing N N 275 
PRO C   O    doub N N 276 
PRO C   OXT  sing N N 277 
PRO CB  CG   sing N N 278 
PRO CB  HB2  sing N N 279 
PRO CB  HB3  sing N N 280 
PRO CG  CD   sing N N 281 
PRO CG  HG2  sing N N 282 
PRO CG  HG3  sing N N 283 
PRO CD  HD2  sing N N 284 
PRO CD  HD3  sing N N 285 
PRO OXT HXT  sing N N 286 
SER N   CA   sing N N 287 
SER N   H    sing N N 288 
SER N   H2   sing N N 289 
SER CA  C    sing N N 290 
SER CA  CB   sing N N 291 
SER CA  HA   sing N N 292 
SER C   O    doub N N 293 
SER C   OXT  sing N N 294 
SER CB  OG   sing N N 295 
SER CB  HB2  sing N N 296 
SER CB  HB3  sing N N 297 
SER OG  HG   sing N N 298 
SER OXT HXT  sing N N 299 
THR N   CA   sing N N 300 
THR N   H    sing N N 301 
THR N   H2   sing N N 302 
THR CA  C    sing N N 303 
THR CA  CB   sing N N 304 
THR CA  HA   sing N N 305 
THR C   O    doub N N 306 
THR C   OXT  sing N N 307 
THR CB  OG1  sing N N 308 
THR CB  CG2  sing N N 309 
THR CB  HB   sing N N 310 
THR OG1 HG1  sing N N 311 
THR CG2 HG21 sing N N 312 
THR CG2 HG22 sing N N 313 
THR CG2 HG23 sing N N 314 
THR OXT HXT  sing N N 315 
TRP N   CA   sing N N 316 
TRP N   H    sing N N 317 
TRP N   H2   sing N N 318 
TRP CA  C    sing N N 319 
TRP CA  CB   sing N N 320 
TRP CA  HA   sing N N 321 
TRP C   O    doub N N 322 
TRP C   OXT  sing N N 323 
TRP CB  CG   sing N N 324 
TRP CB  HB2  sing N N 325 
TRP CB  HB3  sing N N 326 
TRP CG  CD1  doub Y N 327 
TRP CG  CD2  sing Y N 328 
TRP CD1 NE1  sing Y N 329 
TRP CD1 HD1  sing N N 330 
TRP CD2 CE2  doub Y N 331 
TRP CD2 CE3  sing Y N 332 
TRP NE1 CE2  sing Y N 333 
TRP NE1 HE1  sing N N 334 
TRP CE2 CZ2  sing Y N 335 
TRP CE3 CZ3  doub Y N 336 
TRP CE3 HE3  sing N N 337 
TRP CZ2 CH2  doub Y N 338 
TRP CZ2 HZ2  sing N N 339 
TRP CZ3 CH2  sing Y N 340 
TRP CZ3 HZ3  sing N N 341 
TRP CH2 HH2  sing N N 342 
TRP OXT HXT  sing N N 343 
TYR N   CA   sing N N 344 
TYR N   H    sing N N 345 
TYR N   H2   sing N N 346 
TYR CA  C    sing N N 347 
TYR CA  CB   sing N N 348 
TYR CA  HA   sing N N 349 
TYR C   O    doub N N 350 
TYR C   OXT  sing N N 351 
TYR CB  CG   sing N N 352 
TYR CB  HB2  sing N N 353 
TYR CB  HB3  sing N N 354 
TYR CG  CD1  doub Y N 355 
TYR CG  CD2  sing Y N 356 
TYR CD1 CE1  sing Y N 357 
TYR CD1 HD1  sing N N 358 
TYR CD2 CE2  doub Y N 359 
TYR CD2 HD2  sing N N 360 
TYR CE1 CZ   doub Y N 361 
TYR CE1 HE1  sing N N 362 
TYR CE2 CZ   sing Y N 363 
TYR CE2 HE2  sing N N 364 
TYR CZ  OH   sing N N 365 
TYR OH  HH   sing N N 366 
TYR OXT HXT  sing N N 367 
VAL N   CA   sing N N 368 
VAL N   H    sing N N 369 
VAL N   H2   sing N N 370 
VAL CA  C    sing N N 371 
VAL CA  CB   sing N N 372 
VAL CA  HA   sing N N 373 
VAL C   O    doub N N 374 
VAL C   OXT  sing N N 375 
VAL CB  CG1  sing N N 376 
VAL CB  CG2  sing N N 377 
VAL CB  HB   sing N N 378 
VAL CG1 HG11 sing N N 379 
VAL CG1 HG12 sing N N 380 
VAL CG1 HG13 sing N N 381 
VAL CG2 HG21 sing N N 382 
VAL CG2 HG22 sing N N 383 
VAL CG2 HG23 sing N N 384 
VAL OXT HXT  sing N N 385 
# 
loop_
_pdbx_entity_nonpoly.entity_id 
_pdbx_entity_nonpoly.name 
_pdbx_entity_nonpoly.comp_id 
2 IMIDAZOLE IMD 
3 water     HOH 
# 
_pdbx_initial_refinement_model.id               1 
_pdbx_initial_refinement_model.entity_id_list   ? 
_pdbx_initial_refinement_model.type             'experimental model' 
_pdbx_initial_refinement_model.source_name      PDB 
_pdbx_initial_refinement_model.accession_code   1VHF 
_pdbx_initial_refinement_model.details          ? 
# 
